data_1Q0A
# 
_entry.id   1Q0A 
# 
_audit_conform.dict_name       mmcif_pdbx.dic 
_audit_conform.dict_version    5.389 
_audit_conform.dict_location   http://mmcif.pdb.org/dictionaries/ascii/mmcif_pdbx.dic 
# 
loop_
_database_2.database_id 
_database_2.database_code 
_database_2.pdbx_database_accession 
_database_2.pdbx_DOI 
PDB   1Q0A         pdb_00001q0a 10.2210/pdb1q0a/pdb 
RCSB  RCSB019754   ?            ?                   
WWPDB D_1000019754 ?            ?                   
# 
loop_
_pdbx_audit_revision_history.ordinal 
_pdbx_audit_revision_history.data_content_type 
_pdbx_audit_revision_history.major_revision 
_pdbx_audit_revision_history.minor_revision 
_pdbx_audit_revision_history.revision_date 
1 'Structure model' 1 0 2003-09-16 
2 'Structure model' 1 1 2008-04-29 
3 'Structure model' 1 2 2011-07-13 
4 'Structure model' 1 3 2024-02-14 
5 'Structure model' 1 4 2024-04-03 
# 
_pdbx_audit_revision_details.ordinal             1 
_pdbx_audit_revision_details.revision_ordinal    1 
_pdbx_audit_revision_details.data_content_type   'Structure model' 
_pdbx_audit_revision_details.provider            repository 
_pdbx_audit_revision_details.type                'Initial release' 
_pdbx_audit_revision_details.description         ? 
_pdbx_audit_revision_details.details             ? 
# 
loop_
_pdbx_audit_revision_group.ordinal 
_pdbx_audit_revision_group.revision_ordinal 
_pdbx_audit_revision_group.data_content_type 
_pdbx_audit_revision_group.group 
1 2 'Structure model' 'Version format compliance' 
2 3 'Structure model' 'Derived calculations'      
3 3 'Structure model' 'Version format compliance' 
4 4 'Structure model' 'Data collection'           
5 4 'Structure model' 'Database references'       
6 4 'Structure model' 'Derived calculations'      
7 5 'Structure model' 'Refinement description'    
# 
loop_
_pdbx_audit_revision_category.ordinal 
_pdbx_audit_revision_category.revision_ordinal 
_pdbx_audit_revision_category.data_content_type 
_pdbx_audit_revision_category.category 
1 4 'Structure model' chem_comp_atom                
2 4 'Structure model' chem_comp_bond                
3 4 'Structure model' database_2                    
4 4 'Structure model' pdbx_struct_conn_angle        
5 4 'Structure model' struct_conn                   
6 4 'Structure model' struct_site                   
7 5 'Structure model' pdbx_initial_refinement_model 
# 
loop_
_pdbx_audit_revision_item.ordinal 
_pdbx_audit_revision_item.revision_ordinal 
_pdbx_audit_revision_item.data_content_type 
_pdbx_audit_revision_item.item 
1  4 'Structure model' '_database_2.pdbx_DOI'                        
2  4 'Structure model' '_database_2.pdbx_database_accession'         
3  4 'Structure model' '_pdbx_struct_conn_angle.ptnr1_auth_comp_id'  
4  4 'Structure model' '_pdbx_struct_conn_angle.ptnr1_auth_seq_id'   
5  4 'Structure model' '_pdbx_struct_conn_angle.ptnr1_label_asym_id' 
6  4 'Structure model' '_pdbx_struct_conn_angle.ptnr1_label_atom_id' 
7  4 'Structure model' '_pdbx_struct_conn_angle.ptnr1_label_comp_id' 
8  4 'Structure model' '_pdbx_struct_conn_angle.ptnr1_label_seq_id'  
9  4 'Structure model' '_pdbx_struct_conn_angle.ptnr1_symmetry'      
10 4 'Structure model' '_pdbx_struct_conn_angle.ptnr3_auth_comp_id'  
11 4 'Structure model' '_pdbx_struct_conn_angle.ptnr3_auth_seq_id'   
12 4 'Structure model' '_pdbx_struct_conn_angle.ptnr3_label_asym_id' 
13 4 'Structure model' '_pdbx_struct_conn_angle.ptnr3_label_atom_id' 
14 4 'Structure model' '_pdbx_struct_conn_angle.ptnr3_label_comp_id' 
15 4 'Structure model' '_pdbx_struct_conn_angle.ptnr3_label_seq_id'  
16 4 'Structure model' '_pdbx_struct_conn_angle.ptnr3_symmetry'      
17 4 'Structure model' '_pdbx_struct_conn_angle.value'               
18 4 'Structure model' '_struct_conn.pdbx_dist_value'                
19 4 'Structure model' '_struct_conn.ptnr1_auth_asym_id'             
20 4 'Structure model' '_struct_conn.ptnr1_auth_comp_id'             
21 4 'Structure model' '_struct_conn.ptnr1_auth_seq_id'              
22 4 'Structure model' '_struct_conn.ptnr1_label_asym_id'            
23 4 'Structure model' '_struct_conn.ptnr1_label_atom_id'            
24 4 'Structure model' '_struct_conn.ptnr1_label_comp_id'            
25 4 'Structure model' '_struct_conn.ptnr1_label_seq_id'             
26 4 'Structure model' '_struct_conn.ptnr1_symmetry'                 
27 4 'Structure model' '_struct_conn.ptnr2_auth_asym_id'             
28 4 'Structure model' '_struct_conn.ptnr2_auth_comp_id'             
29 4 'Structure model' '_struct_conn.ptnr2_auth_seq_id'              
30 4 'Structure model' '_struct_conn.ptnr2_label_asym_id'            
31 4 'Structure model' '_struct_conn.ptnr2_label_atom_id'            
32 4 'Structure model' '_struct_conn.ptnr2_label_comp_id'            
33 4 'Structure model' '_struct_conn.ptnr2_label_seq_id'             
34 4 'Structure model' '_struct_conn.ptnr2_symmetry'                 
35 4 'Structure model' '_struct_site.pdbx_auth_asym_id'              
36 4 'Structure model' '_struct_site.pdbx_auth_comp_id'              
37 4 'Structure model' '_struct_site.pdbx_auth_seq_id'               
# 
_pdbx_database_status.status_code                     REL 
_pdbx_database_status.entry_id                        1Q0A 
_pdbx_database_status.recvd_initial_deposition_date   2003-07-15 
_pdbx_database_status.deposit_site                    RCSB 
_pdbx_database_status.process_site                    RCSB 
_pdbx_database_status.status_code_sf                  REL 
_pdbx_database_status.SG_entry                        . 
_pdbx_database_status.pdb_format_compatible           Y 
_pdbx_database_status.status_code_mr                  ? 
_pdbx_database_status.status_code_cs                  ? 
_pdbx_database_status.status_code_nmr_data            ? 
_pdbx_database_status.methods_development_category    ? 
# 
loop_
_pdbx_database_related.db_name 
_pdbx_database_related.db_id 
_pdbx_database_related.details 
_pdbx_database_related.content_type 
PDB 1Q08 'the Zn(II) form of E. coli ZntR (space group P212121)' unspecified 
PDB 1Q09 'the Zn(II) form of E. coli ZntR (space group I4122)'   unspecified 
# 
loop_
_audit_author.name 
_audit_author.pdbx_ordinal 
'Changela, A.'     1 
'Chen, K.'         2 
'Xue, Y.'          3 
'Holschen, J.'     4 
'Outten, C.E.'     5 
;O'Halloran, T.V.
;
6 
'Mondragon, A.'    7 
# 
_citation.id                        primary 
_citation.title                     'Molecular basis of metal-ion selectivity and zeptomolar sensitivity by CueR' 
_citation.journal_abbrev            Science 
_citation.journal_volume            301 
_citation.page_first                1383 
_citation.page_last                 1387 
_citation.year                      2003 
_citation.journal_id_ASTM           SCIEAS 
_citation.country                   US 
_citation.journal_id_ISSN           0036-8075 
_citation.journal_id_CSD            0038 
_citation.book_publisher            ? 
_citation.pdbx_database_id_PubMed   12958362 
_citation.pdbx_database_id_DOI      10.1126/science.1085950 
# 
loop_
_citation_author.citation_id 
_citation_author.name 
_citation_author.ordinal 
_citation_author.identifier_ORCID 
primary 'Changela, A.'     1 ? 
primary 'Chen, K.'         2 ? 
primary 'Xue, Y.'          3 ? 
primary 'Holschen, J.'     4 ? 
primary 'Outten, C.E.'     5 ? 
primary 
;O'Halloran, T.V.
;
6 ? 
primary 'Mondragon, A.'    7 ? 
# 
loop_
_entity.id 
_entity.type 
_entity.src_method 
_entity.pdbx_description 
_entity.formula_weight 
_entity.pdbx_number_of_molecules 
_entity.pdbx_ec 
_entity.pdbx_mutation 
_entity.pdbx_fragment 
_entity.details 
1 polymer     man 'Zn(II)-responsive regulator of zntA' 11111.611 2   ? ? 'Dimerization and metal-binding domains' ? 
2 non-polymer syn 'SULFATE ION'                         96.063    2   ? ? ?                                        ? 
3 non-polymer syn 'ZINC ION'                            65.409    5   ? ? ?                                        ? 
4 water       nat water                                 18.015    130 ? ? ?                                        ? 
# 
_entity_poly.entity_id                      1 
_entity_poly.type                           'polypeptide(L)' 
_entity_poly.nstd_linkage                   no 
_entity_poly.nstd_monomer                   no 
_entity_poly.pdbx_seq_one_letter_code       
;SDLQRLKFIRHARQLGFSLESIRELLSIRIDPEHHTCQESKGIVQERLQEVEARIAELQSMQRSLQRLNDACCGTAHSSV
YCSILEALEQGASGVKSGC
;
_entity_poly.pdbx_seq_one_letter_code_can   
;SDLQRLKFIRHARQLGFSLESIRELLSIRIDPEHHTCQESKGIVQERLQEVEARIAELQSMQRSLQRLNDACCGTAHSSV
YCSILEALEQGASGVKSGC
;
_entity_poly.pdbx_strand_id                 A,B 
_entity_poly.pdbx_target_identifier         ? 
# 
loop_
_pdbx_entity_nonpoly.entity_id 
_pdbx_entity_nonpoly.name 
_pdbx_entity_nonpoly.comp_id 
2 'SULFATE ION' SO4 
3 'ZINC ION'    ZN  
4 water         HOH 
# 
loop_
_entity_poly_seq.entity_id 
_entity_poly_seq.num 
_entity_poly_seq.mon_id 
_entity_poly_seq.hetero 
1 1  SER n 
1 2  ASP n 
1 3  LEU n 
1 4  GLN n 
1 5  ARG n 
1 6  LEU n 
1 7  LYS n 
1 8  PHE n 
1 9  ILE n 
1 10 ARG n 
1 11 HIS n 
1 12 ALA n 
1 13 ARG n 
1 14 GLN n 
1 15 LEU n 
1 16 GLY n 
1 17 PHE n 
1 18 SER n 
1 19 LEU n 
1 20 GLU n 
1 21 SER n 
1 22 ILE n 
1 23 ARG n 
1 24 GLU n 
1 25 LEU n 
1 26 LEU n 
1 27 SER n 
1 28 ILE n 
1 29 ARG n 
1 30 ILE n 
1 31 ASP n 
1 32 PRO n 
1 33 GLU n 
1 34 HIS n 
1 35 HIS n 
1 36 THR n 
1 37 CYS n 
1 38 GLN n 
1 39 GLU n 
1 40 SER n 
1 41 LYS n 
1 42 GLY n 
1 43 ILE n 
1 44 VAL n 
1 45 GLN n 
1 46 GLU n 
1 47 ARG n 
1 48 LEU n 
1 49 GLN n 
1 50 GLU n 
1 51 VAL n 
1 52 GLU n 
1 53 ALA n 
1 54 ARG n 
1 55 ILE n 
1 56 ALA n 
1 57 GLU n 
1 58 LEU n 
1 59 GLN n 
1 60 SER n 
1 61 MET n 
1 62 GLN n 
1 63 ARG n 
1 64 SER n 
1 65 LEU n 
1 66 GLN n 
1 67 ARG n 
1 68 LEU n 
1 69 ASN n 
1 70 ASP n 
1 71 ALA n 
1 72 CYS n 
1 73 CYS n 
1 74 GLY n 
1 75 THR n 
1 76 ALA n 
1 77 HIS n 
1 78 SER n 
1 79 SER n 
1 80 VAL n 
1 81 TYR n 
1 82 CYS n 
1 83 SER n 
1 84 ILE n 
1 85 LEU n 
1 86 GLU n 
1 87 ALA n 
1 88 LEU n 
1 89 GLU n 
1 90 GLN n 
1 91 GLY n 
1 92 ALA n 
1 93 SER n 
1 94 GLY n 
1 95 VAL n 
1 96 LYS n 
1 97 SER n 
1 98 GLY n 
1 99 CYS n 
# 
_entity_src_gen.entity_id                          1 
_entity_src_gen.pdbx_src_id                        1 
_entity_src_gen.pdbx_alt_source_flag               sample 
_entity_src_gen.pdbx_seq_type                      ? 
_entity_src_gen.pdbx_beg_seq_num                   ? 
_entity_src_gen.pdbx_end_seq_num                   ? 
_entity_src_gen.gene_src_common_name               ? 
_entity_src_gen.gene_src_genus                     Escherichia 
_entity_src_gen.pdbx_gene_src_gene                 ZNTR 
_entity_src_gen.gene_src_species                   ? 
_entity_src_gen.gene_src_strain                    ? 
_entity_src_gen.gene_src_tissue                    ? 
_entity_src_gen.gene_src_tissue_fraction           ? 
_entity_src_gen.gene_src_details                   ? 
_entity_src_gen.pdbx_gene_src_fragment             ? 
_entity_src_gen.pdbx_gene_src_scientific_name      'Escherichia coli' 
_entity_src_gen.pdbx_gene_src_ncbi_taxonomy_id     562 
_entity_src_gen.pdbx_gene_src_variant              ? 
_entity_src_gen.pdbx_gene_src_cell_line            ? 
_entity_src_gen.pdbx_gene_src_atcc                 ? 
_entity_src_gen.pdbx_gene_src_organ                ? 
_entity_src_gen.pdbx_gene_src_organelle            ? 
_entity_src_gen.pdbx_gene_src_cell                 ? 
_entity_src_gen.pdbx_gene_src_cellular_location    ? 
_entity_src_gen.host_org_common_name               ? 
_entity_src_gen.pdbx_host_org_scientific_name      'Escherichia coli BL21(DE3)' 
_entity_src_gen.pdbx_host_org_ncbi_taxonomy_id     469008 
_entity_src_gen.host_org_genus                     Escherichia 
_entity_src_gen.pdbx_host_org_gene                 ? 
_entity_src_gen.pdbx_host_org_organ                ? 
_entity_src_gen.host_org_species                   'Escherichia coli' 
_entity_src_gen.pdbx_host_org_tissue               ? 
_entity_src_gen.pdbx_host_org_tissue_fraction      ? 
_entity_src_gen.pdbx_host_org_strain               'BL21(DE3)' 
_entity_src_gen.pdbx_host_org_variant              ? 
_entity_src_gen.pdbx_host_org_cell_line            ? 
_entity_src_gen.pdbx_host_org_atcc                 ? 
_entity_src_gen.pdbx_host_org_culture_collection   ? 
_entity_src_gen.pdbx_host_org_cell                 ? 
_entity_src_gen.pdbx_host_org_organelle            ? 
_entity_src_gen.pdbx_host_org_cellular_location    ? 
_entity_src_gen.pdbx_host_org_vector_type          plasmid 
_entity_src_gen.pdbx_host_org_vector               ? 
_entity_src_gen.host_org_details                   ? 
_entity_src_gen.expression_system_id               ? 
_entity_src_gen.plasmid_name                       pET11c 
_entity_src_gen.plasmid_details                    ? 
_entity_src_gen.pdbx_description                   ? 
# 
loop_
_chem_comp.id 
_chem_comp.type 
_chem_comp.mon_nstd_flag 
_chem_comp.name 
_chem_comp.pdbx_synonyms 
_chem_comp.formula 
_chem_comp.formula_weight 
ALA 'L-peptide linking' y ALANINE         ? 'C3 H7 N O2'     89.093  
ARG 'L-peptide linking' y ARGININE        ? 'C6 H15 N4 O2 1' 175.209 
ASN 'L-peptide linking' y ASPARAGINE      ? 'C4 H8 N2 O3'    132.118 
ASP 'L-peptide linking' y 'ASPARTIC ACID' ? 'C4 H7 N O4'     133.103 
CYS 'L-peptide linking' y CYSTEINE        ? 'C3 H7 N O2 S'   121.158 
GLN 'L-peptide linking' y GLUTAMINE       ? 'C5 H10 N2 O3'   146.144 
GLU 'L-peptide linking' y 'GLUTAMIC ACID' ? 'C5 H9 N O4'     147.129 
GLY 'peptide linking'   y GLYCINE         ? 'C2 H5 N O2'     75.067  
HIS 'L-peptide linking' y HISTIDINE       ? 'C6 H10 N3 O2 1' 156.162 
HOH non-polymer         . WATER           ? 'H2 O'           18.015  
ILE 'L-peptide linking' y ISOLEUCINE      ? 'C6 H13 N O2'    131.173 
LEU 'L-peptide linking' y LEUCINE         ? 'C6 H13 N O2'    131.173 
LYS 'L-peptide linking' y LYSINE          ? 'C6 H15 N2 O2 1' 147.195 
MET 'L-peptide linking' y METHIONINE      ? 'C5 H11 N O2 S'  149.211 
PHE 'L-peptide linking' y PHENYLALANINE   ? 'C9 H11 N O2'    165.189 
PRO 'L-peptide linking' y PROLINE         ? 'C5 H9 N O2'     115.130 
SER 'L-peptide linking' y SERINE          ? 'C3 H7 N O3'     105.093 
SO4 non-polymer         . 'SULFATE ION'   ? 'O4 S -2'        96.063  
THR 'L-peptide linking' y THREONINE       ? 'C4 H9 N O3'     119.119 
TYR 'L-peptide linking' y TYROSINE        ? 'C9 H11 N O3'    181.189 
VAL 'L-peptide linking' y VALINE          ? 'C5 H11 N O2'    117.146 
ZN  non-polymer         . 'ZINC ION'      ? 'Zn 2'           65.409  
# 
loop_
_pdbx_poly_seq_scheme.asym_id 
_pdbx_poly_seq_scheme.entity_id 
_pdbx_poly_seq_scheme.seq_id 
_pdbx_poly_seq_scheme.mon_id 
_pdbx_poly_seq_scheme.ndb_seq_num 
_pdbx_poly_seq_scheme.pdb_seq_num 
_pdbx_poly_seq_scheme.auth_seq_num 
_pdbx_poly_seq_scheme.pdb_mon_id 
_pdbx_poly_seq_scheme.auth_mon_id 
_pdbx_poly_seq_scheme.pdb_strand_id 
_pdbx_poly_seq_scheme.pdb_ins_code 
_pdbx_poly_seq_scheme.hetero 
A 1 1  SER 1  43  ?   ?   ?   A . n 
A 1 2  ASP 2  44  44  ASP ASP A . n 
A 1 3  LEU 3  45  45  LEU LEU A . n 
A 1 4  GLN 4  46  46  GLN GLN A . n 
A 1 5  ARG 5  47  47  ARG ARG A . n 
A 1 6  LEU 6  48  48  LEU LEU A . n 
A 1 7  LYS 7  49  49  LYS LYS A . n 
A 1 8  PHE 8  50  50  PHE PHE A . n 
A 1 9  ILE 9  51  51  ILE ILE A . n 
A 1 10 ARG 10 52  52  ARG ARG A . n 
A 1 11 HIS 11 53  53  HIS HIS A . n 
A 1 12 ALA 12 54  54  ALA ALA A . n 
A 1 13 ARG 13 55  55  ARG ARG A . n 
A 1 14 GLN 14 56  56  GLN GLN A . n 
A 1 15 LEU 15 57  57  LEU LEU A . n 
A 1 16 GLY 16 58  58  GLY GLY A . n 
A 1 17 PHE 17 59  59  PHE PHE A . n 
A 1 18 SER 18 60  60  SER SER A . n 
A 1 19 LEU 19 61  61  LEU LEU A . n 
A 1 20 GLU 20 62  62  GLU GLU A . n 
A 1 21 SER 21 63  63  SER SER A . n 
A 1 22 ILE 22 64  64  ILE ILE A . n 
A 1 23 ARG 23 65  65  ARG ARG A . n 
A 1 24 GLU 24 66  66  GLU GLU A . n 
A 1 25 LEU 25 67  67  LEU LEU A . n 
A 1 26 LEU 26 68  68  LEU LEU A . n 
A 1 27 SER 27 69  69  SER SER A . n 
A 1 28 ILE 28 70  70  ILE ILE A . n 
A 1 29 ARG 29 71  71  ARG ARG A . n 
A 1 30 ILE 30 72  72  ILE ILE A . n 
A 1 31 ASP 31 73  73  ASP ASP A . n 
A 1 32 PRO 32 74  74  PRO PRO A . n 
A 1 33 GLU 33 75  75  GLU GLU A . n 
A 1 34 HIS 34 76  76  HIS HIS A . n 
A 1 35 HIS 35 77  77  HIS HIS A . n 
A 1 36 THR 36 78  78  THR THR A . n 
A 1 37 CYS 37 79  79  CYS CYS A . n 
A 1 38 GLN 38 80  80  GLN GLN A . n 
A 1 39 GLU 39 81  81  GLU GLU A . n 
A 1 40 SER 40 82  82  SER SER A . n 
A 1 41 LYS 41 83  83  LYS LYS A . n 
A 1 42 GLY 42 84  84  GLY GLY A . n 
A 1 43 ILE 43 85  85  ILE ILE A . n 
A 1 44 VAL 44 86  86  VAL VAL A . n 
A 1 45 GLN 45 87  87  GLN GLN A . n 
A 1 46 GLU 46 88  88  GLU GLU A . n 
A 1 47 ARG 47 89  89  ARG ARG A . n 
A 1 48 LEU 48 90  90  LEU LEU A . n 
A 1 49 GLN 49 91  91  GLN GLN A . n 
A 1 50 GLU 50 92  92  GLU GLU A . n 
A 1 51 VAL 51 93  93  VAL VAL A . n 
A 1 52 GLU 52 94  94  GLU GLU A . n 
A 1 53 ALA 53 95  95  ALA ALA A . n 
A 1 54 ARG 54 96  96  ARG ARG A . n 
A 1 55 ILE 55 97  97  ILE ILE A . n 
A 1 56 ALA 56 98  98  ALA ALA A . n 
A 1 57 GLU 57 99  99  GLU GLU A . n 
A 1 58 LEU 58 100 100 LEU LEU A . n 
A 1 59 GLN 59 101 101 GLN GLN A . n 
A 1 60 SER 60 102 102 SER SER A . n 
A 1 61 MET 61 103 103 MET MET A . n 
A 1 62 GLN 62 104 104 GLN GLN A . n 
A 1 63 ARG 63 105 105 ARG ARG A . n 
A 1 64 SER 64 106 106 SER SER A . n 
A 1 65 LEU 65 107 107 LEU LEU A . n 
A 1 66 GLN 66 108 108 GLN GLN A . n 
A 1 67 ARG 67 109 109 ARG ARG A . n 
A 1 68 LEU 68 110 110 LEU LEU A . n 
A 1 69 ASN 69 111 111 ASN ASN A . n 
A 1 70 ASP 70 112 112 ASP ASP A . n 
A 1 71 ALA 71 113 113 ALA ALA A . n 
A 1 72 CYS 72 114 114 CYS CYS A . n 
A 1 73 CYS 73 115 115 CYS CYS A . n 
A 1 74 GLY 74 116 116 GLY GLY A . n 
A 1 75 THR 75 117 117 THR THR A . n 
A 1 76 ALA 76 118 118 ALA ALA A . n 
A 1 77 HIS 77 119 119 HIS HIS A . n 
A 1 78 SER 78 120 120 SER SER A . n 
A 1 79 SER 79 121 121 SER SER A . n 
A 1 80 VAL 80 122 122 VAL VAL A . n 
A 1 81 TYR 81 123 123 TYR TYR A . n 
A 1 82 CYS 82 124 124 CYS CYS A . n 
A 1 83 SER 83 125 125 SER SER A . n 
A 1 84 ILE 84 126 126 ILE ILE A . n 
A 1 85 LEU 85 127 127 LEU LEU A . n 
A 1 86 GLU 86 128 128 GLU GLU A . n 
A 1 87 ALA 87 129 129 ALA ALA A . n 
A 1 88 LEU 88 130 130 LEU LEU A . n 
A 1 89 GLU 89 131 131 GLU GLU A . n 
A 1 90 GLN 90 132 132 GLN GLN A . n 
A 1 91 GLY 91 133 133 GLY GLY A . n 
A 1 92 ALA 92 134 134 ALA ALA A . n 
A 1 93 SER 93 135 ?   ?   ?   A . n 
A 1 94 GLY 94 136 ?   ?   ?   A . n 
A 1 95 VAL 95 137 ?   ?   ?   A . n 
A 1 96 LYS 96 138 ?   ?   ?   A . n 
A 1 97 SER 97 139 ?   ?   ?   A . n 
A 1 98 GLY 98 140 ?   ?   ?   A . n 
A 1 99 CYS 99 141 ?   ?   ?   A . n 
B 1 1  SER 1  43  ?   ?   ?   B . n 
B 1 2  ASP 2  44  44  ASP ASP B . n 
B 1 3  LEU 3  45  45  LEU LEU B . n 
B 1 4  GLN 4  46  46  GLN GLN B . n 
B 1 5  ARG 5  47  47  ARG ARG B . n 
B 1 6  LEU 6  48  48  LEU LEU B . n 
B 1 7  LYS 7  49  49  LYS LYS B . n 
B 1 8  PHE 8  50  50  PHE PHE B . n 
B 1 9  ILE 9  51  51  ILE ILE B . n 
B 1 10 ARG 10 52  52  ARG ARG B . n 
B 1 11 HIS 11 53  53  HIS HIS B . n 
B 1 12 ALA 12 54  54  ALA ALA B . n 
B 1 13 ARG 13 55  55  ARG ARG B . n 
B 1 14 GLN 14 56  56  GLN GLN B . n 
B 1 15 LEU 15 57  57  LEU LEU B . n 
B 1 16 GLY 16 58  58  GLY GLY B . n 
B 1 17 PHE 17 59  59  PHE PHE B . n 
B 1 18 SER 18 60  60  SER SER B . n 
B 1 19 LEU 19 61  61  LEU LEU B . n 
B 1 20 GLU 20 62  62  GLU GLU B . n 
B 1 21 SER 21 63  63  SER SER B . n 
B 1 22 ILE 22 64  64  ILE ILE B . n 
B 1 23 ARG 23 65  65  ARG ARG B . n 
B 1 24 GLU 24 66  66  GLU GLU B . n 
B 1 25 LEU 25 67  67  LEU LEU B . n 
B 1 26 LEU 26 68  68  LEU LEU B . n 
B 1 27 SER 27 69  69  SER SER B . n 
B 1 28 ILE 28 70  70  ILE ILE B . n 
B 1 29 ARG 29 71  71  ARG ARG B . n 
B 1 30 ILE 30 72  72  ILE ILE B . n 
B 1 31 ASP 31 73  73  ASP ASP B . n 
B 1 32 PRO 32 74  74  PRO PRO B . n 
B 1 33 GLU 33 75  75  GLU GLU B . n 
B 1 34 HIS 34 76  76  HIS HIS B . n 
B 1 35 HIS 35 77  77  HIS HIS B . n 
B 1 36 THR 36 78  78  THR THR B . n 
B 1 37 CYS 37 79  79  CYS CYS B . n 
B 1 38 GLN 38 80  80  GLN GLN B . n 
B 1 39 GLU 39 81  81  GLU GLU B . n 
B 1 40 SER 40 82  82  SER SER B . n 
B 1 41 LYS 41 83  83  LYS LYS B . n 
B 1 42 GLY 42 84  84  GLY GLY B . n 
B 1 43 ILE 43 85  85  ILE ILE B . n 
B 1 44 VAL 44 86  86  VAL VAL B . n 
B 1 45 GLN 45 87  87  GLN GLN B . n 
B 1 46 GLU 46 88  88  GLU GLU B . n 
B 1 47 ARG 47 89  89  ARG ARG B . n 
B 1 48 LEU 48 90  90  LEU LEU B . n 
B 1 49 GLN 49 91  91  GLN GLN B . n 
B 1 50 GLU 50 92  92  GLU GLU B . n 
B 1 51 VAL 51 93  93  VAL VAL B . n 
B 1 52 GLU 52 94  94  GLU GLU B . n 
B 1 53 ALA 53 95  95  ALA ALA B . n 
B 1 54 ARG 54 96  96  ARG ARG B . n 
B 1 55 ILE 55 97  97  ILE ILE B . n 
B 1 56 ALA 56 98  98  ALA ALA B . n 
B 1 57 GLU 57 99  99  GLU GLU B . n 
B 1 58 LEU 58 100 100 LEU LEU B . n 
B 1 59 GLN 59 101 101 GLN GLN B . n 
B 1 60 SER 60 102 102 SER SER B . n 
B 1 61 MET 61 103 103 MET MET B . n 
B 1 62 GLN 62 104 104 GLN GLN B . n 
B 1 63 ARG 63 105 105 ARG ARG B . n 
B 1 64 SER 64 106 106 SER SER B . n 
B 1 65 LEU 65 107 107 LEU LEU B . n 
B 1 66 GLN 66 108 108 GLN GLN B . n 
B 1 67 ARG 67 109 109 ARG ARG B . n 
B 1 68 LEU 68 110 110 LEU LEU B . n 
B 1 69 ASN 69 111 111 ASN ASN B . n 
B 1 70 ASP 70 112 112 ASP ASP B . n 
B 1 71 ALA 71 113 113 ALA ALA B . n 
B 1 72 CYS 72 114 114 CYS CYS B . n 
B 1 73 CYS 73 115 115 CYS CYS B . n 
B 1 74 GLY 74 116 116 GLY GLY B . n 
B 1 75 THR 75 117 117 THR THR B . n 
B 1 76 ALA 76 118 118 ALA ALA B . n 
B 1 77 HIS 77 119 119 HIS HIS B . n 
B 1 78 SER 78 120 120 SER SER B . n 
B 1 79 SER 79 121 121 SER SER B . n 
B 1 80 VAL 80 122 122 VAL VAL B . n 
B 1 81 TYR 81 123 123 TYR TYR B . n 
B 1 82 CYS 82 124 124 CYS CYS B . n 
B 1 83 SER 83 125 125 SER SER B . n 
B 1 84 ILE 84 126 126 ILE ILE B . n 
B 1 85 LEU 85 127 127 LEU LEU B . n 
B 1 86 GLU 86 128 128 GLU GLU B . n 
B 1 87 ALA 87 129 129 ALA ALA B . n 
B 1 88 LEU 88 130 130 LEU LEU B . n 
B 1 89 GLU 89 131 131 GLU GLU B . n 
B 1 90 GLN 90 132 132 GLN GLN B . n 
B 1 91 GLY 91 133 ?   ?   ?   B . n 
B 1 92 ALA 92 134 ?   ?   ?   B . n 
B 1 93 SER 93 135 ?   ?   ?   B . n 
B 1 94 GLY 94 136 ?   ?   ?   B . n 
B 1 95 VAL 95 137 ?   ?   ?   B . n 
B 1 96 LYS 96 138 ?   ?   ?   B . n 
B 1 97 SER 97 139 ?   ?   ?   B . n 
B 1 98 GLY 98 140 ?   ?   ?   B . n 
B 1 99 CYS 99 141 ?   ?   ?   B . n 
# 
loop_
_pdbx_nonpoly_scheme.asym_id 
_pdbx_nonpoly_scheme.entity_id 
_pdbx_nonpoly_scheme.mon_id 
_pdbx_nonpoly_scheme.ndb_seq_num 
_pdbx_nonpoly_scheme.pdb_seq_num 
_pdbx_nonpoly_scheme.auth_seq_num 
_pdbx_nonpoly_scheme.pdb_mon_id 
_pdbx_nonpoly_scheme.auth_mon_id 
_pdbx_nonpoly_scheme.pdb_strand_id 
_pdbx_nonpoly_scheme.pdb_ins_code 
C 2 SO4 1  301 1   SO4 SO4 A . 
D 3 ZN  1  401 1   ZN  ZN  A . 
E 3 ZN  1  402 2   ZN  ZN  A . 
F 3 ZN  1  405 5   ZN  ZN  A . 
G 2 SO4 1  302 2   SO4 SO4 B . 
H 3 ZN  1  403 3   ZN  ZN  B . 
I 3 ZN  1  404 4   ZN  ZN  B . 
J 4 HOH 1  406 1   HOH WAT A . 
J 4 HOH 2  407 2   HOH WAT A . 
J 4 HOH 3  408 3   HOH WAT A . 
J 4 HOH 4  409 4   HOH WAT A . 
J 4 HOH 5  410 5   HOH WAT A . 
J 4 HOH 6  411 6   HOH WAT A . 
J 4 HOH 7  412 7   HOH WAT A . 
J 4 HOH 8  413 8   HOH WAT A . 
J 4 HOH 9  414 9   HOH WAT A . 
J 4 HOH 10 415 11  HOH WAT A . 
J 4 HOH 11 416 12  HOH WAT A . 
J 4 HOH 12 417 13  HOH WAT A . 
J 4 HOH 13 418 15  HOH WAT A . 
J 4 HOH 14 419 16  HOH WAT A . 
J 4 HOH 15 420 18  HOH WAT A . 
J 4 HOH 16 421 20  HOH WAT A . 
J 4 HOH 17 422 23  HOH WAT A . 
J 4 HOH 18 423 25  HOH WAT A . 
J 4 HOH 19 424 26  HOH WAT A . 
J 4 HOH 20 425 27  HOH WAT A . 
J 4 HOH 21 426 29  HOH WAT A . 
J 4 HOH 22 427 31  HOH WAT A . 
J 4 HOH 23 428 34  HOH WAT A . 
J 4 HOH 24 429 37  HOH WAT A . 
J 4 HOH 25 430 39  HOH WAT A . 
J 4 HOH 26 431 40  HOH WAT A . 
J 4 HOH 27 432 41  HOH WAT A . 
J 4 HOH 28 433 44  HOH WAT A . 
J 4 HOH 29 434 45  HOH WAT A . 
J 4 HOH 30 435 46  HOH WAT A . 
J 4 HOH 31 436 49  HOH WAT A . 
J 4 HOH 32 437 51  HOH WAT A . 
J 4 HOH 33 438 53  HOH WAT A . 
J 4 HOH 34 439 54  HOH WAT A . 
J 4 HOH 35 440 56  HOH WAT A . 
J 4 HOH 36 441 58  HOH WAT A . 
J 4 HOH 37 442 59  HOH WAT A . 
J 4 HOH 38 443 60  HOH WAT A . 
J 4 HOH 39 444 61  HOH WAT A . 
J 4 HOH 40 445 62  HOH WAT A . 
J 4 HOH 41 446 63  HOH WAT A . 
J 4 HOH 42 447 64  HOH WAT A . 
J 4 HOH 43 448 68  HOH WAT A . 
J 4 HOH 44 449 70  HOH WAT A . 
J 4 HOH 45 450 71  HOH WAT A . 
J 4 HOH 46 451 72  HOH WAT A . 
J 4 HOH 47 452 76  HOH WAT A . 
J 4 HOH 48 453 77  HOH WAT A . 
J 4 HOH 49 454 80  HOH WAT A . 
J 4 HOH 50 455 81  HOH WAT A . 
J 4 HOH 51 456 85  HOH WAT A . 
J 4 HOH 52 457 86  HOH WAT A . 
J 4 HOH 53 458 87  HOH WAT A . 
J 4 HOH 54 459 91  HOH WAT A . 
J 4 HOH 55 460 92  HOH WAT A . 
J 4 HOH 56 461 94  HOH WAT A . 
J 4 HOH 57 462 96  HOH WAT A . 
J 4 HOH 58 463 97  HOH WAT A . 
J 4 HOH 59 464 98  HOH WAT A . 
J 4 HOH 60 465 99  HOH WAT A . 
J 4 HOH 61 466 103 HOH WAT A . 
J 4 HOH 62 467 104 HOH WAT A . 
J 4 HOH 63 468 105 HOH WAT A . 
J 4 HOH 64 469 106 HOH WAT A . 
J 4 HOH 65 470 108 HOH WAT A . 
J 4 HOH 66 471 109 HOH WAT A . 
J 4 HOH 67 472 110 HOH WAT A . 
J 4 HOH 68 473 111 HOH WAT A . 
J 4 HOH 69 474 113 HOH WAT A . 
J 4 HOH 70 475 114 HOH WAT A . 
J 4 HOH 71 476 116 HOH WAT A . 
J 4 HOH 72 477 118 HOH WAT A . 
J 4 HOH 73 478 121 HOH WAT A . 
J 4 HOH 74 479 122 HOH WAT A . 
J 4 HOH 75 480 123 HOH WAT A . 
J 4 HOH 76 481 124 HOH WAT A . 
J 4 HOH 77 482 125 HOH WAT A . 
J 4 HOH 78 483 129 HOH WAT A . 
K 4 HOH 1  405 10  HOH WAT B . 
K 4 HOH 2  406 14  HOH WAT B . 
K 4 HOH 3  407 17  HOH WAT B . 
K 4 HOH 4  408 19  HOH WAT B . 
K 4 HOH 5  409 21  HOH WAT B . 
K 4 HOH 6  410 22  HOH WAT B . 
K 4 HOH 7  411 24  HOH WAT B . 
K 4 HOH 8  412 28  HOH WAT B . 
K 4 HOH 9  413 30  HOH WAT B . 
K 4 HOH 10 414 32  HOH WAT B . 
K 4 HOH 11 415 33  HOH WAT B . 
K 4 HOH 12 416 35  HOH WAT B . 
K 4 HOH 13 417 36  HOH WAT B . 
K 4 HOH 14 418 38  HOH WAT B . 
K 4 HOH 15 419 42  HOH WAT B . 
K 4 HOH 16 420 43  HOH WAT B . 
K 4 HOH 17 421 47  HOH WAT B . 
K 4 HOH 18 422 48  HOH WAT B . 
K 4 HOH 19 423 50  HOH WAT B . 
K 4 HOH 20 424 52  HOH WAT B . 
K 4 HOH 21 425 55  HOH WAT B . 
K 4 HOH 22 426 57  HOH WAT B . 
K 4 HOH 23 427 65  HOH WAT B . 
K 4 HOH 24 428 66  HOH WAT B . 
K 4 HOH 25 429 67  HOH WAT B . 
K 4 HOH 26 430 69  HOH WAT B . 
K 4 HOH 27 431 73  HOH WAT B . 
K 4 HOH 28 432 74  HOH WAT B . 
K 4 HOH 29 433 75  HOH WAT B . 
K 4 HOH 30 434 78  HOH WAT B . 
K 4 HOH 31 435 79  HOH WAT B . 
K 4 HOH 32 436 82  HOH WAT B . 
K 4 HOH 33 437 83  HOH WAT B . 
K 4 HOH 34 438 84  HOH WAT B . 
K 4 HOH 35 439 88  HOH WAT B . 
K 4 HOH 36 440 89  HOH WAT B . 
K 4 HOH 37 441 90  HOH WAT B . 
K 4 HOH 38 442 93  HOH WAT B . 
K 4 HOH 39 443 95  HOH WAT B . 
K 4 HOH 40 444 100 HOH WAT B . 
K 4 HOH 41 445 101 HOH WAT B . 
K 4 HOH 42 446 102 HOH WAT B . 
K 4 HOH 43 447 107 HOH WAT B . 
K 4 HOH 44 448 112 HOH WAT B . 
K 4 HOH 45 449 115 HOH WAT B . 
K 4 HOH 46 450 117 HOH WAT B . 
K 4 HOH 47 451 119 HOH WAT B . 
K 4 HOH 48 452 120 HOH WAT B . 
K 4 HOH 49 453 126 HOH WAT B . 
K 4 HOH 50 454 127 HOH WAT B . 
K 4 HOH 51 455 128 HOH WAT B . 
K 4 HOH 52 456 130 HOH WAT B . 
# 
loop_
_software.name 
_software.classification 
_software.version 
_software.citation_id 
_software.pdbx_ordinal 
CNS    refinement       1.1       ? 1 
MOSFLM 'data reduction' .         ? 2 
CCP4   'data scaling'   '(SCALA)' ? 3 
AMoRE  phasing          .         ? 4 
# 
_cell.entry_id           1Q0A 
_cell.length_a           84.666 
_cell.length_b           170.707 
_cell.length_c           42.208 
_cell.angle_alpha        90.00 
_cell.angle_beta         90.00 
_cell.angle_gamma        90.00 
_cell.Z_PDB              16 
_cell.pdbx_unique_axis   ? 
# 
_symmetry.entry_id                         1Q0A 
_symmetry.space_group_name_H-M             'C 2 2 2' 
_symmetry.pdbx_full_space_group_name_H-M   ? 
_symmetry.cell_setting                     ? 
_symmetry.Int_Tables_number                21 
# 
_exptl.entry_id          1Q0A 
_exptl.method            'X-RAY DIFFRACTION' 
_exptl.crystals_number   1 
# 
_exptl_crystal.id                    1 
_exptl_crystal.density_meas          ? 
_exptl_crystal.density_Matthews      3.43 
_exptl_crystal.density_percent_sol   64.15 
_exptl_crystal.description           ? 
# 
_exptl_crystal_grow.crystal_id      1 
_exptl_crystal_grow.method          'VAPOR DIFFUSION, HANGING DROP' 
_exptl_crystal_grow.temp            291 
_exptl_crystal_grow.temp_details    ? 
_exptl_crystal_grow.pH              7.5 
_exptl_crystal_grow.pdbx_details    'Na/K tartrate, Hepes, pH 7.5, VAPOR DIFFUSION, HANGING DROP, temperature 291K' 
_exptl_crystal_grow.pdbx_pH_range   . 
# 
_diffrn.id                     1 
_diffrn.ambient_temp           100 
_diffrn.ambient_temp_details   ? 
_diffrn.crystal_id             1 
# 
_diffrn_detector.diffrn_id              1 
_diffrn_detector.detector               'IMAGE PLATE' 
_diffrn_detector.type                   MARRESEARCH 
_diffrn_detector.pdbx_collection_date   2001-02-01 
_diffrn_detector.details                ? 
# 
_diffrn_radiation.diffrn_id                        1 
_diffrn_radiation.wavelength_id                    1 
_diffrn_radiation.pdbx_monochromatic_or_laue_m_l   M 
_diffrn_radiation.monochromator                    ? 
_diffrn_radiation.pdbx_diffrn_protocol             'SINGLE WAVELENGTH' 
_diffrn_radiation.pdbx_scattering_type             x-ray 
# 
_diffrn_radiation_wavelength.id           1 
_diffrn_radiation_wavelength.wavelength   0.97 
_diffrn_radiation_wavelength.wt           1.0 
# 
_diffrn_source.diffrn_id                   1 
_diffrn_source.source                      SYNCHROTRON 
_diffrn_source.type                        'SSRL BEAMLINE BL9-1' 
_diffrn_source.pdbx_synchrotron_site       SSRL 
_diffrn_source.pdbx_synchrotron_beamline   BL9-1 
_diffrn_source.pdbx_wavelength             ? 
_diffrn_source.pdbx_wavelength_list        0.97 
# 
_reflns.entry_id                     1Q0A 
_reflns.observed_criterion_sigma_I   0 
_reflns.observed_criterion_sigma_F   0 
_reflns.d_resolution_low             24.0 
_reflns.d_resolution_high            1.98 
_reflns.number_obs                   21722 
_reflns.number_all                   ? 
_reflns.percent_possible_obs         98.6 
_reflns.pdbx_Rmerge_I_obs            0.052 
_reflns.pdbx_Rsym_value              0.039 
_reflns.pdbx_netI_over_sigmaI        13.0 
_reflns.B_iso_Wilson_estimate        16.1 
_reflns.pdbx_redundancy              4.0 
_reflns.R_free_details               ? 
_reflns.limit_h_max                  ? 
_reflns.limit_h_min                  ? 
_reflns.limit_k_max                  ? 
_reflns.limit_k_min                  ? 
_reflns.limit_l_max                  ? 
_reflns.limit_l_min                  ? 
_reflns.observed_criterion_F_max     ? 
_reflns.observed_criterion_F_min     ? 
_reflns.pdbx_ordinal                 1 
_reflns.pdbx_diffrn_id               1 
# 
_reflns_shell.d_res_high             1.98 
_reflns_shell.d_res_low              2.03 
_reflns_shell.percent_possible_all   83.0 
_reflns_shell.Rmerge_I_obs           0.219 
_reflns_shell.pdbx_Rsym_value        0.156 
_reflns_shell.meanI_over_sigI_obs    4.7 
_reflns_shell.pdbx_redundancy        3.4 
_reflns_shell.percent_possible_obs   ? 
_reflns_shell.number_unique_all      1339 
_reflns_shell.pdbx_ordinal           1 
_reflns_shell.pdbx_diffrn_id         1 
# 
_refine.entry_id                                 1Q0A 
_refine.ls_number_reflns_obs                     21195 
_refine.ls_number_reflns_all                     21722 
_refine.pdbx_ls_sigma_I                          ? 
_refine.pdbx_ls_sigma_F                          0 
_refine.pdbx_data_cutoff_high_absF               1440953.75 
_refine.pdbx_data_cutoff_low_absF                0 
_refine.pdbx_data_cutoff_high_rms_absF           1440953.75 
_refine.ls_d_res_low                             23.59 
_refine.ls_d_res_high                            2.00 
_refine.ls_percent_reflns_obs                    100.0 
_refine.ls_R_factor_obs                          0.229 
_refine.ls_R_factor_all                          ? 
_refine.ls_R_factor_R_work                       0.229 
_refine.ls_R_factor_R_free                       0.258 
_refine.ls_R_factor_R_free_error                 0.008 
_refine.ls_R_factor_R_free_error_details         ? 
_refine.ls_percent_reflns_R_free                 4.9 
_refine.ls_number_reflns_R_free                  1034 
_refine.ls_number_parameters                     ? 
_refine.ls_number_restraints                     ? 
_refine.occupancy_min                            ? 
_refine.occupancy_max                            ? 
_refine.correlation_coeff_Fo_to_Fc               ? 
_refine.correlation_coeff_Fo_to_Fc_free          ? 
_refine.B_iso_mean                               27.1 
_refine.aniso_B[1][1]                            -2.93 
_refine.aniso_B[2][2]                            -1.99 
_refine.aniso_B[3][3]                            4.92 
_refine.aniso_B[1][2]                            0.00 
_refine.aniso_B[1][3]                            0.00 
_refine.aniso_B[2][3]                            0.00 
_refine.solvent_model_details                    'FLAT MODEL' 
_refine.solvent_model_param_ksol                 0.38242 
_refine.solvent_model_param_bsol                 37.9013 
_refine.pdbx_solvent_vdw_probe_radii             ? 
_refine.pdbx_solvent_ion_probe_radii             ? 
_refine.pdbx_solvent_shrinkage_radii             ? 
_refine.pdbx_ls_cross_valid_method               THROUGHOUT 
_refine.details                                  'partially refined structure' 
_refine.pdbx_starting_model                      'ZntR in P212121 crystal form' 
_refine.pdbx_method_to_determine_struct          'MOLECULAR REPLACEMENT' 
_refine.pdbx_isotropic_thermal_model             RESTRAINED 
_refine.pdbx_stereochemistry_target_values       'Engh & Huber' 
_refine.pdbx_stereochem_target_val_spec_case     ? 
_refine.pdbx_R_Free_selection_details            RANDOM 
_refine.pdbx_overall_ESU_R                       ? 
_refine.pdbx_overall_ESU_R_Free                  ? 
_refine.overall_SU_ML                            ? 
_refine.overall_SU_B                             ? 
_refine.ls_redundancy_reflns_obs                 ? 
_refine.B_iso_min                                ? 
_refine.B_iso_max                                ? 
_refine.overall_SU_R_Cruickshank_DPI             ? 
_refine.overall_SU_R_free                        ? 
_refine.pdbx_refine_id                           'X-RAY DIFFRACTION' 
_refine.pdbx_diffrn_id                           1 
_refine.pdbx_TLS_residual_ADP_flag               ? 
_refine.pdbx_overall_phase_error                 ? 
_refine.pdbx_overall_SU_R_free_Cruickshank_DPI   ? 
_refine.pdbx_overall_SU_R_Blow_DPI               ? 
_refine.pdbx_overall_SU_R_free_Blow_DPI          ? 
# 
_refine_analyze.entry_id                        1Q0A 
_refine_analyze.Luzzati_coordinate_error_obs    0.25 
_refine_analyze.Luzzati_sigma_a_obs             0.29 
_refine_analyze.Luzzati_d_res_low_obs           5 
_refine_analyze.Luzzati_coordinate_error_free   0.28 
_refine_analyze.Luzzati_sigma_a_free            0.12 
_refine_analyze.Luzzati_d_res_low_free          ? 
_refine_analyze.number_disordered_residues      ? 
_refine_analyze.occupancy_sum_hydrogen          ? 
_refine_analyze.occupancy_sum_non_hydrogen      ? 
_refine_analyze.pdbx_Luzzati_d_res_high_obs     ? 
_refine_analyze.pdbx_refine_id                  'X-RAY DIFFRACTION' 
# 
_refine_hist.pdbx_refine_id                   'X-RAY DIFFRACTION' 
_refine_hist.cycle_id                         LAST 
_refine_hist.pdbx_number_atoms_protein        1441 
_refine_hist.pdbx_number_atoms_nucleic_acid   0 
_refine_hist.pdbx_number_atoms_ligand         15 
_refine_hist.number_atoms_solvent             130 
_refine_hist.number_atoms_total               1586 
_refine_hist.d_res_high                       2.00 
_refine_hist.d_res_low                        23.59 
# 
loop_
_refine_ls_restr.type 
_refine_ls_restr.dev_ideal 
_refine_ls_restr.dev_ideal_target 
_refine_ls_restr.weight 
_refine_ls_restr.number 
_refine_ls_restr.pdbx_refine_id 
_refine_ls_restr.pdbx_restraint_function 
c_bond_d                0.004 ?    ? ? 'X-RAY DIFFRACTION' ? 
c_bond_d_na             ?     ?    ? ? 'X-RAY DIFFRACTION' ? 
c_bond_d_prot           ?     ?    ? ? 'X-RAY DIFFRACTION' ? 
c_angle_d               ?     ?    ? ? 'X-RAY DIFFRACTION' ? 
c_angle_d_na            ?     ?    ? ? 'X-RAY DIFFRACTION' ? 
c_angle_d_prot          ?     ?    ? ? 'X-RAY DIFFRACTION' ? 
c_angle_deg             0.9   ?    ? ? 'X-RAY DIFFRACTION' ? 
c_angle_deg_na          ?     ?    ? ? 'X-RAY DIFFRACTION' ? 
c_angle_deg_prot        ?     ?    ? ? 'X-RAY DIFFRACTION' ? 
c_dihedral_angle_d      16.5  ?    ? ? 'X-RAY DIFFRACTION' ? 
c_dihedral_angle_d_na   ?     ?    ? ? 'X-RAY DIFFRACTION' ? 
c_dihedral_angle_d_prot ?     ?    ? ? 'X-RAY DIFFRACTION' ? 
c_improper_angle_d      0.68  ?    ? ? 'X-RAY DIFFRACTION' ? 
c_improper_angle_d_na   ?     ?    ? ? 'X-RAY DIFFRACTION' ? 
c_improper_angle_d_prot ?     ?    ? ? 'X-RAY DIFFRACTION' ? 
c_mcbond_it             1.25  1.50 ? ? 'X-RAY DIFFRACTION' ? 
c_mcangle_it            1.76  2.00 ? ? 'X-RAY DIFFRACTION' ? 
c_scbond_it             2.30  2.00 ? ? 'X-RAY DIFFRACTION' ? 
c_scangle_it            3.56  2.50 ? ? 'X-RAY DIFFRACTION' ? 
# 
_refine_ls_shell.pdbx_total_number_of_bins_used   6 
_refine_ls_shell.d_res_high                       2.00 
_refine_ls_shell.d_res_low                        2.13 
_refine_ls_shell.number_reflns_R_work             3324 
_refine_ls_shell.R_factor_R_work                  0.24 
_refine_ls_shell.percent_reflns_obs               100.0 
_refine_ls_shell.R_factor_R_free                  0.264 
_refine_ls_shell.R_factor_R_free_error            0.021 
_refine_ls_shell.percent_reflns_R_free            4.6 
_refine_ls_shell.number_reflns_R_free             160 
_refine_ls_shell.number_reflns_obs                ? 
_refine_ls_shell.redundancy_reflns_obs            ? 
_refine_ls_shell.number_reflns_all                ? 
_refine_ls_shell.pdbx_refine_id                   'X-RAY DIFFRACTION' 
_refine_ls_shell.R_factor_all                     ? 
# 
loop_
_pdbx_xplor_file.serial_no 
_pdbx_xplor_file.param_file 
_pdbx_xplor_file.topol_file 
_pdbx_xplor_file.pdbx_refine_id 
1 PROTEIN_REP.PARAM PROTEIN.TOP 'X-RAY DIFFRACTION' 
2 ION.PARAM         ION.TOP     'X-RAY DIFFRACTION' 
3 WATER_REP.PARAM   WATER.TOP   'X-RAY DIFFRACTION' 
# 
_struct.entry_id                  1Q0A 
_struct.title                     
'Crystal structure of the Zn(II) form of E. coli ZntR, a zinc-sensing transcriptional regulator (space group C222)' 
_struct.pdbx_model_details        ? 
_struct.pdbx_CASP_flag            ? 
_struct.pdbx_model_type_details   ? 
# 
_struct_keywords.entry_id        1Q0A 
_struct_keywords.pdbx_keywords   TRANSCRIPTION 
_struct_keywords.text            'MerR family transcriptional regulator, Zn(II)-responsive regulator of zntA, TRANSCRIPTION' 
# 
loop_
_struct_asym.id 
_struct_asym.pdbx_blank_PDB_chainid_flag 
_struct_asym.pdbx_modified 
_struct_asym.entity_id 
_struct_asym.details 
A N N 1 ? 
B N N 1 ? 
C N N 2 ? 
D N N 3 ? 
E N N 3 ? 
F N N 3 ? 
G N N 2 ? 
H N N 3 ? 
I N N 3 ? 
J N N 4 ? 
K N N 4 ? 
# 
_struct_ref.id                         1 
_struct_ref.db_name                    UNP 
_struct_ref.db_code                    ZNTR_ECOLI 
_struct_ref.pdbx_db_accession          P0ACS5 
_struct_ref.entity_id                  1 
_struct_ref.pdbx_seq_one_letter_code   
;SDLQRLKFIRHARQLGFSLESIRELLSIRIDPEHHTCQESKGIVQERLQEVEARIAELQSMQRSLQRLNDACCGTAHSSV
YCSILEALEQGASGVKSGC
;
_struct_ref.pdbx_align_begin           43 
_struct_ref.pdbx_db_isoform            ? 
# 
loop_
_struct_ref_seq.align_id 
_struct_ref_seq.ref_id 
_struct_ref_seq.pdbx_PDB_id_code 
_struct_ref_seq.pdbx_strand_id 
_struct_ref_seq.seq_align_beg 
_struct_ref_seq.pdbx_seq_align_beg_ins_code 
_struct_ref_seq.seq_align_end 
_struct_ref_seq.pdbx_seq_align_end_ins_code 
_struct_ref_seq.pdbx_db_accession 
_struct_ref_seq.db_align_beg 
_struct_ref_seq.pdbx_db_align_beg_ins_code 
_struct_ref_seq.db_align_end 
_struct_ref_seq.pdbx_db_align_end_ins_code 
_struct_ref_seq.pdbx_auth_seq_align_beg 
_struct_ref_seq.pdbx_auth_seq_align_end 
1 1 1Q0A A 1 ? 99 ? P0ACS5 43 ? 141 ? 43 141 
2 1 1Q0A B 1 ? 99 ? P0ACS5 43 ? 141 ? 43 141 
# 
loop_
_pdbx_struct_assembly.id 
_pdbx_struct_assembly.details 
_pdbx_struct_assembly.method_details 
_pdbx_struct_assembly.oligomeric_details 
_pdbx_struct_assembly.oligomeric_count 
1 author_defined_assembly   ?        monomeric 1 
2 software_defined_assembly PISA     dimeric   2 
3 software_defined_assembly PISA,PQS dimeric   2 
4 software_defined_assembly PQS      dimeric   2 
# 
loop_
_pdbx_struct_assembly_prop.biol_id 
_pdbx_struct_assembly_prop.type 
_pdbx_struct_assembly_prop.value 
_pdbx_struct_assembly_prop.details 
2 'ABSA (A^2)' 1480  ? 
2 MORE         -185  ? 
2 'SSA (A^2)'  14720 ? 
3 'ABSA (A^2)' 5770  ? 
3 MORE         -277  ? 
3 'SSA (A^2)'  10700 ? 
# 
loop_
_pdbx_struct_assembly_gen.assembly_id 
_pdbx_struct_assembly_gen.oper_expression 
_pdbx_struct_assembly_gen.asym_id_list 
1 1   B,G,H,I,K             
2 1   A,B,C,D,E,F,G,H,I,J,K 
3 1,2 A,C,D,E,F,J           
4 1,3 B,G,H,I,K             
# 
loop_
_pdbx_struct_oper_list.id 
_pdbx_struct_oper_list.type 
_pdbx_struct_oper_list.name 
_pdbx_struct_oper_list.symmetry_operation 
_pdbx_struct_oper_list.matrix[1][1] 
_pdbx_struct_oper_list.matrix[1][2] 
_pdbx_struct_oper_list.matrix[1][3] 
_pdbx_struct_oper_list.vector[1] 
_pdbx_struct_oper_list.matrix[2][1] 
_pdbx_struct_oper_list.matrix[2][2] 
_pdbx_struct_oper_list.matrix[2][3] 
_pdbx_struct_oper_list.vector[2] 
_pdbx_struct_oper_list.matrix[3][1] 
_pdbx_struct_oper_list.matrix[3][2] 
_pdbx_struct_oper_list.matrix[3][3] 
_pdbx_struct_oper_list.vector[3] 
1 'identity operation'         1_555 x,y,z       1.0000000000 0.0000000000 0.0000000000 0.0000000000   0.0000000000 1.0000000000  0.0000000000 0.0000000000   0.0000000000 0.0000000000 1.0000000000  0.0000000000   
2 'crystal symmetry operation' 3_555 -x,y,-z     0.0625641263 0.1226296076 0.9904785255 39.0701778610  0.1226296076 -0.9858474230 0.1143102707 11.6769226877  0.9904785255 0.1143102707 -0.0767167033 -43.3593508029 
3 'crystal symmetry operation' 3_657 -x+1,y,-z+2 0.0625641263 0.1226296076 0.9904785255 -38.8930943087 0.1226296076 -0.9858474230 0.1143102707 -14.2699261969 0.9904785255 0.1143102707 -0.0767167033 43.4904151009 
# 
loop_
_struct_biol.id 
_struct_biol.details 
_struct_biol.pdbx_parent_biol_id 
1 
;For chain A, apply the following symmetry operations to generate the biologically significant dimer:  
-x, y, -z
;
? 
2 
;For chain B, apply the following symmetry operations to generate the biologically significant dimer:  
1-x, y, 2-z
;
? 
# 
loop_
_struct_conf.conf_type_id 
_struct_conf.id 
_struct_conf.pdbx_PDB_helix_id 
_struct_conf.beg_label_comp_id 
_struct_conf.beg_label_asym_id 
_struct_conf.beg_label_seq_id 
_struct_conf.pdbx_beg_PDB_ins_code 
_struct_conf.end_label_comp_id 
_struct_conf.end_label_asym_id 
_struct_conf.end_label_seq_id 
_struct_conf.pdbx_end_PDB_ins_code 
_struct_conf.beg_auth_comp_id 
_struct_conf.beg_auth_asym_id 
_struct_conf.beg_auth_seq_id 
_struct_conf.end_auth_comp_id 
_struct_conf.end_auth_asym_id 
_struct_conf.end_auth_seq_id 
_struct_conf.pdbx_PDB_helix_class 
_struct_conf.details 
_struct_conf.pdbx_PDB_helix_length 
HELX_P HELX_P1  1  ASP A 2  ? LEU A 15 ? ASP A 44  LEU A 57  1 ? 14 
HELX_P HELX_P2  2  SER A 18 ? ASP A 31 ? SER A 60  ASP A 73  1 ? 14 
HELX_P HELX_P3  3  PRO A 32 ? HIS A 35 ? PRO A 74  HIS A 77  5 ? 4  
HELX_P HELX_P4  4  THR A 36 ? CYS A 72 ? THR A 78  CYS A 114 1 ? 37 
HELX_P HELX_P5  5  SER A 78 ? TYR A 81 ? SER A 120 TYR A 123 5 ? 4  
HELX_P HELX_P6  6  CYS A 82 ? GLY A 91 ? CYS A 124 GLY A 133 1 ? 10 
HELX_P HELX_P7  7  ASP B 2  ? LEU B 15 ? ASP B 44  LEU B 57  1 ? 14 
HELX_P HELX_P8  8  SER B 18 ? ASP B 31 ? SER B 60  ASP B 73  1 ? 14 
HELX_P HELX_P9  9  PRO B 32 ? HIS B 35 ? PRO B 74  HIS B 77  5 ? 4  
HELX_P HELX_P10 10 THR B 36 ? CYS B 72 ? THR B 78  CYS B 114 1 ? 37 
HELX_P HELX_P11 11 SER B 78 ? TYR B 81 ? SER B 120 TYR B 123 5 ? 4  
HELX_P HELX_P12 12 CYS B 82 ? GLN B 90 ? CYS B 124 GLN B 132 1 ? 9  
# 
_struct_conf_type.id          HELX_P 
_struct_conf_type.criteria    ? 
_struct_conf_type.reference   ? 
# 
loop_
_struct_conn.id 
_struct_conn.conn_type_id 
_struct_conn.pdbx_leaving_atom_flag 
_struct_conn.pdbx_PDB_id 
_struct_conn.ptnr1_label_asym_id 
_struct_conn.ptnr1_label_comp_id 
_struct_conn.ptnr1_label_seq_id 
_struct_conn.ptnr1_label_atom_id 
_struct_conn.pdbx_ptnr1_label_alt_id 
_struct_conn.pdbx_ptnr1_PDB_ins_code 
_struct_conn.pdbx_ptnr1_standard_comp_id 
_struct_conn.ptnr1_symmetry 
_struct_conn.ptnr2_label_asym_id 
_struct_conn.ptnr2_label_comp_id 
_struct_conn.ptnr2_label_seq_id 
_struct_conn.ptnr2_label_atom_id 
_struct_conn.pdbx_ptnr2_label_alt_id 
_struct_conn.pdbx_ptnr2_PDB_ins_code 
_struct_conn.ptnr1_auth_asym_id 
_struct_conn.ptnr1_auth_comp_id 
_struct_conn.ptnr1_auth_seq_id 
_struct_conn.ptnr2_auth_asym_id 
_struct_conn.ptnr2_auth_comp_id 
_struct_conn.ptnr2_auth_seq_id 
_struct_conn.ptnr2_symmetry 
_struct_conn.pdbx_ptnr3_label_atom_id 
_struct_conn.pdbx_ptnr3_label_seq_id 
_struct_conn.pdbx_ptnr3_label_comp_id 
_struct_conn.pdbx_ptnr3_label_asym_id 
_struct_conn.pdbx_ptnr3_label_alt_id 
_struct_conn.pdbx_ptnr3_PDB_ins_code 
_struct_conn.details 
_struct_conn.pdbx_dist_value 
_struct_conn.pdbx_value_order 
_struct_conn.pdbx_role 
metalc1  metalc ? ? A HIS 11 NE2 ? ? ? 1_555 F ZN . ZN ? ? A HIS 53  A ZN 405 1_555 ? ? ? ? ? ? ? 2.144 ? ? 
metalc2  metalc ? ? A CYS 37 SG  ? ? ? 3_555 D ZN . ZN ? ? A CYS 79  A ZN 401 1_555 ? ? ? ? ? ? ? 2.405 ? ? 
metalc3  metalc ? ? A CYS 37 SG  ? ? ? 3_555 E ZN . ZN ? ? A CYS 79  A ZN 402 1_555 ? ? ? ? ? ? ? 2.401 ? ? 
metalc4  metalc ? ? A CYS 72 SG  ? ? ? 1_555 D ZN . ZN ? ? A CYS 114 A ZN 401 1_555 ? ? ? ? ? ? ? 2.415 ? ? 
metalc5  metalc ? ? A CYS 73 SG  ? ? ? 1_555 E ZN . ZN ? ? A CYS 115 A ZN 402 1_555 ? ? ? ? ? ? ? 2.282 ? ? 
metalc6  metalc ? ? A HIS 77 ND1 ? ? ? 1_555 E ZN . ZN ? ? A HIS 119 A ZN 402 1_555 ? ? ? ? ? ? ? 2.234 ? ? 
metalc7  metalc ? ? A CYS 82 SG  ? ? ? 1_555 D ZN . ZN ? ? A CYS 124 A ZN 401 1_555 ? ? ? ? ? ? ? 2.378 ? ? 
metalc8  metalc ? ? C SO4 .  O2  ? ? ? 1_555 D ZN . ZN ? ? A SO4 301 A ZN 401 1_555 ? ? ? ? ? ? ? 2.116 ? ? 
metalc9  metalc ? ? C SO4 .  O3  ? ? ? 1_555 E ZN . ZN ? ? A SO4 301 A ZN 402 1_555 ? ? ? ? ? ? ? 2.153 ? ? 
metalc10 metalc ? ? B CYS 37 SG  ? ? ? 3_657 H ZN . ZN ? ? B CYS 79  B ZN 403 1_555 ? ? ? ? ? ? ? 2.456 ? ? 
metalc11 metalc ? ? B CYS 37 SG  ? ? ? 3_657 I ZN . ZN ? ? B CYS 79  B ZN 404 1_555 ? ? ? ? ? ? ? 2.414 ? ? 
metalc12 metalc ? ? B CYS 72 SG  ? ? ? 1_555 H ZN . ZN ? ? B CYS 114 B ZN 403 1_555 ? ? ? ? ? ? ? 2.367 ? ? 
metalc13 metalc ? ? B CYS 73 SG  ? ? ? 1_555 I ZN . ZN ? ? B CYS 115 B ZN 404 1_555 ? ? ? ? ? ? ? 2.227 ? ? 
metalc14 metalc ? ? B HIS 77 ND1 ? ? ? 1_555 I ZN . ZN ? ? B HIS 119 B ZN 404 1_555 ? ? ? ? ? ? ? 2.286 ? ? 
metalc15 metalc ? ? B CYS 82 SG  ? ? ? 1_555 H ZN . ZN ? ? B CYS 124 B ZN 403 1_555 ? ? ? ? ? ? ? 2.435 ? ? 
metalc16 metalc ? ? G SO4 .  O1  ? ? ? 1_555 H ZN . ZN ? ? B SO4 302 B ZN 403 1_555 ? ? ? ? ? ? ? 2.147 ? ? 
metalc17 metalc ? ? G SO4 .  O3  ? ? ? 1_555 I ZN . ZN ? ? B SO4 302 B ZN 404 1_555 ? ? ? ? ? ? ? 2.181 ? ? 
# 
_struct_conn_type.id          metalc 
_struct_conn_type.criteria    ? 
_struct_conn_type.reference   ? 
# 
loop_
_pdbx_struct_conn_angle.id 
_pdbx_struct_conn_angle.ptnr1_label_atom_id 
_pdbx_struct_conn_angle.ptnr1_label_alt_id 
_pdbx_struct_conn_angle.ptnr1_label_asym_id 
_pdbx_struct_conn_angle.ptnr1_label_comp_id 
_pdbx_struct_conn_angle.ptnr1_label_seq_id 
_pdbx_struct_conn_angle.ptnr1_auth_atom_id 
_pdbx_struct_conn_angle.ptnr1_auth_asym_id 
_pdbx_struct_conn_angle.ptnr1_auth_comp_id 
_pdbx_struct_conn_angle.ptnr1_auth_seq_id 
_pdbx_struct_conn_angle.ptnr1_PDB_ins_code 
_pdbx_struct_conn_angle.ptnr1_symmetry 
_pdbx_struct_conn_angle.ptnr2_label_atom_id 
_pdbx_struct_conn_angle.ptnr2_label_alt_id 
_pdbx_struct_conn_angle.ptnr2_label_asym_id 
_pdbx_struct_conn_angle.ptnr2_label_comp_id 
_pdbx_struct_conn_angle.ptnr2_label_seq_id 
_pdbx_struct_conn_angle.ptnr2_auth_atom_id 
_pdbx_struct_conn_angle.ptnr2_auth_asym_id 
_pdbx_struct_conn_angle.ptnr2_auth_comp_id 
_pdbx_struct_conn_angle.ptnr2_auth_seq_id 
_pdbx_struct_conn_angle.ptnr2_PDB_ins_code 
_pdbx_struct_conn_angle.ptnr2_symmetry 
_pdbx_struct_conn_angle.ptnr3_label_atom_id 
_pdbx_struct_conn_angle.ptnr3_label_alt_id 
_pdbx_struct_conn_angle.ptnr3_label_asym_id 
_pdbx_struct_conn_angle.ptnr3_label_comp_id 
_pdbx_struct_conn_angle.ptnr3_label_seq_id 
_pdbx_struct_conn_angle.ptnr3_auth_atom_id 
_pdbx_struct_conn_angle.ptnr3_auth_asym_id 
_pdbx_struct_conn_angle.ptnr3_auth_comp_id 
_pdbx_struct_conn_angle.ptnr3_auth_seq_id 
_pdbx_struct_conn_angle.ptnr3_PDB_ins_code 
_pdbx_struct_conn_angle.ptnr3_symmetry 
_pdbx_struct_conn_angle.value 
_pdbx_struct_conn_angle.value_esd 
1  SG  ? A CYS 37 ? A CYS 79  ? 3_555 ZN ? D ZN . ? A ZN 401 ? 1_555 SG  ? A CYS 72 ? A CYS 114 ? 1_555 111.1 ? 
2  SG  ? A CYS 37 ? A CYS 79  ? 3_555 ZN ? D ZN . ? A ZN 401 ? 1_555 SG  ? A CYS 82 ? A CYS 124 ? 1_555 107.6 ? 
3  SG  ? A CYS 72 ? A CYS 114 ? 1_555 ZN ? D ZN . ? A ZN 401 ? 1_555 SG  ? A CYS 82 ? A CYS 124 ? 1_555 112.5 ? 
4  SG  ? A CYS 37 ? A CYS 79  ? 3_555 ZN ? D ZN . ? A ZN 401 ? 1_555 O2  ? C SO4 .  ? A SO4 301 ? 1_555 103.9 ? 
5  SG  ? A CYS 72 ? A CYS 114 ? 1_555 ZN ? D ZN . ? A ZN 401 ? 1_555 O2  ? C SO4 .  ? A SO4 301 ? 1_555 113.9 ? 
6  SG  ? A CYS 82 ? A CYS 124 ? 1_555 ZN ? D ZN . ? A ZN 401 ? 1_555 O2  ? C SO4 .  ? A SO4 301 ? 1_555 107.3 ? 
7  SG  ? A CYS 37 ? A CYS 79  ? 3_555 ZN ? E ZN . ? A ZN 402 ? 1_555 SG  ? A CYS 73 ? A CYS 115 ? 1_555 115.0 ? 
8  SG  ? A CYS 37 ? A CYS 79  ? 3_555 ZN ? E ZN . ? A ZN 402 ? 1_555 ND1 ? A HIS 77 ? A HIS 119 ? 1_555 106.0 ? 
9  SG  ? A CYS 73 ? A CYS 115 ? 1_555 ZN ? E ZN . ? A ZN 402 ? 1_555 ND1 ? A HIS 77 ? A HIS 119 ? 1_555 107.2 ? 
10 SG  ? A CYS 37 ? A CYS 79  ? 3_555 ZN ? E ZN . ? A ZN 402 ? 1_555 O3  ? C SO4 .  ? A SO4 301 ? 1_555 106.3 ? 
11 SG  ? A CYS 73 ? A CYS 115 ? 1_555 ZN ? E ZN . ? A ZN 402 ? 1_555 O3  ? C SO4 .  ? A SO4 301 ? 1_555 107.6 ? 
12 ND1 ? A HIS 77 ? A HIS 119 ? 1_555 ZN ? E ZN . ? A ZN 402 ? 1_555 O3  ? C SO4 .  ? A SO4 301 ? 1_555 115.0 ? 
13 SG  ? B CYS 37 ? B CYS 79  ? 3_657 ZN ? H ZN . ? B ZN 403 ? 1_555 SG  ? B CYS 72 ? B CYS 114 ? 1_555 109.3 ? 
14 SG  ? B CYS 37 ? B CYS 79  ? 3_657 ZN ? H ZN . ? B ZN 403 ? 1_555 SG  ? B CYS 82 ? B CYS 124 ? 1_555 107.1 ? 
15 SG  ? B CYS 72 ? B CYS 114 ? 1_555 ZN ? H ZN . ? B ZN 403 ? 1_555 SG  ? B CYS 82 ? B CYS 124 ? 1_555 112.7 ? 
16 SG  ? B CYS 37 ? B CYS 79  ? 3_657 ZN ? H ZN . ? B ZN 403 ? 1_555 O1  ? G SO4 .  ? B SO4 302 ? 1_555 107.1 ? 
17 SG  ? B CYS 72 ? B CYS 114 ? 1_555 ZN ? H ZN . ? B ZN 403 ? 1_555 O1  ? G SO4 .  ? B SO4 302 ? 1_555 113.5 ? 
18 SG  ? B CYS 82 ? B CYS 124 ? 1_555 ZN ? H ZN . ? B ZN 403 ? 1_555 O1  ? G SO4 .  ? B SO4 302 ? 1_555 106.8 ? 
19 SG  ? B CYS 37 ? B CYS 79  ? 3_657 ZN ? I ZN . ? B ZN 404 ? 1_555 SG  ? B CYS 73 ? B CYS 115 ? 1_555 114.7 ? 
20 SG  ? B CYS 37 ? B CYS 79  ? 3_657 ZN ? I ZN . ? B ZN 404 ? 1_555 ND1 ? B HIS 77 ? B HIS 119 ? 1_555 102.2 ? 
21 SG  ? B CYS 73 ? B CYS 115 ? 1_555 ZN ? I ZN . ? B ZN 404 ? 1_555 ND1 ? B HIS 77 ? B HIS 119 ? 1_555 112.7 ? 
22 SG  ? B CYS 37 ? B CYS 79  ? 3_657 ZN ? I ZN . ? B ZN 404 ? 1_555 O3  ? G SO4 .  ? B SO4 302 ? 1_555 105.2 ? 
23 SG  ? B CYS 73 ? B CYS 115 ? 1_555 ZN ? I ZN . ? B ZN 404 ? 1_555 O3  ? G SO4 .  ? B SO4 302 ? 1_555 108.0 ? 
24 ND1 ? B HIS 77 ? B HIS 119 ? 1_555 ZN ? I ZN . ? B ZN 404 ? 1_555 O3  ? G SO4 .  ? B SO4 302 ? 1_555 114.0 ? 
# 
loop_
_struct_site.id 
_struct_site.pdbx_evidence_code 
_struct_site.pdbx_auth_asym_id 
_struct_site.pdbx_auth_comp_id 
_struct_site.pdbx_auth_seq_id 
_struct_site.pdbx_auth_ins_code 
_struct_site.pdbx_num_residues 
_struct_site.details 
AC1 Software A SO4 301 ? 13 'BINDING SITE FOR RESIDUE SO4 A 301' 
AC2 Software B SO4 302 ? 13 'BINDING SITE FOR RESIDUE SO4 B 302' 
AC3 Software A ZN  401 ? 5  'BINDING SITE FOR RESIDUE ZN A 401'  
AC4 Software A ZN  402 ? 5  'BINDING SITE FOR RESIDUE ZN A 402'  
AC5 Software B ZN  403 ? 5  'BINDING SITE FOR RESIDUE ZN B 403'  
AC6 Software B ZN  404 ? 5  'BINDING SITE FOR RESIDUE ZN B 404'  
AC7 Software A ZN  405 ? 1  'BINDING SITE FOR RESIDUE ZN A 405'  
# 
loop_
_struct_site_gen.id 
_struct_site_gen.site_id 
_struct_site_gen.pdbx_num_res 
_struct_site_gen.label_comp_id 
_struct_site_gen.label_asym_id 
_struct_site_gen.label_seq_id 
_struct_site_gen.pdbx_auth_ins_code 
_struct_site_gen.auth_comp_id 
_struct_site_gen.auth_asym_id 
_struct_site_gen.auth_seq_id 
_struct_site_gen.label_atom_id 
_struct_site_gen.label_alt_id 
_struct_site_gen.symmetry 
_struct_site_gen.details 
1  AC1 13 CYS A 37 ? CYS A 79  . ? 3_555 ? 
2  AC1 13 ALA A 71 ? ALA A 113 . ? 1_555 ? 
3  AC1 13 CYS A 72 ? CYS A 114 . ? 1_555 ? 
4  AC1 13 CYS A 73 ? CYS A 115 . ? 1_555 ? 
5  AC1 13 HIS A 77 ? HIS A 119 . ? 1_555 ? 
6  AC1 13 TYR A 81 ? TYR A 123 . ? 1_555 ? 
7  AC1 13 CYS A 82 ? CYS A 124 . ? 1_555 ? 
8  AC1 13 SER A 83 ? SER A 125 . ? 1_555 ? 
9  AC1 13 ZN  D .  ? ZN  A 401 . ? 1_555 ? 
10 AC1 13 ZN  E .  ? ZN  A 402 . ? 1_555 ? 
11 AC1 13 HOH J .  ? HOH A 412 . ? 1_555 ? 
12 AC1 13 HOH J .  ? HOH A 417 . ? 1_555 ? 
13 AC1 13 HIS B 77 ? HIS B 119 . ? 1_555 ? 
14 AC2 13 HIS A 77 ? HIS A 119 . ? 1_555 ? 
15 AC2 13 HOH J .  ? HOH A 412 . ? 1_555 ? 
16 AC2 13 CYS B 37 ? CYS B 79  . ? 3_657 ? 
17 AC2 13 ALA B 71 ? ALA B 113 . ? 1_555 ? 
18 AC2 13 CYS B 72 ? CYS B 114 . ? 1_555 ? 
19 AC2 13 CYS B 73 ? CYS B 115 . ? 1_555 ? 
20 AC2 13 HIS B 77 ? HIS B 119 . ? 1_555 ? 
21 AC2 13 TYR B 81 ? TYR B 123 . ? 1_555 ? 
22 AC2 13 CYS B 82 ? CYS B 124 . ? 1_555 ? 
23 AC2 13 SER B 83 ? SER B 125 . ? 1_555 ? 
24 AC2 13 ZN  H .  ? ZN  B 403 . ? 1_555 ? 
25 AC2 13 ZN  I .  ? ZN  B 404 . ? 1_555 ? 
26 AC2 13 HOH K .  ? HOH B 434 . ? 1_555 ? 
27 AC3 5  CYS A 37 ? CYS A 79  . ? 3_555 ? 
28 AC3 5  CYS A 72 ? CYS A 114 . ? 1_555 ? 
29 AC3 5  CYS A 82 ? CYS A 124 . ? 1_555 ? 
30 AC3 5  SO4 C .  ? SO4 A 301 . ? 1_555 ? 
31 AC3 5  ZN  E .  ? ZN  A 402 . ? 1_555 ? 
32 AC4 5  CYS A 37 ? CYS A 79  . ? 3_555 ? 
33 AC4 5  CYS A 73 ? CYS A 115 . ? 1_555 ? 
34 AC4 5  HIS A 77 ? HIS A 119 . ? 1_555 ? 
35 AC4 5  SO4 C .  ? SO4 A 301 . ? 1_555 ? 
36 AC4 5  ZN  D .  ? ZN  A 401 . ? 1_555 ? 
37 AC5 5  CYS B 37 ? CYS B 79  . ? 3_657 ? 
38 AC5 5  CYS B 72 ? CYS B 114 . ? 1_555 ? 
39 AC5 5  CYS B 82 ? CYS B 124 . ? 1_555 ? 
40 AC5 5  SO4 G .  ? SO4 B 302 . ? 1_555 ? 
41 AC5 5  ZN  I .  ? ZN  B 404 . ? 1_555 ? 
42 AC6 5  CYS B 37 ? CYS B 79  . ? 3_657 ? 
43 AC6 5  CYS B 73 ? CYS B 115 . ? 1_555 ? 
44 AC6 5  HIS B 77 ? HIS B 119 . ? 1_555 ? 
45 AC6 5  SO4 G .  ? SO4 B 302 . ? 1_555 ? 
46 AC6 5  ZN  H .  ? ZN  B 403 . ? 1_555 ? 
47 AC7 1  HIS A 11 ? HIS A 53  . ? 1_555 ? 
# 
loop_
_pdbx_validate_torsion.id 
_pdbx_validate_torsion.PDB_model_num 
_pdbx_validate_torsion.auth_comp_id 
_pdbx_validate_torsion.auth_asym_id 
_pdbx_validate_torsion.auth_seq_id 
_pdbx_validate_torsion.PDB_ins_code 
_pdbx_validate_torsion.label_alt_id 
_pdbx_validate_torsion.phi 
_pdbx_validate_torsion.psi 
1 1 THR A 117 ? ? -113.54 -165.89 
2 1 THR B 117 ? ? -114.22 -164.50 
# 
loop_
_pdbx_unobs_or_zero_occ_residues.id 
_pdbx_unobs_or_zero_occ_residues.PDB_model_num 
_pdbx_unobs_or_zero_occ_residues.polymer_flag 
_pdbx_unobs_or_zero_occ_residues.occupancy_flag 
_pdbx_unobs_or_zero_occ_residues.auth_asym_id 
_pdbx_unobs_or_zero_occ_residues.auth_comp_id 
_pdbx_unobs_or_zero_occ_residues.auth_seq_id 
_pdbx_unobs_or_zero_occ_residues.PDB_ins_code 
_pdbx_unobs_or_zero_occ_residues.label_asym_id 
_pdbx_unobs_or_zero_occ_residues.label_comp_id 
_pdbx_unobs_or_zero_occ_residues.label_seq_id 
1  1 Y 1 A SER 43  ? A SER 1  
2  1 Y 1 A SER 135 ? A SER 93 
3  1 Y 1 A GLY 136 ? A GLY 94 
4  1 Y 1 A VAL 137 ? A VAL 95 
5  1 Y 1 A LYS 138 ? A LYS 96 
6  1 Y 1 A SER 139 ? A SER 97 
7  1 Y 1 A GLY 140 ? A GLY 98 
8  1 Y 1 A CYS 141 ? A CYS 99 
9  1 Y 1 B SER 43  ? B SER 1  
10 1 Y 1 B GLY 133 ? B GLY 91 
11 1 Y 1 B ALA 134 ? B ALA 92 
12 1 Y 1 B SER 135 ? B SER 93 
13 1 Y 1 B GLY 136 ? B GLY 94 
14 1 Y 1 B VAL 137 ? B VAL 95 
15 1 Y 1 B LYS 138 ? B LYS 96 
16 1 Y 1 B SER 139 ? B SER 97 
17 1 Y 1 B GLY 140 ? B GLY 98 
18 1 Y 1 B CYS 141 ? B CYS 99 
# 
loop_
_chem_comp_atom.comp_id 
_chem_comp_atom.atom_id 
_chem_comp_atom.type_symbol 
_chem_comp_atom.pdbx_aromatic_flag 
_chem_comp_atom.pdbx_stereo_config 
_chem_comp_atom.pdbx_ordinal 
ALA N    N  N N 1   
ALA CA   C  N S 2   
ALA C    C  N N 3   
ALA O    O  N N 4   
ALA CB   C  N N 5   
ALA OXT  O  N N 6   
ALA H    H  N N 7   
ALA H2   H  N N 8   
ALA HA   H  N N 9   
ALA HB1  H  N N 10  
ALA HB2  H  N N 11  
ALA HB3  H  N N 12  
ALA HXT  H  N N 13  
ARG N    N  N N 14  
ARG CA   C  N S 15  
ARG C    C  N N 16  
ARG O    O  N N 17  
ARG CB   C  N N 18  
ARG CG   C  N N 19  
ARG CD   C  N N 20  
ARG NE   N  N N 21  
ARG CZ   C  N N 22  
ARG NH1  N  N N 23  
ARG NH2  N  N N 24  
ARG OXT  O  N N 25  
ARG H    H  N N 26  
ARG H2   H  N N 27  
ARG HA   H  N N 28  
ARG HB2  H  N N 29  
ARG HB3  H  N N 30  
ARG HG2  H  N N 31  
ARG HG3  H  N N 32  
ARG HD2  H  N N 33  
ARG HD3  H  N N 34  
ARG HE   H  N N 35  
ARG HH11 H  N N 36  
ARG HH12 H  N N 37  
ARG HH21 H  N N 38  
ARG HH22 H  N N 39  
ARG HXT  H  N N 40  
ASN N    N  N N 41  
ASN CA   C  N S 42  
ASN C    C  N N 43  
ASN O    O  N N 44  
ASN CB   C  N N 45  
ASN CG   C  N N 46  
ASN OD1  O  N N 47  
ASN ND2  N  N N 48  
ASN OXT  O  N N 49  
ASN H    H  N N 50  
ASN H2   H  N N 51  
ASN HA   H  N N 52  
ASN HB2  H  N N 53  
ASN HB3  H  N N 54  
ASN HD21 H  N N 55  
ASN HD22 H  N N 56  
ASN HXT  H  N N 57  
ASP N    N  N N 58  
ASP CA   C  N S 59  
ASP C    C  N N 60  
ASP O    O  N N 61  
ASP CB   C  N N 62  
ASP CG   C  N N 63  
ASP OD1  O  N N 64  
ASP OD2  O  N N 65  
ASP OXT  O  N N 66  
ASP H    H  N N 67  
ASP H2   H  N N 68  
ASP HA   H  N N 69  
ASP HB2  H  N N 70  
ASP HB3  H  N N 71  
ASP HD2  H  N N 72  
ASP HXT  H  N N 73  
CYS N    N  N N 74  
CYS CA   C  N R 75  
CYS C    C  N N 76  
CYS O    O  N N 77  
CYS CB   C  N N 78  
CYS SG   S  N N 79  
CYS OXT  O  N N 80  
CYS H    H  N N 81  
CYS H2   H  N N 82  
CYS HA   H  N N 83  
CYS HB2  H  N N 84  
CYS HB3  H  N N 85  
CYS HG   H  N N 86  
CYS HXT  H  N N 87  
GLN N    N  N N 88  
GLN CA   C  N S 89  
GLN C    C  N N 90  
GLN O    O  N N 91  
GLN CB   C  N N 92  
GLN CG   C  N N 93  
GLN CD   C  N N 94  
GLN OE1  O  N N 95  
GLN NE2  N  N N 96  
GLN OXT  O  N N 97  
GLN H    H  N N 98  
GLN H2   H  N N 99  
GLN HA   H  N N 100 
GLN HB2  H  N N 101 
GLN HB3  H  N N 102 
GLN HG2  H  N N 103 
GLN HG3  H  N N 104 
GLN HE21 H  N N 105 
GLN HE22 H  N N 106 
GLN HXT  H  N N 107 
GLU N    N  N N 108 
GLU CA   C  N S 109 
GLU C    C  N N 110 
GLU O    O  N N 111 
GLU CB   C  N N 112 
GLU CG   C  N N 113 
GLU CD   C  N N 114 
GLU OE1  O  N N 115 
GLU OE2  O  N N 116 
GLU OXT  O  N N 117 
GLU H    H  N N 118 
GLU H2   H  N N 119 
GLU HA   H  N N 120 
GLU HB2  H  N N 121 
GLU HB3  H  N N 122 
GLU HG2  H  N N 123 
GLU HG3  H  N N 124 
GLU HE2  H  N N 125 
GLU HXT  H  N N 126 
GLY N    N  N N 127 
GLY CA   C  N N 128 
GLY C    C  N N 129 
GLY O    O  N N 130 
GLY OXT  O  N N 131 
GLY H    H  N N 132 
GLY H2   H  N N 133 
GLY HA2  H  N N 134 
GLY HA3  H  N N 135 
GLY HXT  H  N N 136 
HIS N    N  N N 137 
HIS CA   C  N S 138 
HIS C    C  N N 139 
HIS O    O  N N 140 
HIS CB   C  N N 141 
HIS CG   C  Y N 142 
HIS ND1  N  Y N 143 
HIS CD2  C  Y N 144 
HIS CE1  C  Y N 145 
HIS NE2  N  Y N 146 
HIS OXT  O  N N 147 
HIS H    H  N N 148 
HIS H2   H  N N 149 
HIS HA   H  N N 150 
HIS HB2  H  N N 151 
HIS HB3  H  N N 152 
HIS HD1  H  N N 153 
HIS HD2  H  N N 154 
HIS HE1  H  N N 155 
HIS HE2  H  N N 156 
HIS HXT  H  N N 157 
HOH O    O  N N 158 
HOH H1   H  N N 159 
HOH H2   H  N N 160 
ILE N    N  N N 161 
ILE CA   C  N S 162 
ILE C    C  N N 163 
ILE O    O  N N 164 
ILE CB   C  N S 165 
ILE CG1  C  N N 166 
ILE CG2  C  N N 167 
ILE CD1  C  N N 168 
ILE OXT  O  N N 169 
ILE H    H  N N 170 
ILE H2   H  N N 171 
ILE HA   H  N N 172 
ILE HB   H  N N 173 
ILE HG12 H  N N 174 
ILE HG13 H  N N 175 
ILE HG21 H  N N 176 
ILE HG22 H  N N 177 
ILE HG23 H  N N 178 
ILE HD11 H  N N 179 
ILE HD12 H  N N 180 
ILE HD13 H  N N 181 
ILE HXT  H  N N 182 
LEU N    N  N N 183 
LEU CA   C  N S 184 
LEU C    C  N N 185 
LEU O    O  N N 186 
LEU CB   C  N N 187 
LEU CG   C  N N 188 
LEU CD1  C  N N 189 
LEU CD2  C  N N 190 
LEU OXT  O  N N 191 
LEU H    H  N N 192 
LEU H2   H  N N 193 
LEU HA   H  N N 194 
LEU HB2  H  N N 195 
LEU HB3  H  N N 196 
LEU HG   H  N N 197 
LEU HD11 H  N N 198 
LEU HD12 H  N N 199 
LEU HD13 H  N N 200 
LEU HD21 H  N N 201 
LEU HD22 H  N N 202 
LEU HD23 H  N N 203 
LEU HXT  H  N N 204 
LYS N    N  N N 205 
LYS CA   C  N S 206 
LYS C    C  N N 207 
LYS O    O  N N 208 
LYS CB   C  N N 209 
LYS CG   C  N N 210 
LYS CD   C  N N 211 
LYS CE   C  N N 212 
LYS NZ   N  N N 213 
LYS OXT  O  N N 214 
LYS H    H  N N 215 
LYS H2   H  N N 216 
LYS HA   H  N N 217 
LYS HB2  H  N N 218 
LYS HB3  H  N N 219 
LYS HG2  H  N N 220 
LYS HG3  H  N N 221 
LYS HD2  H  N N 222 
LYS HD3  H  N N 223 
LYS HE2  H  N N 224 
LYS HE3  H  N N 225 
LYS HZ1  H  N N 226 
LYS HZ2  H  N N 227 
LYS HZ3  H  N N 228 
LYS HXT  H  N N 229 
MET N    N  N N 230 
MET CA   C  N S 231 
MET C    C  N N 232 
MET O    O  N N 233 
MET CB   C  N N 234 
MET CG   C  N N 235 
MET SD   S  N N 236 
MET CE   C  N N 237 
MET OXT  O  N N 238 
MET H    H  N N 239 
MET H2   H  N N 240 
MET HA   H  N N 241 
MET HB2  H  N N 242 
MET HB3  H  N N 243 
MET HG2  H  N N 244 
MET HG3  H  N N 245 
MET HE1  H  N N 246 
MET HE2  H  N N 247 
MET HE3  H  N N 248 
MET HXT  H  N N 249 
PHE N    N  N N 250 
PHE CA   C  N S 251 
PHE C    C  N N 252 
PHE O    O  N N 253 
PHE CB   C  N N 254 
PHE CG   C  Y N 255 
PHE CD1  C  Y N 256 
PHE CD2  C  Y N 257 
PHE CE1  C  Y N 258 
PHE CE2  C  Y N 259 
PHE CZ   C  Y N 260 
PHE OXT  O  N N 261 
PHE H    H  N N 262 
PHE H2   H  N N 263 
PHE HA   H  N N 264 
PHE HB2  H  N N 265 
PHE HB3  H  N N 266 
PHE HD1  H  N N 267 
PHE HD2  H  N N 268 
PHE HE1  H  N N 269 
PHE HE2  H  N N 270 
PHE HZ   H  N N 271 
PHE HXT  H  N N 272 
PRO N    N  N N 273 
PRO CA   C  N S 274 
PRO C    C  N N 275 
PRO O    O  N N 276 
PRO CB   C  N N 277 
PRO CG   C  N N 278 
PRO CD   C  N N 279 
PRO OXT  O  N N 280 
PRO H    H  N N 281 
PRO HA   H  N N 282 
PRO HB2  H  N N 283 
PRO HB3  H  N N 284 
PRO HG2  H  N N 285 
PRO HG3  H  N N 286 
PRO HD2  H  N N 287 
PRO HD3  H  N N 288 
PRO HXT  H  N N 289 
SER N    N  N N 290 
SER CA   C  N S 291 
SER C    C  N N 292 
SER O    O  N N 293 
SER CB   C  N N 294 
SER OG   O  N N 295 
SER OXT  O  N N 296 
SER H    H  N N 297 
SER H2   H  N N 298 
SER HA   H  N N 299 
SER HB2  H  N N 300 
SER HB3  H  N N 301 
SER HG   H  N N 302 
SER HXT  H  N N 303 
SO4 S    S  N N 304 
SO4 O1   O  N N 305 
SO4 O2   O  N N 306 
SO4 O3   O  N N 307 
SO4 O4   O  N N 308 
THR N    N  N N 309 
THR CA   C  N S 310 
THR C    C  N N 311 
THR O    O  N N 312 
THR CB   C  N R 313 
THR OG1  O  N N 314 
THR CG2  C  N N 315 
THR OXT  O  N N 316 
THR H    H  N N 317 
THR H2   H  N N 318 
THR HA   H  N N 319 
THR HB   H  N N 320 
THR HG1  H  N N 321 
THR HG21 H  N N 322 
THR HG22 H  N N 323 
THR HG23 H  N N 324 
THR HXT  H  N N 325 
TYR N    N  N N 326 
TYR CA   C  N S 327 
TYR C    C  N N 328 
TYR O    O  N N 329 
TYR CB   C  N N 330 
TYR CG   C  Y N 331 
TYR CD1  C  Y N 332 
TYR CD2  C  Y N 333 
TYR CE1  C  Y N 334 
TYR CE2  C  Y N 335 
TYR CZ   C  Y N 336 
TYR OH   O  N N 337 
TYR OXT  O  N N 338 
TYR H    H  N N 339 
TYR H2   H  N N 340 
TYR HA   H  N N 341 
TYR HB2  H  N N 342 
TYR HB3  H  N N 343 
TYR HD1  H  N N 344 
TYR HD2  H  N N 345 
TYR HE1  H  N N 346 
TYR HE2  H  N N 347 
TYR HH   H  N N 348 
TYR HXT  H  N N 349 
VAL N    N  N N 350 
VAL CA   C  N S 351 
VAL C    C  N N 352 
VAL O    O  N N 353 
VAL CB   C  N N 354 
VAL CG1  C  N N 355 
VAL CG2  C  N N 356 
VAL OXT  O  N N 357 
VAL H    H  N N 358 
VAL H2   H  N N 359 
VAL HA   H  N N 360 
VAL HB   H  N N 361 
VAL HG11 H  N N 362 
VAL HG12 H  N N 363 
VAL HG13 H  N N 364 
VAL HG21 H  N N 365 
VAL HG22 H  N N 366 
VAL HG23 H  N N 367 
VAL HXT  H  N N 368 
ZN  ZN   ZN N N 369 
# 
loop_
_chem_comp_bond.comp_id 
_chem_comp_bond.atom_id_1 
_chem_comp_bond.atom_id_2 
_chem_comp_bond.value_order 
_chem_comp_bond.pdbx_aromatic_flag 
_chem_comp_bond.pdbx_stereo_config 
_chem_comp_bond.pdbx_ordinal 
ALA N   CA   sing N N 1   
ALA N   H    sing N N 2   
ALA N   H2   sing N N 3   
ALA CA  C    sing N N 4   
ALA CA  CB   sing N N 5   
ALA CA  HA   sing N N 6   
ALA C   O    doub N N 7   
ALA C   OXT  sing N N 8   
ALA CB  HB1  sing N N 9   
ALA CB  HB2  sing N N 10  
ALA CB  HB3  sing N N 11  
ALA OXT HXT  sing N N 12  
ARG N   CA   sing N N 13  
ARG N   H    sing N N 14  
ARG N   H2   sing N N 15  
ARG CA  C    sing N N 16  
ARG CA  CB   sing N N 17  
ARG CA  HA   sing N N 18  
ARG C   O    doub N N 19  
ARG C   OXT  sing N N 20  
ARG CB  CG   sing N N 21  
ARG CB  HB2  sing N N 22  
ARG CB  HB3  sing N N 23  
ARG CG  CD   sing N N 24  
ARG CG  HG2  sing N N 25  
ARG CG  HG3  sing N N 26  
ARG CD  NE   sing N N 27  
ARG CD  HD2  sing N N 28  
ARG CD  HD3  sing N N 29  
ARG NE  CZ   sing N N 30  
ARG NE  HE   sing N N 31  
ARG CZ  NH1  sing N N 32  
ARG CZ  NH2  doub N N 33  
ARG NH1 HH11 sing N N 34  
ARG NH1 HH12 sing N N 35  
ARG NH2 HH21 sing N N 36  
ARG NH2 HH22 sing N N 37  
ARG OXT HXT  sing N N 38  
ASN N   CA   sing N N 39  
ASN N   H    sing N N 40  
ASN N   H2   sing N N 41  
ASN CA  C    sing N N 42  
ASN CA  CB   sing N N 43  
ASN CA  HA   sing N N 44  
ASN C   O    doub N N 45  
ASN C   OXT  sing N N 46  
ASN CB  CG   sing N N 47  
ASN CB  HB2  sing N N 48  
ASN CB  HB3  sing N N 49  
ASN CG  OD1  doub N N 50  
ASN CG  ND2  sing N N 51  
ASN ND2 HD21 sing N N 52  
ASN ND2 HD22 sing N N 53  
ASN OXT HXT  sing N N 54  
ASP N   CA   sing N N 55  
ASP N   H    sing N N 56  
ASP N   H2   sing N N 57  
ASP CA  C    sing N N 58  
ASP CA  CB   sing N N 59  
ASP CA  HA   sing N N 60  
ASP C   O    doub N N 61  
ASP C   OXT  sing N N 62  
ASP CB  CG   sing N N 63  
ASP CB  HB2  sing N N 64  
ASP CB  HB3  sing N N 65  
ASP CG  OD1  doub N N 66  
ASP CG  OD2  sing N N 67  
ASP OD2 HD2  sing N N 68  
ASP OXT HXT  sing N N 69  
CYS N   CA   sing N N 70  
CYS N   H    sing N N 71  
CYS N   H2   sing N N 72  
CYS CA  C    sing N N 73  
CYS CA  CB   sing N N 74  
CYS CA  HA   sing N N 75  
CYS C   O    doub N N 76  
CYS C   OXT  sing N N 77  
CYS CB  SG   sing N N 78  
CYS CB  HB2  sing N N 79  
CYS CB  HB3  sing N N 80  
CYS SG  HG   sing N N 81  
CYS OXT HXT  sing N N 82  
GLN N   CA   sing N N 83  
GLN N   H    sing N N 84  
GLN N   H2   sing N N 85  
GLN CA  C    sing N N 86  
GLN CA  CB   sing N N 87  
GLN CA  HA   sing N N 88  
GLN C   O    doub N N 89  
GLN C   OXT  sing N N 90  
GLN CB  CG   sing N N 91  
GLN CB  HB2  sing N N 92  
GLN CB  HB3  sing N N 93  
GLN CG  CD   sing N N 94  
GLN CG  HG2  sing N N 95  
GLN CG  HG3  sing N N 96  
GLN CD  OE1  doub N N 97  
GLN CD  NE2  sing N N 98  
GLN NE2 HE21 sing N N 99  
GLN NE2 HE22 sing N N 100 
GLN OXT HXT  sing N N 101 
GLU N   CA   sing N N 102 
GLU N   H    sing N N 103 
GLU N   H2   sing N N 104 
GLU CA  C    sing N N 105 
GLU CA  CB   sing N N 106 
GLU CA  HA   sing N N 107 
GLU C   O    doub N N 108 
GLU C   OXT  sing N N 109 
GLU CB  CG   sing N N 110 
GLU CB  HB2  sing N N 111 
GLU CB  HB3  sing N N 112 
GLU CG  CD   sing N N 113 
GLU CG  HG2  sing N N 114 
GLU CG  HG3  sing N N 115 
GLU CD  OE1  doub N N 116 
GLU CD  OE2  sing N N 117 
GLU OE2 HE2  sing N N 118 
GLU OXT HXT  sing N N 119 
GLY N   CA   sing N N 120 
GLY N   H    sing N N 121 
GLY N   H2   sing N N 122 
GLY CA  C    sing N N 123 
GLY CA  HA2  sing N N 124 
GLY CA  HA3  sing N N 125 
GLY C   O    doub N N 126 
GLY C   OXT  sing N N 127 
GLY OXT HXT  sing N N 128 
HIS N   CA   sing N N 129 
HIS N   H    sing N N 130 
HIS N   H2   sing N N 131 
HIS CA  C    sing N N 132 
HIS CA  CB   sing N N 133 
HIS CA  HA   sing N N 134 
HIS C   O    doub N N 135 
HIS C   OXT  sing N N 136 
HIS CB  CG   sing N N 137 
HIS CB  HB2  sing N N 138 
HIS CB  HB3  sing N N 139 
HIS CG  ND1  sing Y N 140 
HIS CG  CD2  doub Y N 141 
HIS ND1 CE1  doub Y N 142 
HIS ND1 HD1  sing N N 143 
HIS CD2 NE2  sing Y N 144 
HIS CD2 HD2  sing N N 145 
HIS CE1 NE2  sing Y N 146 
HIS CE1 HE1  sing N N 147 
HIS NE2 HE2  sing N N 148 
HIS OXT HXT  sing N N 149 
HOH O   H1   sing N N 150 
HOH O   H2   sing N N 151 
ILE N   CA   sing N N 152 
ILE N   H    sing N N 153 
ILE N   H2   sing N N 154 
ILE CA  C    sing N N 155 
ILE CA  CB   sing N N 156 
ILE CA  HA   sing N N 157 
ILE C   O    doub N N 158 
ILE C   OXT  sing N N 159 
ILE CB  CG1  sing N N 160 
ILE CB  CG2  sing N N 161 
ILE CB  HB   sing N N 162 
ILE CG1 CD1  sing N N 163 
ILE CG1 HG12 sing N N 164 
ILE CG1 HG13 sing N N 165 
ILE CG2 HG21 sing N N 166 
ILE CG2 HG22 sing N N 167 
ILE CG2 HG23 sing N N 168 
ILE CD1 HD11 sing N N 169 
ILE CD1 HD12 sing N N 170 
ILE CD1 HD13 sing N N 171 
ILE OXT HXT  sing N N 172 
LEU N   CA   sing N N 173 
LEU N   H    sing N N 174 
LEU N   H2   sing N N 175 
LEU CA  C    sing N N 176 
LEU CA  CB   sing N N 177 
LEU CA  HA   sing N N 178 
LEU C   O    doub N N 179 
LEU C   OXT  sing N N 180 
LEU CB  CG   sing N N 181 
LEU CB  HB2  sing N N 182 
LEU CB  HB3  sing N N 183 
LEU CG  CD1  sing N N 184 
LEU CG  CD2  sing N N 185 
LEU CG  HG   sing N N 186 
LEU CD1 HD11 sing N N 187 
LEU CD1 HD12 sing N N 188 
LEU CD1 HD13 sing N N 189 
LEU CD2 HD21 sing N N 190 
LEU CD2 HD22 sing N N 191 
LEU CD2 HD23 sing N N 192 
LEU OXT HXT  sing N N 193 
LYS N   CA   sing N N 194 
LYS N   H    sing N N 195 
LYS N   H2   sing N N 196 
LYS CA  C    sing N N 197 
LYS CA  CB   sing N N 198 
LYS CA  HA   sing N N 199 
LYS C   O    doub N N 200 
LYS C   OXT  sing N N 201 
LYS CB  CG   sing N N 202 
LYS CB  HB2  sing N N 203 
LYS CB  HB3  sing N N 204 
LYS CG  CD   sing N N 205 
LYS CG  HG2  sing N N 206 
LYS CG  HG3  sing N N 207 
LYS CD  CE   sing N N 208 
LYS CD  HD2  sing N N 209 
LYS CD  HD3  sing N N 210 
LYS CE  NZ   sing N N 211 
LYS CE  HE2  sing N N 212 
LYS CE  HE3  sing N N 213 
LYS NZ  HZ1  sing N N 214 
LYS NZ  HZ2  sing N N 215 
LYS NZ  HZ3  sing N N 216 
LYS OXT HXT  sing N N 217 
MET N   CA   sing N N 218 
MET N   H    sing N N 219 
MET N   H2   sing N N 220 
MET CA  C    sing N N 221 
MET CA  CB   sing N N 222 
MET CA  HA   sing N N 223 
MET C   O    doub N N 224 
MET C   OXT  sing N N 225 
MET CB  CG   sing N N 226 
MET CB  HB2  sing N N 227 
MET CB  HB3  sing N N 228 
MET CG  SD   sing N N 229 
MET CG  HG2  sing N N 230 
MET CG  HG3  sing N N 231 
MET SD  CE   sing N N 232 
MET CE  HE1  sing N N 233 
MET CE  HE2  sing N N 234 
MET CE  HE3  sing N N 235 
MET OXT HXT  sing N N 236 
PHE N   CA   sing N N 237 
PHE N   H    sing N N 238 
PHE N   H2   sing N N 239 
PHE CA  C    sing N N 240 
PHE CA  CB   sing N N 241 
PHE CA  HA   sing N N 242 
PHE C   O    doub N N 243 
PHE C   OXT  sing N N 244 
PHE CB  CG   sing N N 245 
PHE CB  HB2  sing N N 246 
PHE CB  HB3  sing N N 247 
PHE CG  CD1  doub Y N 248 
PHE CG  CD2  sing Y N 249 
PHE CD1 CE1  sing Y N 250 
PHE CD1 HD1  sing N N 251 
PHE CD2 CE2  doub Y N 252 
PHE CD2 HD2  sing N N 253 
PHE CE1 CZ   doub Y N 254 
PHE CE1 HE1  sing N N 255 
PHE CE2 CZ   sing Y N 256 
PHE CE2 HE2  sing N N 257 
PHE CZ  HZ   sing N N 258 
PHE OXT HXT  sing N N 259 
PRO N   CA   sing N N 260 
PRO N   CD   sing N N 261 
PRO N   H    sing N N 262 
PRO CA  C    sing N N 263 
PRO CA  CB   sing N N 264 
PRO CA  HA   sing N N 265 
PRO C   O    doub N N 266 
PRO C   OXT  sing N N 267 
PRO CB  CG   sing N N 268 
PRO CB  HB2  sing N N 269 
PRO CB  HB3  sing N N 270 
PRO CG  CD   sing N N 271 
PRO CG  HG2  sing N N 272 
PRO CG  HG3  sing N N 273 
PRO CD  HD2  sing N N 274 
PRO CD  HD3  sing N N 275 
PRO OXT HXT  sing N N 276 
SER N   CA   sing N N 277 
SER N   H    sing N N 278 
SER N   H2   sing N N 279 
SER CA  C    sing N N 280 
SER CA  CB   sing N N 281 
SER CA  HA   sing N N 282 
SER C   O    doub N N 283 
SER C   OXT  sing N N 284 
SER CB  OG   sing N N 285 
SER CB  HB2  sing N N 286 
SER CB  HB3  sing N N 287 
SER OG  HG   sing N N 288 
SER OXT HXT  sing N N 289 
SO4 S   O1   doub N N 290 
SO4 S   O2   doub N N 291 
SO4 S   O3   sing N N 292 
SO4 S   O4   sing N N 293 
THR N   CA   sing N N 294 
THR N   H    sing N N 295 
THR N   H2   sing N N 296 
THR CA  C    sing N N 297 
THR CA  CB   sing N N 298 
THR CA  HA   sing N N 299 
THR C   O    doub N N 300 
THR C   OXT  sing N N 301 
THR CB  OG1  sing N N 302 
THR CB  CG2  sing N N 303 
THR CB  HB   sing N N 304 
THR OG1 HG1  sing N N 305 
THR CG2 HG21 sing N N 306 
THR CG2 HG22 sing N N 307 
THR CG2 HG23 sing N N 308 
THR OXT HXT  sing N N 309 
TYR N   CA   sing N N 310 
TYR N   H    sing N N 311 
TYR N   H2   sing N N 312 
TYR CA  C    sing N N 313 
TYR CA  CB   sing N N 314 
TYR CA  HA   sing N N 315 
TYR C   O    doub N N 316 
TYR C   OXT  sing N N 317 
TYR CB  CG   sing N N 318 
TYR CB  HB2  sing N N 319 
TYR CB  HB3  sing N N 320 
TYR CG  CD1  doub Y N 321 
TYR CG  CD2  sing Y N 322 
TYR CD1 CE1  sing Y N 323 
TYR CD1 HD1  sing N N 324 
TYR CD2 CE2  doub Y N 325 
TYR CD2 HD2  sing N N 326 
TYR CE1 CZ   doub Y N 327 
TYR CE1 HE1  sing N N 328 
TYR CE2 CZ   sing Y N 329 
TYR CE2 HE2  sing N N 330 
TYR CZ  OH   sing N N 331 
TYR OH  HH   sing N N 332 
TYR OXT HXT  sing N N 333 
VAL N   CA   sing N N 334 
VAL N   H    sing N N 335 
VAL N   H2   sing N N 336 
VAL CA  C    sing N N 337 
VAL CA  CB   sing N N 338 
VAL CA  HA   sing N N 339 
VAL C   O    doub N N 340 
VAL C   OXT  sing N N 341 
VAL CB  CG1  sing N N 342 
VAL CB  CG2  sing N N 343 
VAL CB  HB   sing N N 344 
VAL CG1 HG11 sing N N 345 
VAL CG1 HG12 sing N N 346 
VAL CG1 HG13 sing N N 347 
VAL CG2 HG21 sing N N 348 
VAL CG2 HG22 sing N N 349 
VAL CG2 HG23 sing N N 350 
VAL OXT HXT  sing N N 351 
# 
_pdbx_initial_refinement_model.accession_code   ? 
_pdbx_initial_refinement_model.id               1 
_pdbx_initial_refinement_model.entity_id_list   ? 
_pdbx_initial_refinement_model.type             'experimental model' 
_pdbx_initial_refinement_model.source_name      Other 
_pdbx_initial_refinement_model.details          'ZntR in P212121 crystal form' 
# 
_atom_sites.entry_id                    1Q0A 
_atom_sites.fract_transf_matrix[1][1]   -0.00371482 
_atom_sites.fract_transf_matrix[1][2]   -0.00992541 
_atom_sites.fract_transf_matrix[1][3]   0.00521403 
_atom_sites.fract_transf_matrix[2][1]   0.00426984 
_atom_sites.fract_transf_matrix[2][2]   0.00049278 
_atom_sites.fract_transf_matrix[2][3]   0.00398017 
_atom_sites.fract_transf_matrix[3][1]   -0.01440726 
_atom_sites.fract_transf_matrix[3][2]   0.01268642 
_atom_sites.fract_transf_matrix[3][3]   0.01388512 
_atom_sites.fract_transf_vector[1]      0.243557 
_atom_sites.fract_transf_vector[2]      0.374583 
_atom_sites.fract_transf_vector[3]      0.508403 
# 
loop_
_atom_type.symbol 
C  
N  
O  
S  
ZN 
# 
loop_
_atom_site.group_PDB 
_atom_site.id 
_atom_site.type_symbol 
_atom_site.label_atom_id 
_atom_site.label_alt_id 
_atom_site.label_comp_id 
_atom_site.label_asym_id 
_atom_site.label_entity_id 
_atom_site.label_seq_id 
_atom_site.pdbx_PDB_ins_code 
_atom_site.Cartn_x 
_atom_site.Cartn_y 
_atom_site.Cartn_z 
_atom_site.occupancy 
_atom_site.B_iso_or_equiv 
_atom_site.pdbx_formal_charge 
_atom_site.auth_seq_id 
_atom_site.auth_comp_id 
_atom_site.auth_asym_id 
_atom_site.auth_atom_id 
_atom_site.pdbx_PDB_model_num 
ATOM   1    N  N   . ASP A 1 2  ? 24.620  -2.095  -56.404 1.00 46.61 ? 44  ASP A N   1 
ATOM   2    C  CA  . ASP A 1 2  ? 23.241  -2.515  -56.022 1.00 44.13 ? 44  ASP A CA  1 
ATOM   3    C  C   . ASP A 1 2  ? 23.243  -3.095  -54.612 1.00 41.93 ? 44  ASP A C   1 
ATOM   4    O  O   . ASP A 1 2  ? 22.611  -2.548  -53.711 1.00 40.97 ? 44  ASP A O   1 
ATOM   5    C  CB  . ASP A 1 2  ? 22.715  -3.563  -57.007 1.00 47.70 ? 44  ASP A CB  1 
ATOM   6    C  CG  . ASP A 1 2  ? 21.326  -3.228  -57.525 1.00 50.36 ? 44  ASP A CG  1 
ATOM   7    O  OD1 . ASP A 1 2  ? 20.418  -3.001  -56.696 1.00 51.95 ? 44  ASP A OD1 1 
ATOM   8    O  OD2 . ASP A 1 2  ? 21.145  -3.193  -58.762 1.00 51.94 ? 44  ASP A OD2 1 
ATOM   9    N  N   . LEU A 1 3  ? 23.960  -4.197  -54.421 1.00 39.05 ? 45  LEU A N   1 
ATOM   10   C  CA  . LEU A 1 3  ? 24.028  -4.832  -53.111 1.00 37.00 ? 45  LEU A CA  1 
ATOM   11   C  C   . LEU A 1 3  ? 24.732  -3.928  -52.105 1.00 35.24 ? 45  LEU A C   1 
ATOM   12   O  O   . LEU A 1 3  ? 24.372  -3.893  -50.925 1.00 34.22 ? 45  LEU A O   1 
ATOM   13   C  CB  . LEU A 1 3  ? 24.764  -6.170  -53.207 1.00 37.98 ? 45  LEU A CB  1 
ATOM   14   C  CG  . LEU A 1 3  ? 24.196  -7.182  -54.209 1.00 39.64 ? 45  LEU A CG  1 
ATOM   15   C  CD1 . LEU A 1 3  ? 25.033  -8.452  -54.181 1.00 40.65 ? 45  LEU A CD1 1 
ATOM   16   C  CD2 . LEU A 1 3  ? 22.741  -7.489  -53.875 1.00 40.03 ? 45  LEU A CD2 1 
ATOM   17   N  N   . GLN A 1 4  ? 25.736  -3.194  -52.576 1.00 32.14 ? 46  GLN A N   1 
ATOM   18   C  CA  . GLN A 1 4  ? 26.484  -2.294  -51.711 1.00 30.68 ? 46  GLN A CA  1 
ATOM   19   C  C   . GLN A 1 4  ? 25.578  -1.156  -51.263 1.00 27.97 ? 46  GLN A C   1 
ATOM   20   O  O   . GLN A 1 4  ? 25.691  -0.665  -50.139 1.00 28.60 ? 46  GLN A O   1 
ATOM   21   C  CB  . GLN A 1 4  ? 27.709  -1.745  -52.449 1.00 32.14 ? 46  GLN A CB  1 
ATOM   22   C  CG  . GLN A 1 4  ? 28.608  -0.870  -51.589 1.00 35.48 ? 46  GLN A CG  1 
ATOM   23   C  CD  . GLN A 1 4  ? 29.009  -1.536  -50.282 1.00 37.01 ? 46  GLN A CD  1 
ATOM   24   O  OE1 . GLN A 1 4  ? 29.600  -2.620  -50.274 1.00 37.97 ? 46  GLN A OE1 1 
ATOM   25   N  NE2 . GLN A 1 4  ? 28.690  -0.886  -49.167 1.00 36.36 ? 46  GLN A NE2 1 
ATOM   26   N  N   . ARG A 1 5  ? 24.679  -0.739  -52.147 1.00 26.07 ? 47  ARG A N   1 
ATOM   27   C  CA  . ARG A 1 5  ? 23.741  0.327   -51.830 1.00 25.12 ? 47  ARG A CA  1 
ATOM   28   C  C   . ARG A 1 5  ? 22.786  -0.170  -50.748 1.00 25.11 ? 47  ARG A C   1 
ATOM   29   O  O   . ARG A 1 5  ? 22.394  0.576   -49.844 1.00 20.56 ? 47  ARG A O   1 
ATOM   30   C  CB  . ARG A 1 5  ? 22.952  0.722   -53.081 1.00 23.80 ? 47  ARG A CB  1 
ATOM   31   C  CG  . ARG A 1 5  ? 21.856  1.740   -52.823 1.00 25.31 ? 47  ARG A CG  1 
ATOM   32   C  CD  . ARG A 1 5  ? 21.217  2.221   -54.118 1.00 26.76 ? 47  ARG A CD  1 
ATOM   33   N  NE  . ARG A 1 5  ? 20.068  3.082   -53.861 1.00 26.48 ? 47  ARG A NE  1 
ATOM   34   C  CZ  . ARG A 1 5  ? 18.900  2.654   -53.391 1.00 27.61 ? 47  ARG A CZ  1 
ATOM   35   N  NH1 . ARG A 1 5  ? 18.714  1.366   -53.130 1.00 26.64 ? 47  ARG A NH1 1 
ATOM   36   N  NH2 . ARG A 1 5  ? 17.921  3.517   -53.165 1.00 25.59 ? 47  ARG A NH2 1 
ATOM   37   N  N   . LEU A 1 6  ? 22.415  -1.440  -50.851 1.00 24.41 ? 48  LEU A N   1 
ATOM   38   C  CA  . LEU A 1 6  ? 21.517  -2.050  -49.882 1.00 25.50 ? 48  LEU A CA  1 
ATOM   39   C  C   . LEU A 1 6  ? 22.166  -2.083  -48.502 1.00 24.56 ? 48  LEU A C   1 
ATOM   40   O  O   . LEU A 1 6  ? 21.508  -1.797  -47.502 1.00 26.09 ? 48  LEU A O   1 
ATOM   41   C  CB  . LEU A 1 6  ? 21.147  -3.465  -50.338 1.00 27.10 ? 48  LEU A CB  1 
ATOM   42   C  CG  . LEU A 1 6  ? 19.770  -3.681  -50.980 1.00 29.02 ? 48  LEU A CG  1 
ATOM   43   C  CD1 . LEU A 1 6  ? 19.323  -2.457  -51.758 1.00 29.62 ? 48  LEU A CD1 1 
ATOM   44   C  CD2 . LEU A 1 6  ? 19.834  -4.906  -51.882 1.00 28.50 ? 48  LEU A CD2 1 
ATOM   45   N  N   . LYS A 1 7  ? 23.454  -2.424  -48.445 1.00 24.33 ? 49  LYS A N   1 
ATOM   46   C  CA  . LYS A 1 7  ? 24.170  -2.477  -47.170 1.00 23.09 ? 49  LYS A CA  1 
ATOM   47   C  C   . LYS A 1 7  ? 24.218  -1.100  -46.532 1.00 20.94 ? 49  LYS A C   1 
ATOM   48   O  O   . LYS A 1 7  ? 24.021  -0.959  -45.325 1.00 20.32 ? 49  LYS A O   1 
ATOM   49   C  CB  . LYS A 1 7  ? 25.610  -2.965  -47.349 1.00 26.85 ? 49  LYS A CB  1 
ATOM   50   C  CG  . LYS A 1 7  ? 25.763  -4.435  -47.685 1.00 31.67 ? 49  LYS A CG  1 
ATOM   51   C  CD  . LYS A 1 7  ? 27.034  -4.999  -47.061 1.00 33.89 ? 49  LYS A CD  1 
ATOM   52   C  CE  . LYS A 1 7  ? 28.252  -4.133  -47.358 1.00 35.35 ? 49  LYS A CE  1 
ATOM   53   N  NZ  . LYS A 1 7  ? 29.470  -4.627  -46.650 1.00 36.97 ? 49  LYS A NZ  1 
ATOM   54   N  N   . PHE A 1 8  ? 24.509  -0.093  -47.351 1.00 18.03 ? 50  PHE A N   1 
ATOM   55   C  CA  . PHE A 1 8  ? 24.576  1.289   -46.891 1.00 16.34 ? 50  PHE A CA  1 
ATOM   56   C  C   . PHE A 1 8  ? 23.271  1.596   -46.163 1.00 15.40 ? 50  PHE A C   1 
ATOM   57   O  O   . PHE A 1 8  ? 23.272  2.096   -45.035 1.00 16.42 ? 50  PHE A O   1 
ATOM   58   C  CB  . PHE A 1 8  ? 24.739  2.226   -48.097 1.00 16.28 ? 50  PHE A CB  1 
ATOM   59   C  CG  . PHE A 1 8  ? 24.875  3.684   -47.735 1.00 17.62 ? 50  PHE A CG  1 
ATOM   60   C  CD1 . PHE A 1 8  ? 26.111  4.217   -47.380 1.00 17.18 ? 50  PHE A CD1 1 
ATOM   61   C  CD2 . PHE A 1 8  ? 23.768  4.529   -47.772 1.00 17.81 ? 50  PHE A CD2 1 
ATOM   62   C  CE1 . PHE A 1 8  ? 26.246  5.579   -47.072 1.00 16.26 ? 50  PHE A CE1 1 
ATOM   63   C  CE2 . PHE A 1 8  ? 23.890  5.892   -47.465 1.00 16.78 ? 50  PHE A CE2 1 
ATOM   64   C  CZ  . PHE A 1 8  ? 25.131  6.416   -47.114 1.00 15.94 ? 50  PHE A CZ  1 
ATOM   65   N  N   . ILE A 1 9  ? 22.159  1.282   -46.818 1.00 15.68 ? 51  ILE A N   1 
ATOM   66   C  CA  . ILE A 1 9  ? 20.830  1.514   -46.259 1.00 17.63 ? 51  ILE A CA  1 
ATOM   67   C  C   . ILE A 1 9  ? 20.615  0.744   -44.956 1.00 16.88 ? 51  ILE A C   1 
ATOM   68   O  O   . ILE A 1 9  ? 20.082  1.285   -43.987 1.00 18.36 ? 51  ILE A O   1 
ATOM   69   C  CB  . ILE A 1 9  ? 19.736  1.114   -47.275 1.00 18.74 ? 51  ILE A CB  1 
ATOM   70   C  CG1 . ILE A 1 9  ? 19.809  2.035   -48.501 1.00 18.56 ? 51  ILE A CG1 1 
ATOM   71   C  CG2 . ILE A 1 9  ? 18.356  1.201   -46.627 1.00 18.18 ? 51  ILE A CG2 1 
ATOM   72   C  CD1 . ILE A 1 9  ? 18.889  1.623   -49.640 1.00 17.21 ? 51  ILE A CD1 1 
ATOM   73   N  N   . ARG A 1 10 ? 21.029  -0.517  -44.935 1.00 16.24 ? 52  ARG A N   1 
ATOM   74   C  CA  . ARG A 1 10 ? 20.880  -1.346  -43.737 1.00 17.14 ? 52  ARG A CA  1 
ATOM   75   C  C   . ARG A 1 10 ? 21.657  -0.727  -42.582 1.00 16.95 ? 52  ARG A C   1 
ATOM   76   O  O   . ARG A 1 10 ? 21.180  -0.671  -41.446 1.00 16.72 ? 52  ARG A O   1 
ATOM   77   C  CB  . ARG A 1 10 ? 21.416  -2.756  -43.996 1.00 18.03 ? 52  ARG A CB  1 
ATOM   78   C  CG  . ARG A 1 10 ? 20.655  -3.546  -45.044 1.00 23.62 ? 52  ARG A CG  1 
ATOM   79   C  CD  . ARG A 1 10 ? 21.429  -4.814  -45.409 1.00 27.14 ? 52  ARG A CD  1 
ATOM   80   N  NE  . ARG A 1 10 ? 20.742  -5.612  -46.418 1.00 30.21 ? 52  ARG A NE  1 
ATOM   81   C  CZ  . ARG A 1 10 ? 21.285  -6.650  -47.046 1.00 33.61 ? 52  ARG A CZ  1 
ATOM   82   N  NH1 . ARG A 1 10 ? 22.532  -7.018  -46.772 1.00 30.82 ? 52  ARG A NH1 1 
ATOM   83   N  NH2 . ARG A 1 10 ? 20.579  -7.327  -47.943 1.00 33.92 ? 52  ARG A NH2 1 
ATOM   84   N  N   . HIS A 1 11 ? 22.865  -0.266  -42.877 1.00 16.38 ? 53  HIS A N   1 
ATOM   85   C  CA  . HIS A 1 11 ? 23.709  0.343   -41.861 1.00 17.66 ? 53  HIS A CA  1 
ATOM   86   C  C   . HIS A 1 11 ? 23.093  1.634   -41.326 1.00 16.89 ? 53  HIS A C   1 
ATOM   87   O  O   . HIS A 1 11 ? 23.184  1.932   -40.130 1.00 16.46 ? 53  HIS A O   1 
ATOM   88   C  CB  . HIS A 1 11 ? 25.100  0.593   -42.445 1.00 18.65 ? 53  HIS A CB  1 
ATOM   89   C  CG  . HIS A 1 11 ? 25.842  -0.669  -42.761 1.00 17.63 ? 53  HIS A CG  1 
ATOM   90   N  ND1 . HIS A 1 11 ? 26.914  -0.710  -43.629 1.00 13.69 ? 53  HIS A ND1 1 
ATOM   91   C  CD2 . HIS A 1 11 ? 25.662  -1.940  -42.326 1.00 18.17 ? 53  HIS A CD2 1 
ATOM   92   C  CE1 . HIS A 1 11 ? 27.358  -1.952  -43.717 1.00 17.95 ? 53  HIS A CE1 1 
ATOM   93   N  NE2 . HIS A 1 11 ? 26.615  -2.717  -42.936 1.00 16.01 ? 53  HIS A NE2 1 
ATOM   94   N  N   . ALA A 1 12 ? 22.451  2.394   -42.207 1.00 16.01 ? 54  ALA A N   1 
ATOM   95   C  CA  . ALA A 1 12 ? 21.806  3.637   -41.788 1.00 17.49 ? 54  ALA A CA  1 
ATOM   96   C  C   . ALA A 1 12 ? 20.601  3.316   -40.898 1.00 17.99 ? 54  ALA A C   1 
ATOM   97   O  O   . ALA A 1 12 ? 20.329  4.018   -39.921 1.00 18.67 ? 54  ALA A O   1 
ATOM   98   C  CB  . ALA A 1 12 ? 21.361  4.435   -43.010 1.00 15.33 ? 54  ALA A CB  1 
ATOM   99   N  N   . ARG A 1 13 ? 19.880  2.250   -41.235 1.00 18.14 ? 55  ARG A N   1 
ATOM   100  C  CA  . ARG A 1 13 ? 18.715  1.855   -40.445 1.00 18.50 ? 55  ARG A CA  1 
ATOM   101  C  C   . ARG A 1 13 ? 19.125  1.394   -39.049 1.00 17.72 ? 55  ARG A C   1 
ATOM   102  O  O   . ARG A 1 13 ? 18.385  1.587   -38.088 1.00 16.83 ? 55  ARG A O   1 
ATOM   103  C  CB  . ARG A 1 13 ? 17.943  0.736   -41.146 1.00 20.12 ? 55  ARG A CB  1 
ATOM   104  C  CG  . ARG A 1 13 ? 17.219  1.168   -42.411 1.00 24.91 ? 55  ARG A CG  1 
ATOM   105  C  CD  . ARG A 1 13 ? 16.708  -0.049  -43.172 1.00 31.51 ? 55  ARG A CD  1 
ATOM   106  N  NE  . ARG A 1 13 ? 15.945  0.311   -44.364 1.00 35.10 ? 55  ARG A NE  1 
ATOM   107  C  CZ  . ARG A 1 13 ? 15.641  -0.542  -45.338 1.00 37.99 ? 55  ARG A CZ  1 
ATOM   108  N  NH1 . ARG A 1 13 ? 16.040  -1.806  -45.262 1.00 39.80 ? 55  ARG A NH1 1 
ATOM   109  N  NH2 . ARG A 1 13 ? 14.935  -0.138  -46.387 1.00 40.40 ? 55  ARG A NH2 1 
ATOM   110  N  N   . GLN A 1 14 ? 20.305  0.789   -38.936 1.00 18.11 ? 56  GLN A N   1 
ATOM   111  C  CA  . GLN A 1 14 ? 20.783  0.316   -37.641 1.00 19.09 ? 56  GLN A CA  1 
ATOM   112  C  C   . GLN A 1 14 ? 21.009  1.481   -36.689 1.00 18.67 ? 56  GLN A C   1 
ATOM   113  O  O   . GLN A 1 14 ? 21.004  1.304   -35.469 1.00 17.53 ? 56  GLN A O   1 
ATOM   114  C  CB  . GLN A 1 14 ? 22.085  -0.472  -37.798 1.00 19.47 ? 56  GLN A CB  1 
ATOM   115  C  CG  . GLN A 1 14 ? 21.941  -1.762  -38.584 1.00 20.65 ? 56  GLN A CG  1 
ATOM   116  C  CD  . GLN A 1 14 ? 23.258  -2.492  -38.721 1.00 22.17 ? 56  GLN A CD  1 
ATOM   117  O  OE1 . GLN A 1 14 ? 24.282  -1.883  -39.025 1.00 20.34 ? 56  GLN A OE1 1 
ATOM   118  N  NE2 . GLN A 1 14 ? 23.239  -3.803  -38.502 1.00 21.82 ? 56  GLN A NE2 1 
ATOM   119  N  N   . LEU A 1 15 ? 21.214  2.675   -37.241 1.00 18.13 ? 57  LEU A N   1 
ATOM   120  C  CA  . LEU A 1 15 ? 21.416  3.856   -36.409 1.00 18.07 ? 57  LEU A CA  1 
ATOM   121  C  C   . LEU A 1 15 ? 20.122  4.650   -36.249 1.00 17.77 ? 57  LEU A C   1 
ATOM   122  O  O   . LEU A 1 15 ? 20.112  5.719   -35.638 1.00 20.24 ? 57  LEU A O   1 
ATOM   123  C  CB  . LEU A 1 15 ? 22.527  4.745   -36.987 1.00 15.62 ? 57  LEU A CB  1 
ATOM   124  C  CG  . LEU A 1 15 ? 23.941  4.144   -36.981 1.00 17.55 ? 57  LEU A CG  1 
ATOM   125  C  CD1 . LEU A 1 15 ? 24.929  5.175   -37.482 1.00 19.63 ? 57  LEU A CD1 1 
ATOM   126  C  CD2 . LEU A 1 15 ? 24.322  3.706   -35.580 1.00 18.60 ? 57  LEU A CD2 1 
ATOM   127  N  N   . GLY A 1 16 ? 19.042  4.129   -36.819 1.00 19.74 ? 58  GLY A N   1 
ATOM   128  C  CA  . GLY A 1 16 ? 17.737  4.767   -36.701 1.00 19.47 ? 58  GLY A CA  1 
ATOM   129  C  C   . GLY A 1 16 ? 17.435  6.029   -37.489 1.00 20.89 ? 58  GLY A C   1 
ATOM   130  O  O   . GLY A 1 16 ? 16.506  6.760   -37.139 1.00 18.70 ? 58  GLY A O   1 
ATOM   131  N  N   . PHE A 1 17 ? 18.202  6.305   -38.541 1.00 19.25 ? 59  PHE A N   1 
ATOM   132  C  CA  . PHE A 1 17 ? 17.953  7.493   -39.356 1.00 19.32 ? 59  PHE A CA  1 
ATOM   133  C  C   . PHE A 1 17 ? 16.549  7.452   -39.957 1.00 19.53 ? 59  PHE A C   1 
ATOM   134  O  O   . PHE A 1 17 ? 16.051  6.384   -40.310 1.00 18.87 ? 59  PHE A O   1 
ATOM   135  C  CB  . PHE A 1 17 ? 18.965  7.594   -40.502 1.00 15.23 ? 59  PHE A CB  1 
ATOM   136  C  CG  . PHE A 1 17 ? 20.321  8.072   -40.079 1.00 16.31 ? 59  PHE A CG  1 
ATOM   137  C  CD1 . PHE A 1 17 ? 21.394  7.188   -40.011 1.00 16.28 ? 59  PHE A CD1 1 
ATOM   138  C  CD2 . PHE A 1 17 ? 20.528  9.412   -39.747 1.00 13.98 ? 59  PHE A CD2 1 
ATOM   139  C  CE1 . PHE A 1 17 ? 22.659  7.632   -39.616 1.00 16.80 ? 59  PHE A CE1 1 
ATOM   140  C  CE2 . PHE A 1 17 ? 21.787  9.865   -39.351 1.00 14.10 ? 59  PHE A CE2 1 
ATOM   141  C  CZ  . PHE A 1 17 ? 22.855  8.975   -39.286 1.00 15.82 ? 59  PHE A CZ  1 
ATOM   142  N  N   . SER A 1 18 ? 15.924  8.618   -40.084 1.00 22.20 ? 60  SER A N   1 
ATOM   143  C  CA  . SER A 1 18 ? 14.585  8.714   -40.662 1.00 23.42 ? 60  SER A CA  1 
ATOM   144  C  C   . SER A 1 18 ? 14.642  8.367   -42.146 1.00 24.98 ? 60  SER A C   1 
ATOM   145  O  O   . SER A 1 18 ? 15.712  8.386   -42.757 1.00 22.51 ? 60  SER A O   1 
ATOM   146  C  CB  . SER A 1 18 ? 14.040  10.131  -40.507 1.00 25.56 ? 60  SER A CB  1 
ATOM   147  O  OG  . SER A 1 18 ? 14.832  11.051  -41.242 1.00 25.82 ? 60  SER A OG  1 
ATOM   148  N  N   . LEU A 1 19 ? 13.486  8.056   -42.725 1.00 24.39 ? 61  LEU A N   1 
ATOM   149  C  CA  . LEU A 1 19 ? 13.414  7.715   -44.140 1.00 25.48 ? 61  LEU A CA  1 
ATOM   150  C  C   . LEU A 1 19 ? 13.954  8.897   -44.943 1.00 24.61 ? 61  LEU A C   1 
ATOM   151  O  O   . LEU A 1 19 ? 14.661  8.722   -45.938 1.00 23.04 ? 61  LEU A O   1 
ATOM   152  C  CB  . LEU A 1 19 ? 11.963  7.428   -44.535 1.00 29.61 ? 61  LEU A CB  1 
ATOM   153  C  CG  . LEU A 1 19 ? 11.680  6.204   -45.414 1.00 33.27 ? 61  LEU A CG  1 
ATOM   154  C  CD1 . LEU A 1 19 ? 12.427  6.326   -46.734 1.00 34.07 ? 61  LEU A CD1 1 
ATOM   155  C  CD2 . LEU A 1 19 ? 12.093  4.933   -44.678 1.00 33.17 ? 61  LEU A CD2 1 
ATOM   156  N  N   . GLU A 1 20 ? 13.621  10.101  -44.489 1.00 23.67 ? 62  GLU A N   1 
ATOM   157  C  CA  . GLU A 1 20 ? 14.063  11.326  -45.143 1.00 25.35 ? 62  GLU A CA  1 
ATOM   158  C  C   . GLU A 1 20 ? 15.580  11.461  -45.095 1.00 22.06 ? 62  GLU A C   1 
ATOM   159  O  O   . GLU A 1 20 ? 16.216  11.754  -46.103 1.00 20.80 ? 62  GLU A O   1 
ATOM   160  C  CB  . GLU A 1 20 ? 13.437  12.545  -44.466 1.00 28.80 ? 62  GLU A CB  1 
ATOM   161  C  CG  . GLU A 1 20 ? 11.926  12.615  -44.566 1.00 37.23 ? 62  GLU A CG  1 
ATOM   162  C  CD  . GLU A 1 20 ? 11.355  13.799  -43.807 1.00 41.18 ? 62  GLU A CD  1 
ATOM   163  O  OE1 . GLU A 1 20 ? 11.463  13.816  -42.560 1.00 44.43 ? 62  GLU A OE1 1 
ATOM   164  O  OE2 . GLU A 1 20 ? 10.805  14.714  -44.457 1.00 45.33 ? 62  GLU A OE2 1 
ATOM   165  N  N   . SER A 1 21 ? 16.153  11.264  -43.912 1.00 20.46 ? 63  SER A N   1 
ATOM   166  C  CA  . SER A 1 21 ? 17.596  11.368  -43.740 1.00 19.83 ? 63  SER A CA  1 
ATOM   167  C  C   . SER A 1 21 ? 18.339  10.337  -44.574 1.00 19.26 ? 63  SER A C   1 
ATOM   168  O  O   . SER A 1 21 ? 19.409  10.622  -45.113 1.00 19.12 ? 63  SER A O   1 
ATOM   169  C  CB  . SER A 1 21 ? 17.972  11.202  -42.270 1.00 19.45 ? 63  SER A CB  1 
ATOM   170  O  OG  . SER A 1 21 ? 17.548  12.322  -41.519 1.00 25.24 ? 63  SER A OG  1 
ATOM   171  N  N   . ILE A 1 22 ? 17.776  9.137   -44.677 1.00 15.85 ? 64  ILE A N   1 
ATOM   172  C  CA  . ILE A 1 22 ? 18.411  8.088   -45.456 1.00 17.43 ? 64  ILE A CA  1 
ATOM   173  C  C   . ILE A 1 22 ? 18.410  8.482   -46.929 1.00 17.97 ? 64  ILE A C   1 
ATOM   174  O  O   . ILE A 1 22 ? 19.381  8.239   -47.643 1.00 16.28 ? 64  ILE A O   1 
ATOM   175  C  CB  . ILE A 1 22 ? 17.695  6.729   -45.269 1.00 17.86 ? 64  ILE A CB  1 
ATOM   176  C  CG1 . ILE A 1 22 ? 17.878  6.246   -43.826 1.00 19.09 ? 64  ILE A CG1 1 
ATOM   177  C  CG2 . ILE A 1 22 ? 18.263  5.690   -46.238 1.00 19.02 ? 64  ILE A CG2 1 
ATOM   178  C  CD1 . ILE A 1 22 ? 17.181  4.930   -43.514 1.00 20.89 ? 64  ILE A CD1 1 
ATOM   179  N  N   . ARG A 1 23 ? 17.327  9.106   -47.379 1.00 18.36 ? 65  ARG A N   1 
ATOM   180  C  CA  . ARG A 1 23 ? 17.244  9.534   -48.770 1.00 20.42 ? 65  ARG A CA  1 
ATOM   181  C  C   . ARG A 1 23 ? 18.255  10.645  -49.044 1.00 19.29 ? 65  ARG A C   1 
ATOM   182  O  O   . ARG A 1 23 ? 18.855  10.691  -50.119 1.00 19.77 ? 65  ARG A O   1 
ATOM   183  C  CB  . ARG A 1 23 ? 15.821  10.003  -49.109 1.00 24.31 ? 65  ARG A CB  1 
ATOM   184  C  CG  . ARG A 1 23 ? 14.803  8.861   -49.117 1.00 28.83 ? 65  ARG A CG  1 
ATOM   185  C  CD  . ARG A 1 23 ? 13.377  9.317   -49.430 1.00 34.09 ? 65  ARG A CD  1 
ATOM   186  N  NE  . ARG A 1 23 ? 13.179  9.685   -50.831 1.00 38.23 ? 65  ARG A NE  1 
ATOM   187  C  CZ  . ARG A 1 23 ? 13.455  10.880  -51.347 1.00 41.25 ? 65  ARG A CZ  1 
ATOM   188  N  NH1 . ARG A 1 23 ? 13.945  11.845  -50.578 1.00 40.93 ? 65  ARG A NH1 1 
ATOM   189  N  NH2 . ARG A 1 23 ? 13.230  11.114  -52.636 1.00 40.83 ? 65  ARG A NH2 1 
ATOM   190  N  N   . GLU A 1 24 ? 18.454  11.540  -48.082 1.00 17.51 ? 66  GLU A N   1 
ATOM   191  C  CA  . GLU A 1 24 ? 19.426  12.606  -48.291 1.00 17.75 ? 66  GLU A CA  1 
ATOM   192  C  C   . GLU A 1 24 ? 20.837  12.027  -48.258 1.00 16.66 ? 66  GLU A C   1 
ATOM   193  O  O   . GLU A 1 24 ? 21.707  12.448  -49.019 1.00 13.63 ? 66  GLU A O   1 
ATOM   194  C  CB  . GLU A 1 24 ? 19.296  13.698  -47.228 1.00 20.24 ? 66  GLU A CB  1 
ATOM   195  C  CG  . GLU A 1 24 ? 20.276  14.838  -47.468 1.00 26.03 ? 66  GLU A CG  1 
ATOM   196  C  CD  . GLU A 1 24 ? 20.107  15.996  -46.506 1.00 30.04 ? 66  GLU A CD  1 
ATOM   197  O  OE1 . GLU A 1 24 ? 20.918  16.944  -46.589 1.00 32.90 ? 66  GLU A OE1 1 
ATOM   198  O  OE2 . GLU A 1 24 ? 19.171  15.963  -45.676 1.00 32.26 ? 66  GLU A OE2 1 
ATOM   199  N  N   . LEU A 1 25 ? 21.063  11.064  -47.371 1.00 14.58 ? 67  LEU A N   1 
ATOM   200  C  CA  . LEU A 1 25 ? 22.373  10.434  -47.272 1.00 16.07 ? 67  LEU A CA  1 
ATOM   201  C  C   . LEU A 1 25 ? 22.667  9.715   -48.582 1.00 15.66 ? 67  LEU A C   1 
ATOM   202  O  O   . LEU A 1 25 ? 23.803  9.714   -49.060 1.00 15.74 ? 67  LEU A O   1 
ATOM   203  C  CB  . LEU A 1 25 ? 22.408  9.434   -46.106 1.00 14.96 ? 67  LEU A CB  1 
ATOM   204  C  CG  . LEU A 1 25 ? 22.530  10.014  -44.692 1.00 12.89 ? 67  LEU A CG  1 
ATOM   205  C  CD1 . LEU A 1 25 ? 22.315  8.908   -43.659 1.00 12.41 ? 67  LEU A CD1 1 
ATOM   206  C  CD2 . LEU A 1 25 ? 23.909  10.645  -44.509 1.00 12.66 ? 67  LEU A CD2 1 
ATOM   207  N  N   . LEU A 1 26 ? 21.638  9.105   -49.161 1.00 15.05 ? 68  LEU A N   1 
ATOM   208  C  CA  . LEU A 1 26 ? 21.796  8.392   -50.426 1.00 15.47 ? 68  LEU A CA  1 
ATOM   209  C  C   . LEU A 1 26 ? 22.124  9.340   -51.581 1.00 15.21 ? 68  LEU A C   1 
ATOM   210  O  O   . LEU A 1 26 ? 22.895  8.988   -52.474 1.00 15.30 ? 68  LEU A O   1 
ATOM   211  C  CB  . LEU A 1 26 ? 20.527  7.596   -50.753 1.00 15.87 ? 68  LEU A CB  1 
ATOM   212  C  CG  . LEU A 1 26 ? 20.295  6.314   -49.947 1.00 17.18 ? 68  LEU A CG  1 
ATOM   213  C  CD1 . LEU A 1 26 ? 18.878  5.794   -50.177 1.00 17.67 ? 68  LEU A CD1 1 
ATOM   214  C  CD2 . LEU A 1 26 ? 21.323  5.277   -50.354 1.00 14.95 ? 68  LEU A CD2 1 
ATOM   215  N  N   . SER A 1 27 ? 21.536  10.533  -51.574 1.00 15.44 ? 69  SER A N   1 
ATOM   216  C  CA  . SER A 1 27 ? 21.806  11.500  -52.632 1.00 17.96 ? 69  SER A CA  1 
ATOM   217  C  C   . SER A 1 27 ? 23.239  12.017  -52.520 1.00 17.36 ? 69  SER A C   1 
ATOM   218  O  O   . SER A 1 27 ? 23.895  12.276  -53.529 1.00 17.32 ? 69  SER A O   1 
ATOM   219  C  CB  . SER A 1 27 ? 20.813  12.670  -52.571 1.00 19.79 ? 69  SER A CB  1 
ATOM   220  O  OG  . SER A 1 27 ? 20.925  13.374  -51.350 1.00 25.64 ? 69  SER A OG  1 
ATOM   221  N  N   . ILE A 1 28 ? 23.722  12.167  -51.291 1.00 15.67 ? 70  ILE A N   1 
ATOM   222  C  CA  . ILE A 1 28 ? 25.090  12.634  -51.057 1.00 15.81 ? 70  ILE A CA  1 
ATOM   223  C  C   . ILE A 1 28 ? 26.050  11.541  -51.509 1.00 16.25 ? 70  ILE A C   1 
ATOM   224  O  O   . ILE A 1 28 ? 27.054  11.801  -52.179 1.00 16.28 ? 70  ILE A O   1 
ATOM   225  C  CB  . ILE A 1 28 ? 25.333  12.911  -49.559 1.00 16.02 ? 70  ILE A CB  1 
ATOM   226  C  CG1 . ILE A 1 28 ? 24.573  14.168  -49.128 1.00 12.75 ? 70  ILE A CG1 1 
ATOM   227  C  CG2 . ILE A 1 28 ? 26.824  13.044  -49.284 1.00 13.61 ? 70  ILE A CG2 1 
ATOM   228  C  CD1 . ILE A 1 28 ? 24.475  14.324  -47.615 1.00 15.89 ? 70  ILE A CD1 1 
ATOM   229  N  N   . ARG A 1 29 ? 25.714  10.311  -51.133 1.00 15.46 ? 71  ARG A N   1 
ATOM   230  C  CA  . ARG A 1 29 ? 26.509  9.134   -51.465 1.00 14.34 ? 71  ARG A CA  1 
ATOM   231  C  C   . ARG A 1 29 ? 26.740  8.948   -52.957 1.00 16.04 ? 71  ARG A C   1 
ATOM   232  O  O   . ARG A 1 29 ? 27.846  8.626   -53.384 1.00 14.48 ? 71  ARG A O   1 
ATOM   233  C  CB  . ARG A 1 29 ? 25.819  7.881   -50.914 1.00 14.47 ? 71  ARG A CB  1 
ATOM   234  C  CG  . ARG A 1 29 ? 26.444  6.561   -51.352 1.00 15.06 ? 71  ARG A CG  1 
ATOM   235  C  CD  . ARG A 1 29 ? 25.673  5.362   -50.783 1.00 17.24 ? 71  ARG A CD  1 
ATOM   236  N  NE  . ARG A 1 29 ? 26.311  4.091   -51.123 1.00 17.43 ? 71  ARG A NE  1 
ATOM   237  C  CZ  . ARG A 1 29 ? 26.055  3.383   -52.217 1.00 19.46 ? 71  ARG A CZ  1 
ATOM   238  N  NH1 . ARG A 1 29 ? 25.157  3.805   -53.100 1.00 18.22 ? 71  ARG A NH1 1 
ATOM   239  N  NH2 . ARG A 1 29 ? 26.713  2.254   -52.438 1.00 20.55 ? 71  ARG A NH2 1 
ATOM   240  N  N   . ILE A 1 30 ? 25.694  9.152   -53.748 1.00 15.65 ? 72  ILE A N   1 
ATOM   241  C  CA  . ILE A 1 30 ? 25.788  8.944   -55.186 1.00 16.22 ? 72  ILE A CA  1 
ATOM   242  C  C   . ILE A 1 30 ? 26.373  10.111  -55.988 1.00 15.77 ? 72  ILE A C   1 
ATOM   243  O  O   . ILE A 1 30 ? 26.773  9.930   -57.132 1.00 19.45 ? 72  ILE A O   1 
ATOM   244  C  CB  . ILE A 1 30 ? 24.393  8.553   -55.757 1.00 14.80 ? 72  ILE A CB  1 
ATOM   245  C  CG1 . ILE A 1 30 ? 24.535  7.943   -57.154 1.00 17.31 ? 72  ILE A CG1 1 
ATOM   246  C  CG2 . ILE A 1 30 ? 23.484  9.772   -55.797 1.00 14.43 ? 72  ILE A CG2 1 
ATOM   247  C  CD1 . ILE A 1 30 ? 25.294  6.626   -57.179 1.00 21.32 ? 72  ILE A CD1 1 
ATOM   248  N  N   . ASP A 1 31 ? 26.453  11.296  -55.386 1.00 15.90 ? 73  ASP A N   1 
ATOM   249  C  CA  . ASP A 1 31 ? 26.982  12.482  -56.080 1.00 15.09 ? 73  ASP A CA  1 
ATOM   250  C  C   . ASP A 1 31 ? 27.888  13.239  -55.102 1.00 15.35 ? 73  ASP A C   1 
ATOM   251  O  O   . ASP A 1 31 ? 27.731  14.440  -54.885 1.00 14.82 ? 73  ASP A O   1 
ATOM   252  C  CB  . ASP A 1 31 ? 25.796  13.349  -56.521 1.00 15.06 ? 73  ASP A CB  1 
ATOM   253  C  CG  . ASP A 1 31 ? 26.191  14.484  -57.453 1.00 18.06 ? 73  ASP A CG  1 
ATOM   254  O  OD1 . ASP A 1 31 ? 27.293  14.451  -58.045 1.00 16.64 ? 73  ASP A OD1 1 
ATOM   255  O  OD2 . ASP A 1 31 ? 25.372  15.414  -57.611 1.00 20.14 ? 73  ASP A OD2 1 
ATOM   256  N  N   . PRO A 1 32 ? 28.870  12.533  -54.515 1.00 15.47 ? 74  PRO A N   1 
ATOM   257  C  CA  . PRO A 1 32 ? 29.819  13.080  -53.541 1.00 15.33 ? 74  PRO A CA  1 
ATOM   258  C  C   . PRO A 1 32 ? 30.586  14.332  -53.950 1.00 16.99 ? 74  PRO A C   1 
ATOM   259  O  O   . PRO A 1 32 ? 30.870  15.185  -53.109 1.00 15.34 ? 74  PRO A O   1 
ATOM   260  C  CB  . PRO A 1 32 ? 30.734  11.889  -53.253 1.00 15.05 ? 74  PRO A CB  1 
ATOM   261  C  CG  . PRO A 1 32 ? 30.761  11.170  -54.560 1.00 15.86 ? 74  PRO A CG  1 
ATOM   262  C  CD  . PRO A 1 32 ? 29.293  11.189  -54.950 1.00 13.97 ? 74  PRO A CD  1 
ATOM   263  N  N   . GLU A 1 33 ? 30.914  14.451  -55.234 1.00 16.38 ? 75  GLU A N   1 
ATOM   264  C  CA  . GLU A 1 33 ? 31.656  15.609  -55.718 1.00 18.79 ? 75  GLU A CA  1 
ATOM   265  C  C   . GLU A 1 33 ? 30.890  16.914  -55.612 1.00 18.67 ? 75  GLU A C   1 
ATOM   266  O  O   . GLU A 1 33 ? 31.481  17.987  -55.709 1.00 19.20 ? 75  GLU A O   1 
ATOM   267  C  CB  . GLU A 1 33 ? 32.090  15.401  -57.172 1.00 23.86 ? 75  GLU A CB  1 
ATOM   268  C  CG  . GLU A 1 33 ? 32.975  14.195  -57.378 1.00 30.85 ? 75  GLU A CG  1 
ATOM   269  C  CD  . GLU A 1 33 ? 33.618  14.176  -58.748 1.00 36.39 ? 75  GLU A CD  1 
ATOM   270  O  OE1 . GLU A 1 33 ? 32.882  14.253  -59.756 1.00 38.63 ? 75  GLU A OE1 1 
ATOM   271  O  OE2 . GLU A 1 33 ? 34.863  14.079  -58.814 1.00 40.19 ? 75  GLU A OE2 1 
ATOM   272  N  N   . HIS A 1 34 ? 29.577  16.832  -55.413 1.00 17.36 ? 76  HIS A N   1 
ATOM   273  C  CA  . HIS A 1 34 ? 28.773  18.046  -55.299 1.00 17.27 ? 76  HIS A CA  1 
ATOM   274  C  C   . HIS A 1 34 ? 28.107  18.202  -53.940 1.00 17.30 ? 76  HIS A C   1 
ATOM   275  O  O   . HIS A 1 34 ? 27.098  18.901  -53.800 1.00 16.42 ? 76  HIS A O   1 
ATOM   276  C  CB  . HIS A 1 34 ? 27.730  18.096  -56.417 1.00 17.83 ? 76  HIS A CB  1 
ATOM   277  C  CG  . HIS A 1 34 ? 28.336  18.062  -57.784 1.00 19.98 ? 76  HIS A CG  1 
ATOM   278  N  ND1 . HIS A 1 34 ? 28.439  16.904  -58.523 1.00 19.51 ? 76  HIS A ND1 1 
ATOM   279  C  CD2 . HIS A 1 34 ? 28.960  19.025  -58.504 1.00 19.12 ? 76  HIS A CD2 1 
ATOM   280  C  CE1 . HIS A 1 34 ? 29.104  17.153  -59.637 1.00 21.72 ? 76  HIS A CE1 1 
ATOM   281  N  NE2 . HIS A 1 34 ? 29.431  18.433  -59.650 1.00 21.39 ? 76  HIS A NE2 1 
ATOM   282  N  N   . HIS A 1 35 ? 28.683  17.546  -52.939 1.00 15.46 ? 77  HIS A N   1 
ATOM   283  C  CA  . HIS A 1 35 ? 28.172  17.624  -51.582 1.00 15.29 ? 77  HIS A CA  1 
ATOM   284  C  C   . HIS A 1 35 ? 29.356  17.759  -50.637 1.00 15.70 ? 77  HIS A C   1 
ATOM   285  O  O   . HIS A 1 35 ? 30.501  17.546  -51.041 1.00 14.39 ? 77  HIS A O   1 
ATOM   286  C  CB  . HIS A 1 35 ? 27.305  16.401  -51.284 1.00 15.86 ? 77  HIS A CB  1 
ATOM   287  C  CG  . HIS A 1 35 ? 26.013  16.406  -52.043 1.00 16.58 ? 77  HIS A CG  1 
ATOM   288  N  ND1 . HIS A 1 35 ? 24.961  17.235  -51.711 1.00 18.70 ? 77  HIS A ND1 1 
ATOM   289  C  CD2 . HIS A 1 35 ? 25.646  15.771  -53.181 1.00 17.93 ? 77  HIS A CD2 1 
ATOM   290  C  CE1 . HIS A 1 35 ? 24.004  17.114  -52.615 1.00 19.82 ? 77  HIS A CE1 1 
ATOM   291  N  NE2 . HIS A 1 35 ? 24.395  16.233  -53.518 1.00 19.49 ? 77  HIS A NE2 1 
ATOM   292  N  N   . THR A 1 36 ? 29.094  18.122  -49.387 1.00 14.25 ? 78  THR A N   1 
ATOM   293  C  CA  . THR A 1 36 ? 30.181  18.347  -48.443 1.00 15.17 ? 78  THR A CA  1 
ATOM   294  C  C   . THR A 1 36 ? 30.028  17.649  -47.108 1.00 15.09 ? 78  THR A C   1 
ATOM   295  O  O   . THR A 1 36 ? 28.961  17.144  -46.780 1.00 16.03 ? 78  THR A O   1 
ATOM   296  C  CB  . THR A 1 36 ? 30.299  19.834  -48.126 1.00 16.01 ? 78  THR A CB  1 
ATOM   297  O  OG1 . THR A 1 36 ? 29.165  20.223  -47.338 1.00 15.87 ? 78  THR A OG1 1 
ATOM   298  C  CG2 . THR A 1 36 ? 30.320  20.657  -49.409 1.00 17.78 ? 78  THR A CG2 1 
ATOM   299  N  N   . CYS A 1 37 ? 31.106  17.659  -46.327 1.00 14.52 ? 79  CYS A N   1 
ATOM   300  C  CA  . CYS A 1 37 ? 31.088  17.056  -45.000 1.00 15.64 ? 79  CYS A CA  1 
ATOM   301  C  C   . CYS A 1 37 ? 30.073  17.780  -44.119 1.00 16.87 ? 79  CYS A C   1 
ATOM   302  O  O   . CYS A 1 37 ? 29.476  17.181  -43.228 1.00 17.72 ? 79  CYS A O   1 
ATOM   303  C  CB  . CYS A 1 37 ? 32.478  17.133  -44.354 1.00 14.99 ? 79  CYS A CB  1 
ATOM   304  S  SG  . CYS A 1 37 ? 33.620  15.835  -44.906 1.00 13.35 ? 79  CYS A SG  1 
ATOM   305  N  N   . GLN A 1 38 ? 29.879  19.073  -44.371 1.00 15.74 ? 80  GLN A N   1 
ATOM   306  C  CA  . GLN A 1 38 ? 28.924  19.850  -43.589 1.00 17.21 ? 80  GLN A CA  1 
ATOM   307  C  C   . GLN A 1 38 ? 27.517  19.257  -43.688 1.00 17.36 ? 80  GLN A C   1 
ATOM   308  O  O   . GLN A 1 38 ? 26.806  19.148  -42.685 1.00 15.30 ? 80  GLN A O   1 
ATOM   309  C  CB  . GLN A 1 38 ? 28.914  21.306  -44.062 1.00 19.87 ? 80  GLN A CB  1 
ATOM   310  C  CG  . GLN A 1 38 ? 27.959  22.205  -43.281 1.00 25.74 ? 80  GLN A CG  1 
ATOM   311  C  CD  . GLN A 1 38 ? 28.142  23.680  -43.600 1.00 31.51 ? 80  GLN A CD  1 
ATOM   312  O  OE1 . GLN A 1 38 ? 27.373  24.527  -43.138 1.00 35.61 ? 80  GLN A OE1 1 
ATOM   313  N  NE2 . GLN A 1 38 ? 29.169  23.997  -44.385 1.00 32.67 ? 80  GLN A NE2 1 
ATOM   314  N  N   . GLU A 1 39 ? 27.121  18.867  -44.897 1.00 16.39 ? 81  GLU A N   1 
ATOM   315  C  CA  . GLU A 1 39 ? 25.803  18.284  -45.125 1.00 16.72 ? 81  GLU A CA  1 
ATOM   316  C  C   . GLU A 1 39 ? 25.648  16.934  -44.435 1.00 16.63 ? 81  GLU A C   1 
ATOM   317  O  O   . GLU A 1 39 ? 24.664  16.696  -43.737 1.00 15.99 ? 81  GLU A O   1 
ATOM   318  C  CB  . GLU A 1 39 ? 25.550  18.105  -46.622 1.00 17.99 ? 81  GLU A CB  1 
ATOM   319  C  CG  . GLU A 1 39 ? 25.556  19.388  -47.421 1.00 19.29 ? 81  GLU A CG  1 
ATOM   320  C  CD  . GLU A 1 39 ? 25.440  19.119  -48.908 1.00 21.57 ? 81  GLU A CD  1 
ATOM   321  O  OE1 . GLU A 1 39 ? 24.320  18.843  -49.385 1.00 24.40 ? 81  GLU A OE1 1 
ATOM   322  O  OE2 . GLU A 1 39 ? 26.475  19.169  -49.599 1.00 21.20 ? 81  GLU A OE2 1 
ATOM   323  N  N   . SER A 1 40 ? 26.618  16.046  -44.631 1.00 16.44 ? 82  SER A N   1 
ATOM   324  C  CA  . SER A 1 40 ? 26.544  14.727  -44.016 1.00 16.42 ? 82  SER A CA  1 
ATOM   325  C  C   . SER A 1 40 ? 26.542  14.818  -42.489 1.00 16.03 ? 82  SER A C   1 
ATOM   326  O  O   . SER A 1 40 ? 25.756  14.142  -41.827 1.00 15.43 ? 82  SER A O   1 
ATOM   327  C  CB  . SER A 1 40 ? 27.702  13.844  -44.503 1.00 19.25 ? 82  SER A CB  1 
ATOM   328  O  OG  . SER A 1 40 ? 28.961  14.446  -44.240 1.00 20.93 ? 82  SER A OG  1 
ATOM   329  N  N   . LYS A 1 41 ? 27.410  15.659  -41.933 1.00 15.63 ? 83  LYS A N   1 
ATOM   330  C  CA  . LYS A 1 41 ? 27.481  15.827  -40.483 1.00 16.57 ? 83  LYS A CA  1 
ATOM   331  C  C   . LYS A 1 41 ? 26.192  16.422  -39.901 1.00 17.79 ? 83  LYS A C   1 
ATOM   332  O  O   . LYS A 1 41 ? 25.797  16.093  -38.780 1.00 16.14 ? 83  LYS A O   1 
ATOM   333  C  CB  . LYS A 1 41 ? 28.671  16.714  -40.104 1.00 18.47 ? 83  LYS A CB  1 
ATOM   334  C  CG  . LYS A 1 41 ? 28.809  16.910  -38.603 1.00 20.99 ? 83  LYS A CG  1 
ATOM   335  C  CD  . LYS A 1 41 ? 30.172  17.457  -38.219 1.00 23.08 ? 83  LYS A CD  1 
ATOM   336  C  CE  . LYS A 1 41 ? 30.300  17.542  -36.701 1.00 24.63 ? 83  LYS A CE  1 
ATOM   337  N  NZ  . LYS A 1 41 ? 31.712  17.720  -36.287 1.00 25.87 ? 83  LYS A NZ  1 
ATOM   338  N  N   . GLY A 1 42 ? 25.548  17.304  -40.660 1.00 19.10 ? 84  GLY A N   1 
ATOM   339  C  CA  . GLY A 1 42 ? 24.307  17.900  -40.200 1.00 18.02 ? 84  GLY A CA  1 
ATOM   340  C  C   . GLY A 1 42 ? 23.254  16.824  -40.010 1.00 19.19 ? 84  GLY A C   1 
ATOM   341  O  O   . GLY A 1 42 ? 22.443  16.883  -39.085 1.00 19.72 ? 84  GLY A O   1 
ATOM   342  N  N   . ILE A 1 43 ? 23.270  15.831  -40.893 1.00 18.19 ? 85  ILE A N   1 
ATOM   343  C  CA  . ILE A 1 43 ? 22.325  14.725  -40.826 1.00 17.14 ? 85  ILE A CA  1 
ATOM   344  C  C   . ILE A 1 43 ? 22.596  13.879  -39.580 1.00 17.18 ? 85  ILE A C   1 
ATOM   345  O  O   . ILE A 1 43 ? 21.671  13.483  -38.867 1.00 16.48 ? 85  ILE A O   1 
ATOM   346  C  CB  . ILE A 1 43 ? 22.434  13.830  -42.081 1.00 18.26 ? 85  ILE A CB  1 
ATOM   347  C  CG1 . ILE A 1 43 ? 22.012  14.627  -43.320 1.00 19.91 ? 85  ILE A CG1 1 
ATOM   348  C  CG2 . ILE A 1 43 ? 21.565  12.584  -41.911 1.00 17.13 ? 85  ILE A CG2 1 
ATOM   349  C  CD1 . ILE A 1 43 ? 22.238  13.897  -44.650 1.00 17.80 ? 85  ILE A CD1 1 
ATOM   350  N  N   . VAL A 1 44 ? 23.869  13.605  -39.325 1.00 15.08 ? 86  VAL A N   1 
ATOM   351  C  CA  . VAL A 1 44 ? 24.256  12.820  -38.160 1.00 15.56 ? 86  VAL A CA  1 
ATOM   352  C  C   . VAL A 1 44 ? 23.927  13.561  -36.872 1.00 18.24 ? 86  VAL A C   1 
ATOM   353  O  O   . VAL A 1 44 ? 23.401  12.978  -35.921 1.00 16.62 ? 86  VAL A O   1 
ATOM   354  C  CB  . VAL A 1 44 ? 25.768  12.517  -38.173 1.00 16.84 ? 86  VAL A CB  1 
ATOM   355  C  CG1 . VAL A 1 44 ? 26.186  11.884  -36.853 1.00 15.60 ? 86  VAL A CG1 1 
ATOM   356  C  CG2 . VAL A 1 44 ? 26.089  11.586  -39.332 1.00 13.72 ? 86  VAL A CG2 1 
ATOM   357  N  N   . GLN A 1 45 ? 24.236  14.852  -36.848 1.00 19.05 ? 87  GLN A N   1 
ATOM   358  C  CA  . GLN A 1 45 ? 23.991  15.670  -35.675 1.00 23.08 ? 87  GLN A CA  1 
ATOM   359  C  C   . GLN A 1 45 ? 22.506  15.737  -35.326 1.00 23.87 ? 87  GLN A C   1 
ATOM   360  O  O   . GLN A 1 45 ? 22.132  15.673  -34.151 1.00 22.59 ? 87  GLN A O   1 
ATOM   361  C  CB  . GLN A 1 45 ? 24.547  17.076  -35.908 1.00 27.70 ? 87  GLN A CB  1 
ATOM   362  C  CG  . GLN A 1 45 ? 24.562  17.951  -34.673 1.00 34.81 ? 87  GLN A CG  1 
ATOM   363  C  CD  . GLN A 1 45 ? 25.396  19.199  -34.868 1.00 39.27 ? 87  GLN A CD  1 
ATOM   364  O  OE1 . GLN A 1 45 ? 25.496  20.039  -33.970 1.00 42.41 ? 87  GLN A OE1 1 
ATOM   365  N  NE2 . GLN A 1 45 ? 26.006  19.328  -36.045 1.00 42.19 ? 87  GLN A NE2 1 
ATOM   366  N  N   . GLU A 1 46 ? 21.658  15.863  -36.341 1.00 23.28 ? 88  GLU A N   1 
ATOM   367  C  CA  . GLU A 1 46 ? 20.222  15.926  -36.102 1.00 23.79 ? 88  GLU A CA  1 
ATOM   368  C  C   . GLU A 1 46 ? 19.730  14.611  -35.500 1.00 22.48 ? 88  GLU A C   1 
ATOM   369  O  O   . GLU A 1 46 ? 18.932  14.606  -34.562 1.00 21.92 ? 88  GLU A O   1 
ATOM   370  C  CB  . GLU A 1 46 ? 19.473  16.209  -37.403 1.00 25.69 ? 88  GLU A CB  1 
ATOM   371  C  CG  . GLU A 1 46 ? 17.973  16.351  -37.207 1.00 31.98 ? 88  GLU A CG  1 
ATOM   372  C  CD  . GLU A 1 46 ? 17.216  16.405  -38.514 1.00 34.91 ? 88  GLU A CD  1 
ATOM   373  O  OE1 . GLU A 1 46 ? 17.299  15.428  -39.289 1.00 37.09 ? 88  GLU A OE1 1 
ATOM   374  O  OE2 . GLU A 1 46 ? 16.536  17.419  -38.767 1.00 39.58 ? 88  GLU A OE2 1 
ATOM   375  N  N   . ARG A 1 47 ? 20.199  13.491  -36.040 1.00 20.99 ? 89  ARG A N   1 
ATOM   376  C  CA  . ARG A 1 47 ? 19.796  12.191  -35.517 1.00 20.05 ? 89  ARG A CA  1 
ATOM   377  C  C   . ARG A 1 47 ? 20.361  12.000  -34.109 1.00 20.78 ? 89  ARG A C   1 
ATOM   378  O  O   . ARG A 1 47 ? 19.723  11.387  -33.251 1.00 19.67 ? 89  ARG A O   1 
ATOM   379  C  CB  . ARG A 1 47 ? 20.280  11.069  -36.443 1.00 19.89 ? 89  ARG A CB  1 
ATOM   380  C  CG  . ARG A 1 47 ? 20.081  9.656   -35.892 1.00 20.70 ? 89  ARG A CG  1 
ATOM   381  C  CD  . ARG A 1 47 ? 18.636  9.388   -35.475 1.00 20.74 ? 89  ARG A CD  1 
ATOM   382  N  NE  . ARG A 1 47 ? 18.491  8.072   -34.855 1.00 21.82 ? 89  ARG A NE  1 
ATOM   383  C  CZ  . ARG A 1 47 ? 17.427  7.685   -34.154 1.00 26.35 ? 89  ARG A CZ  1 
ATOM   384  N  NH1 . ARG A 1 47 ? 16.405  8.513   -33.978 1.00 23.64 ? 89  ARG A NH1 1 
ATOM   385  N  NH2 . ARG A 1 47 ? 17.385  6.470   -33.621 1.00 24.86 ? 89  ARG A NH2 1 
ATOM   386  N  N   . LEU A 1 48 ? 21.555  12.537  -33.867 1.00 20.25 ? 90  LEU A N   1 
ATOM   387  C  CA  . LEU A 1 48 ? 22.177  12.418  -32.550 1.00 22.92 ? 90  LEU A CA  1 
ATOM   388  C  C   . LEU A 1 48 ? 21.333  13.151  -31.512 1.00 23.31 ? 90  LEU A C   1 
ATOM   389  O  O   . LEU A 1 48 ? 21.092  12.640  -30.418 1.00 23.91 ? 90  LEU A O   1 
ATOM   390  C  CB  . LEU A 1 48 ? 23.594  13.000  -32.571 1.00 23.55 ? 90  LEU A CB  1 
ATOM   391  C  CG  . LEU A 1 48 ? 24.424  12.845  -31.292 1.00 24.93 ? 90  LEU A CG  1 
ATOM   392  C  CD1 . LEU A 1 48 ? 24.561  11.369  -30.935 1.00 24.81 ? 90  LEU A CD1 1 
ATOM   393  C  CD2 . LEU A 1 48 ? 25.801  13.473  -31.497 1.00 26.44 ? 90  LEU A CD2 1 
ATOM   394  N  N   . GLN A 1 49 ? 20.888  14.354  -31.858 1.00 23.85 ? 91  GLN A N   1 
ATOM   395  C  CA  . GLN A 1 49 ? 20.060  15.146  -30.956 1.00 25.63 ? 91  GLN A CA  1 
ATOM   396  C  C   . GLN A 1 49 ? 18.767  14.401  -30.646 1.00 25.73 ? 91  GLN A C   1 
ATOM   397  O  O   . GLN A 1 49 ? 18.320  14.364  -29.500 1.00 23.87 ? 91  GLN A O   1 
ATOM   398  C  CB  . GLN A 1 49 ? 19.729  16.497  -31.590 1.00 28.76 ? 91  GLN A CB  1 
ATOM   399  C  CG  . GLN A 1 49 ? 20.927  17.417  -31.763 1.00 34.65 ? 91  GLN A CG  1 
ATOM   400  C  CD  . GLN A 1 49 ? 20.573  18.691  -32.511 1.00 38.54 ? 91  GLN A CD  1 
ATOM   401  O  OE1 . GLN A 1 49 ? 19.623  19.388  -32.157 1.00 39.83 ? 91  GLN A OE1 1 
ATOM   402  N  NE2 . GLN A 1 49 ? 21.341  19.001  -33.552 1.00 40.43 ? 91  GLN A NE2 1 
ATOM   403  N  N   . GLU A 1 50 ? 18.169  13.817  -31.679 1.00 24.34 ? 92  GLU A N   1 
ATOM   404  C  CA  . GLU A 1 50 ? 16.930  13.068  -31.527 1.00 26.72 ? 92  GLU A CA  1 
ATOM   405  C  C   . GLU A 1 50 ? 17.113  11.906  -30.551 1.00 26.28 ? 92  GLU A C   1 
ATOM   406  O  O   . GLU A 1 50 ? 16.324  11.728  -29.618 1.00 24.58 ? 92  GLU A O   1 
ATOM   407  C  CB  . GLU A 1 50 ? 16.476  12.526  -32.884 1.00 28.60 ? 92  GLU A CB  1 
ATOM   408  C  CG  . GLU A 1 50 ? 15.130  11.824  -32.840 1.00 34.01 ? 92  GLU A CG  1 
ATOM   409  C  CD  . GLU A 1 50 ? 14.745  11.197  -34.169 1.00 37.26 ? 92  GLU A CD  1 
ATOM   410  O  OE1 . GLU A 1 50 ? 13.581  10.759  -34.295 1.00 40.55 ? 92  GLU A OE1 1 
ATOM   411  O  OE2 . GLU A 1 50 ? 15.599  11.135  -35.082 1.00 36.52 ? 92  GLU A OE2 1 
ATOM   412  N  N   . VAL A 1 51 ? 18.161  11.118  -30.770 1.00 24.09 ? 93  VAL A N   1 
ATOM   413  C  CA  . VAL A 1 51 ? 18.449  9.971   -29.920 1.00 24.59 ? 93  VAL A CA  1 
ATOM   414  C  C   . VAL A 1 51 ? 18.675  10.346  -28.462 1.00 25.84 ? 93  VAL A C   1 
ATOM   415  O  O   . VAL A 1 51 ? 18.178  9.671   -27.558 1.00 25.68 ? 93  VAL A O   1 
ATOM   416  C  CB  . VAL A 1 51 ? 19.692  9.209   -30.418 1.00 25.35 ? 93  VAL A CB  1 
ATOM   417  C  CG1 . VAL A 1 51 ? 20.098  8.150   -29.400 1.00 26.95 ? 93  VAL A CG1 1 
ATOM   418  C  CG2 . VAL A 1 51 ? 19.395  8.558   -31.753 1.00 25.44 ? 93  VAL A CG2 1 
ATOM   419  N  N   . GLU A 1 52 ? 19.433  11.411  -28.230 1.00 25.13 ? 94  GLU A N   1 
ATOM   420  C  CA  . GLU A 1 52 ? 19.724  11.839  -26.868 1.00 27.44 ? 94  GLU A CA  1 
ATOM   421  C  C   . GLU A 1 52 ? 18.473  12.331  -26.147 1.00 25.99 ? 94  GLU A C   1 
ATOM   422  O  O   . GLU A 1 52 ? 18.307  12.098  -24.952 1.00 26.37 ? 94  GLU A O   1 
ATOM   423  C  CB  . GLU A 1 52 ? 20.798  12.930  -26.879 1.00 27.71 ? 94  GLU A CB  1 
ATOM   424  C  CG  . GLU A 1 52 ? 22.078  12.484  -27.568 1.00 29.97 ? 94  GLU A CG  1 
ATOM   425  C  CD  . GLU A 1 52 ? 23.157  13.546  -27.555 1.00 32.52 ? 94  GLU A CD  1 
ATOM   426  O  OE1 . GLU A 1 52 ? 22.844  14.718  -27.856 1.00 34.01 ? 94  GLU A OE1 1 
ATOM   427  O  OE2 . GLU A 1 52 ? 24.319  13.204  -27.257 1.00 33.11 ? 94  GLU A OE2 1 
ATOM   428  N  N   . ALA A 1 53 ? 17.594  13.006  -26.878 1.00 25.79 ? 95  ALA A N   1 
ATOM   429  C  CA  . ALA A 1 53 ? 16.357  13.508  -26.296 1.00 27.09 ? 95  ALA A CA  1 
ATOM   430  C  C   . ALA A 1 53 ? 15.434  12.338  -25.961 1.00 27.59 ? 95  ALA A C   1 
ATOM   431  O  O   . ALA A 1 53 ? 14.761  12.341  -24.931 1.00 27.21 ? 95  ALA A O   1 
ATOM   432  C  CB  . ALA A 1 53 ? 15.666  14.452  -27.267 1.00 26.44 ? 95  ALA A CB  1 
ATOM   433  N  N   . ARG A 1 54 ? 15.408  11.334  -26.833 1.00 26.64 ? 96  ARG A N   1 
ATOM   434  C  CA  . ARG A 1 54 ? 14.556  10.175  -26.609 1.00 27.10 ? 96  ARG A CA  1 
ATOM   435  C  C   . ARG A 1 54 ? 15.050  9.349   -25.428 1.00 26.09 ? 96  ARG A C   1 
ATOM   436  O  O   . ARG A 1 54 ? 14.254  8.782   -24.680 1.00 25.32 ? 96  ARG A O   1 
ATOM   437  C  CB  . ARG A 1 54 ? 14.487  9.302   -27.866 1.00 27.77 ? 96  ARG A CB  1 
ATOM   438  C  CG  . ARG A 1 54 ? 13.451  8.193   -27.773 1.00 31.43 ? 96  ARG A CG  1 
ATOM   439  C  CD  . ARG A 1 54 ? 12.111  8.756   -27.318 1.00 34.38 ? 96  ARG A CD  1 
ATOM   440  N  NE  . ARG A 1 54 ? 11.102  7.722   -27.106 1.00 36.20 ? 96  ARG A NE  1 
ATOM   441  C  CZ  . ARG A 1 54 ? 9.939   7.937   -26.497 1.00 37.39 ? 96  ARG A CZ  1 
ATOM   442  N  NH1 . ARG A 1 54 ? 9.643   9.147   -26.039 1.00 35.90 ? 96  ARG A NH1 1 
ATOM   443  N  NH2 . ARG A 1 54 ? 9.071   6.944   -26.346 1.00 37.41 ? 96  ARG A NH2 1 
ATOM   444  N  N   . ILE A 1 55 ? 16.366  9.277   -25.265 1.00 24.06 ? 97  ILE A N   1 
ATOM   445  C  CA  . ILE A 1 55 ? 16.948  8.533   -24.158 1.00 23.76 ? 97  ILE A CA  1 
ATOM   446  C  C   . ILE A 1 55 ? 16.583  9.206   -22.834 1.00 25.08 ? 97  ILE A C   1 
ATOM   447  O  O   . ILE A 1 55 ? 16.255  8.533   -21.853 1.00 23.91 ? 97  ILE A O   1 
ATOM   448  C  CB  . ILE A 1 55 ? 18.489  8.458   -24.283 1.00 23.84 ? 97  ILE A CB  1 
ATOM   449  C  CG1 . ILE A 1 55 ? 18.871  7.504   -25.418 1.00 22.51 ? 97  ILE A CG1 1 
ATOM   450  C  CG2 . ILE A 1 55 ? 19.104  7.986   -22.970 1.00 23.25 ? 97  ILE A CG2 1 
ATOM   451  C  CD1 . ILE A 1 55 ? 20.364  7.424   -25.679 1.00 23.43 ? 97  ILE A CD1 1 
ATOM   452  N  N   . ALA A 1 56 ? 16.638  10.535  -22.813 1.00 24.57 ? 98  ALA A N   1 
ATOM   453  C  CA  . ALA A 1 56 ? 16.315  11.294  -21.610 1.00 25.86 ? 98  ALA A CA  1 
ATOM   454  C  C   . ALA A 1 56 ? 14.860  11.064  -21.211 1.00 25.83 ? 98  ALA A C   1 
ATOM   455  O  O   . ALA A 1 56 ? 14.552  10.883  -20.032 1.00 26.91 ? 98  ALA A O   1 
ATOM   456  C  CB  . ALA A 1 56 ? 16.570  12.781  -21.844 1.00 26.60 ? 98  ALA A CB  1 
ATOM   457  N  N   . GLU A 1 57 ? 13.968  11.075  -22.197 1.00 25.55 ? 99  GLU A N   1 
ATOM   458  C  CA  . GLU A 1 57 ? 12.547  10.859  -21.946 1.00 27.07 ? 99  GLU A CA  1 
ATOM   459  C  C   . GLU A 1 57 ? 12.305  9.455   -21.405 1.00 26.17 ? 99  GLU A C   1 
ATOM   460  O  O   . GLU A 1 57 ? 11.566  9.271   -20.439 1.00 26.28 ? 99  GLU A O   1 
ATOM   461  C  CB  . GLU A 1 57 ? 11.747  11.054  -23.235 1.00 29.01 ? 99  GLU A CB  1 
ATOM   462  C  CG  . GLU A 1 57 ? 11.567  12.501  -23.649 1.00 34.60 ? 99  GLU A CG  1 
ATOM   463  C  CD  . GLU A 1 57 ? 11.088  12.635  -25.082 1.00 36.95 ? 99  GLU A CD  1 
ATOM   464  O  OE1 . GLU A 1 57 ? 10.289  11.783  -25.527 1.00 39.64 ? 99  GLU A OE1 1 
ATOM   465  O  OE2 . GLU A 1 57 ? 11.506  13.598  -25.760 1.00 39.92 ? 99  GLU A OE2 1 
ATOM   466  N  N   . LEU A 1 58 ? 12.934  8.466   -22.031 1.00 24.14 ? 100 LEU A N   1 
ATOM   467  C  CA  . LEU A 1 58 ? 12.776  7.081   -21.609 1.00 23.81 ? 100 LEU A CA  1 
ATOM   468  C  C   . LEU A 1 58 ? 13.329  6.829   -20.208 1.00 23.41 ? 100 LEU A C   1 
ATOM   469  O  O   . LEU A 1 58 ? 12.764  6.044   -19.448 1.00 22.87 ? 100 LEU A O   1 
ATOM   470  C  CB  . LEU A 1 58 ? 13.446  6.142   -22.619 1.00 22.79 ? 100 LEU A CB  1 
ATOM   471  C  CG  . LEU A 1 58 ? 12.775  6.083   -23.999 1.00 23.81 ? 100 LEU A CG  1 
ATOM   472  C  CD1 . LEU A 1 58 ? 13.556  5.145   -24.915 1.00 21.88 ? 100 LEU A CD1 1 
ATOM   473  C  CD2 . LEU A 1 58 ? 11.335  5.601   -23.851 1.00 22.87 ? 100 LEU A CD2 1 
ATOM   474  N  N   . GLN A 1 59 ? 14.430  7.492   -19.865 1.00 21.48 ? 101 GLN A N   1 
ATOM   475  C  CA  . GLN A 1 59 ? 15.032  7.325   -18.547 1.00 22.55 ? 101 GLN A CA  1 
ATOM   476  C  C   . GLN A 1 59 ? 14.113  7.913   -17.480 1.00 22.91 ? 101 GLN A C   1 
ATOM   477  O  O   . GLN A 1 59 ? 14.063  7.420   -16.357 1.00 23.77 ? 101 GLN A O   1 
ATOM   478  C  CB  . GLN A 1 59 ? 16.412  7.997   -18.494 1.00 24.18 ? 101 GLN A CB  1 
ATOM   479  C  CG  . GLN A 1 59 ? 17.448  7.316   -19.380 1.00 25.80 ? 101 GLN A CG  1 
ATOM   480  C  CD  . GLN A 1 59 ? 18.815  7.969   -19.311 1.00 25.48 ? 101 GLN A CD  1 
ATOM   481  O  OE1 . GLN A 1 59 ? 18.940  9.189   -19.413 1.00 27.03 ? 101 GLN A OE1 1 
ATOM   482  N  NE2 . GLN A 1 59 ? 19.849  7.156   -19.150 1.00 24.74 ? 101 GLN A NE2 1 
ATOM   483  N  N   . SER A 1 60 ? 13.388  8.968   -17.836 1.00 22.79 ? 102 SER A N   1 
ATOM   484  C  CA  . SER A 1 60 ? 12.452  9.587   -16.906 1.00 25.07 ? 102 SER A CA  1 
ATOM   485  C  C   . SER A 1 60 ? 11.317  8.594   -16.640 1.00 23.66 ? 102 SER A C   1 
ATOM   486  O  O   . SER A 1 60 ? 10.898  8.402   -15.496 1.00 23.61 ? 102 SER A O   1 
ATOM   487  C  CB  . SER A 1 60 ? 11.888  10.879  -17.501 1.00 26.77 ? 102 SER A CB  1 
ATOM   488  O  OG  . SER A 1 60 ? 10.966  11.489  -16.613 1.00 31.36 ? 102 SER A OG  1 
ATOM   489  N  N   . MET A 1 61 ? 10.825  7.962   -17.700 1.00 20.85 ? 103 MET A N   1 
ATOM   490  C  CA  . MET A 1 61 ? 9.753   6.982   -17.567 1.00 19.91 ? 103 MET A CA  1 
ATOM   491  C  C   . MET A 1 61 ? 10.272  5.818   -16.738 1.00 19.78 ? 103 MET A C   1 
ATOM   492  O  O   . MET A 1 61 ? 9.582   5.304   -15.855 1.00 19.34 ? 103 MET A O   1 
ATOM   493  C  CB  . MET A 1 61 ? 9.317   6.466   -18.944 1.00 19.90 ? 103 MET A CB  1 
ATOM   494  C  CG  . MET A 1 61 ? 8.841   7.538   -19.905 1.00 20.97 ? 103 MET A CG  1 
ATOM   495  S  SD  . MET A 1 61 ? 8.334   6.845   -21.490 1.00 22.59 ? 103 MET A SD  1 
ATOM   496  C  CE  . MET A 1 61 ? 7.211   8.107   -22.064 1.00 25.64 ? 103 MET A CE  1 
ATOM   497  N  N   . GLN A 1 62 ? 11.503  5.413   -17.031 1.00 17.78 ? 104 GLN A N   1 
ATOM   498  C  CA  . GLN A 1 62 ? 12.146  4.304   -16.345 1.00 19.35 ? 104 GLN A CA  1 
ATOM   499  C  C   . GLN A 1 62 ? 12.231  4.536   -14.836 1.00 19.81 ? 104 GLN A C   1 
ATOM   500  O  O   . GLN A 1 62 ? 12.021  3.612   -14.055 1.00 19.49 ? 104 GLN A O   1 
ATOM   501  C  CB  . GLN A 1 62 ? 13.544  4.088   -16.940 1.00 20.98 ? 104 GLN A CB  1 
ATOM   502  C  CG  . GLN A 1 62 ? 14.258  2.814   -16.521 1.00 23.92 ? 104 GLN A CG  1 
ATOM   503  C  CD  . GLN A 1 62 ? 14.756  2.863   -15.098 1.00 26.14 ? 104 GLN A CD  1 
ATOM   504  O  OE1 . GLN A 1 62 ? 15.135  3.923   -14.601 1.00 30.02 ? 104 GLN A OE1 1 
ATOM   505  N  NE2 . GLN A 1 62 ? 14.777  1.715   -14.435 1.00 29.37 ? 104 GLN A NE2 1 
ATOM   506  N  N   . ARG A 1 63 ? 12.540  5.762   -14.425 1.00 20.11 ? 105 ARG A N   1 
ATOM   507  C  CA  . ARG A 1 63 ? 12.633  6.061   -12.999 1.00 22.50 ? 105 ARG A CA  1 
ATOM   508  C  C   . ARG A 1 63 ? 11.265  5.937   -12.325 1.00 21.33 ? 105 ARG A C   1 
ATOM   509  O  O   . ARG A 1 63 ? 11.150  5.349   -11.253 1.00 22.37 ? 105 ARG A O   1 
ATOM   510  C  CB  . ARG A 1 63 ? 13.213  7.465   -12.773 1.00 22.43 ? 105 ARG A CB  1 
ATOM   511  C  CG  . ARG A 1 63 ? 14.721  7.566   -13.029 1.00 25.91 ? 105 ARG A CG  1 
ATOM   512  C  CD  . ARG A 1 63 ? 15.282  8.919   -12.587 1.00 25.98 ? 105 ARG A CD  1 
ATOM   513  N  NE  . ARG A 1 63 ? 14.882  10.012  -13.469 1.00 26.58 ? 105 ARG A NE  1 
ATOM   514  C  CZ  . ARG A 1 63 ? 15.516  10.332  -14.594 1.00 27.45 ? 105 ARG A CZ  1 
ATOM   515  N  NH1 . ARG A 1 63 ? 16.585  9.646   -14.971 1.00 27.09 ? 105 ARG A NH1 1 
ATOM   516  N  NH2 . ARG A 1 63 ? 15.080  11.335  -15.342 1.00 26.69 ? 105 ARG A NH2 1 
ATOM   517  N  N   . SER A 1 64 ? 10.233  6.478   -12.962 1.00 20.71 ? 106 SER A N   1 
ATOM   518  C  CA  . SER A 1 64 ? 8.882   6.409   -12.409 1.00 21.27 ? 106 SER A CA  1 
ATOM   519  C  C   . SER A 1 64 ? 8.382   4.969   -12.363 1.00 21.03 ? 106 SER A C   1 
ATOM   520  O  O   . SER A 1 64 ? 7.805   4.531   -11.365 1.00 18.39 ? 106 SER A O   1 
ATOM   521  C  CB  . SER A 1 64 ? 7.918   7.251   -13.245 1.00 21.89 ? 106 SER A CB  1 
ATOM   522  O  OG  . SER A 1 64 ? 8.295   8.616   -13.229 1.00 25.54 ? 106 SER A OG  1 
ATOM   523  N  N   . LEU A 1 65 ? 8.597   4.238   -13.450 1.00 19.36 ? 107 LEU A N   1 
ATOM   524  C  CA  . LEU A 1 65 ? 8.166   2.849   -13.520 1.00 20.66 ? 107 LEU A CA  1 
ATOM   525  C  C   . LEU A 1 65 ? 8.865   2.007   -12.460 1.00 20.99 ? 107 LEU A C   1 
ATOM   526  O  O   . LEU A 1 65 ? 8.245   1.141   -11.848 1.00 21.54 ? 107 LEU A O   1 
ATOM   527  C  CB  . LEU A 1 65 ? 8.439   2.281   -14.916 1.00 20.21 ? 107 LEU A CB  1 
ATOM   528  C  CG  . LEU A 1 65 ? 7.516   2.802   -16.023 1.00 20.33 ? 107 LEU A CG  1 
ATOM   529  C  CD1 . LEU A 1 65 ? 8.139   2.551   -17.395 1.00 21.66 ? 107 LEU A CD1 1 
ATOM   530  C  CD2 . LEU A 1 65 ? 6.164   2.122   -15.912 1.00 19.58 ? 107 LEU A CD2 1 
ATOM   531  N  N   . GLN A 1 66 ? 10.150  2.262   -12.232 1.00 20.58 ? 108 GLN A N   1 
ATOM   532  C  CA  . GLN A 1 66 ? 10.886  1.499   -11.228 1.00 21.72 ? 108 GLN A CA  1 
ATOM   533  C  C   . GLN A 1 66 ? 10.308  1.755   -9.835  1.00 21.69 ? 108 GLN A C   1 
ATOM   534  O  O   . GLN A 1 66 ? 10.201  0.834   -9.024  1.00 20.61 ? 108 GLN A O   1 
ATOM   535  C  CB  . GLN A 1 66 ? 12.370  1.870   -11.241 1.00 23.38 ? 108 GLN A CB  1 
ATOM   536  C  CG  . GLN A 1 66 ? 13.232  0.935   -10.406 1.00 28.08 ? 108 GLN A CG  1 
ATOM   537  C  CD  . GLN A 1 66 ? 13.273  -0.479  -10.963 1.00 31.55 ? 108 GLN A CD  1 
ATOM   538  O  OE1 . GLN A 1 66 ? 13.768  -0.708  -12.069 1.00 33.94 ? 108 GLN A OE1 1 
ATOM   539  N  NE2 . GLN A 1 66 ? 12.749  -1.436  -10.200 1.00 31.65 ? 108 GLN A NE2 1 
ATOM   540  N  N   . ARG A 1 67 ? 9.944   3.004   -9.559  1.00 20.74 ? 109 ARG A N   1 
ATOM   541  C  CA  . ARG A 1 67 ? 9.361   3.357   -8.266  1.00 24.20 ? 109 ARG A CA  1 
ATOM   542  C  C   . ARG A 1 67 ? 8.056   2.585   -8.100  1.00 22.92 ? 109 ARG A C   1 
ATOM   543  O  O   . ARG A 1 67 ? 7.846   1.904   -7.097  1.00 20.49 ? 109 ARG A O   1 
ATOM   544  C  CB  . ARG A 1 67 ? 9.068   4.855   -8.198  1.00 26.26 ? 109 ARG A CB  1 
ATOM   545  C  CG  . ARG A 1 67 ? 10.297  5.736   -8.294  1.00 35.66 ? 109 ARG A CG  1 
ATOM   546  C  CD  . ARG A 1 67 ? 9.905   7.165   -8.648  1.00 40.07 ? 109 ARG A CD  1 
ATOM   547  N  NE  . ARG A 1 67 ? 11.069  8.015   -8.891  1.00 43.91 ? 109 ARG A NE  1 
ATOM   548  C  CZ  . ARG A 1 67 ? 11.037  9.124   -9.625  1.00 46.17 ? 109 ARG A CZ  1 
ATOM   549  N  NH1 . ARG A 1 67 ? 9.900   9.512   -10.191 1.00 45.10 ? 109 ARG A NH1 1 
ATOM   550  N  NH2 . ARG A 1 67 ? 12.140  9.845   -9.794  1.00 46.52 ? 109 ARG A NH2 1 
ATOM   551  N  N   . LEU A 1 68 ? 7.188   2.698   -9.100  1.00 22.44 ? 110 LEU A N   1 
ATOM   552  C  CA  . LEU A 1 68 ? 5.898   2.018   -9.087  1.00 22.39 ? 110 LEU A CA  1 
ATOM   553  C  C   . LEU A 1 68 ? 6.066   0.522   -8.870  1.00 22.14 ? 110 LEU A C   1 
ATOM   554  O  O   . LEU A 1 68 ? 5.352   -0.085  -8.071  1.00 19.89 ? 110 LEU A O   1 
ATOM   555  C  CB  . LEU A 1 68 ? 5.163   2.260   -10.409 1.00 22.11 ? 110 LEU A CB  1 
ATOM   556  C  CG  . LEU A 1 68 ? 4.726   3.694   -10.711 1.00 25.02 ? 110 LEU A CG  1 
ATOM   557  C  CD1 . LEU A 1 68 ? 3.964   3.722   -12.026 1.00 25.93 ? 110 LEU A CD1 1 
ATOM   558  C  CD2 . LEU A 1 68 ? 3.846   4.215   -9.585  1.00 25.45 ? 110 LEU A CD2 1 
ATOM   559  N  N   . ASN A 1 69 ? 7.020   -0.064  -9.585  1.00 20.71 ? 111 ASN A N   1 
ATOM   560  C  CA  . ASN A 1 69 ? 7.285   -1.494  -9.494  1.00 23.20 ? 111 ASN A CA  1 
ATOM   561  C  C   . ASN A 1 69 ? 7.735   -1.933  -8.103  1.00 23.50 ? 111 ASN A C   1 
ATOM   562  O  O   . ASN A 1 69 ? 7.181   -2.873  -7.531  1.00 23.67 ? 111 ASN A O   1 
ATOM   563  C  CB  . ASN A 1 69 ? 8.358   -1.897  -10.506 1.00 23.63 ? 111 ASN A CB  1 
ATOM   564  C  CG  . ASN A 1 69 ? 8.581   -3.396  -10.548 1.00 24.62 ? 111 ASN A CG  1 
ATOM   565  O  OD1 . ASN A 1 69 ? 7.756   -4.141  -11.072 1.00 25.02 ? 111 ASN A OD1 1 
ATOM   566  N  ND2 . ASN A 1 69 ? 9.695   -3.846  -9.981  1.00 28.41 ? 111 ASN A ND2 1 
ATOM   567  N  N   . ASP A 1 70 ? 8.739   -1.251  -7.565  1.00 23.42 ? 112 ASP A N   1 
ATOM   568  C  CA  . ASP A 1 70 ? 9.278   -1.600  -6.258  1.00 23.92 ? 112 ASP A CA  1 
ATOM   569  C  C   . ASP A 1 70 ? 8.309   -1.440  -5.094  1.00 21.95 ? 112 ASP A C   1 
ATOM   570  O  O   . ASP A 1 70 ? 8.442   -2.128  -4.086  1.00 23.12 ? 112 ASP A O   1 
ATOM   571  C  CB  . ASP A 1 70 ? 10.537  -0.780  -5.958  1.00 25.19 ? 112 ASP A CB  1 
ATOM   572  C  CG  . ASP A 1 70 ? 11.619  -0.960  -7.001  1.00 27.45 ? 112 ASP A CG  1 
ATOM   573  O  OD1 . ASP A 1 70 ? 11.675  -2.035  -7.632  1.00 27.68 ? 112 ASP A OD1 1 
ATOM   574  O  OD2 . ASP A 1 70 ? 12.424  -0.025  -7.176  1.00 30.10 ? 112 ASP A OD2 1 
ATOM   575  N  N   . ALA A 1 71 ? 7.342   -0.539  -5.228  1.00 20.88 ? 113 ALA A N   1 
ATOM   576  C  CA  . ALA A 1 71 ? 6.381   -0.294  -4.153  1.00 19.55 ? 113 ALA A CA  1 
ATOM   577  C  C   . ALA A 1 71 ? 5.256   -1.320  -4.042  1.00 18.45 ? 113 ALA A C   1 
ATOM   578  O  O   . ALA A 1 71 ? 4.714   -1.534  -2.957  1.00 18.79 ? 113 ALA A O   1 
ATOM   579  C  CB  . ALA A 1 71 ? 5.789   1.107   -4.302  1.00 19.88 ? 113 ALA A CB  1 
ATOM   580  N  N   . CYS A 1 72 ? 4.907   -1.952  -5.158  1.00 17.47 ? 114 CYS A N   1 
ATOM   581  C  CA  . CYS A 1 72 ? 3.825   -2.939  -5.192  1.00 16.72 ? 114 CYS A CA  1 
ATOM   582  C  C   . CYS A 1 72 ? 4.263   -4.320  -4.698  1.00 17.66 ? 114 CYS A C   1 
ATOM   583  O  O   . CYS A 1 72 ? 5.332   -4.799  -5.061  1.00 18.30 ? 114 CYS A O   1 
ATOM   584  C  CB  . CYS A 1 72 ? 3.285   -3.035  -6.624  1.00 15.57 ? 114 CYS A CB  1 
ATOM   585  S  SG  . CYS A 1 72 ? 1.944   -4.199  -6.881  1.00 15.81 ? 114 CYS A SG  1 
ATOM   586  N  N   . CYS A 1 73 ? 3.437   -4.968  -3.876  1.00 16.60 ? 115 CYS A N   1 
ATOM   587  C  CA  . CYS A 1 73 ? 3.795   -6.289  -3.352  1.00 16.24 ? 115 CYS A CA  1 
ATOM   588  C  C   . CYS A 1 73 ? 3.753   -7.343  -4.447  1.00 16.66 ? 115 CYS A C   1 
ATOM   589  O  O   . CYS A 1 73 ? 4.432   -8.371  -4.363  1.00 16.22 ? 115 CYS A O   1 
ATOM   590  C  CB  . CYS A 1 73 ? 2.853   -6.701  -2.211  1.00 15.80 ? 115 CYS A CB  1 
ATOM   591  S  SG  . CYS A 1 73 ? 1.180   -7.151  -2.739  1.00 13.96 ? 115 CYS A SG  1 
ATOM   592  N  N   . GLY A 1 74 ? 2.944   -7.086  -5.471  1.00 15.90 ? 116 GLY A N   1 
ATOM   593  C  CA  . GLY A 1 74 ? 2.831   -8.014  -6.581  1.00 17.17 ? 116 GLY A CA  1 
ATOM   594  C  C   . GLY A 1 74 ? 2.263   -9.380  -6.242  1.00 17.46 ? 116 GLY A C   1 
ATOM   595  O  O   . GLY A 1 74 ? 2.534   -10.352 -6.951  1.00 16.64 ? 116 GLY A O   1 
ATOM   596  N  N   . THR A 1 75 ? 1.469   -9.469  -5.174  1.00 17.36 ? 117 THR A N   1 
ATOM   597  C  CA  . THR A 1 75 ? 0.880   -10.751 -4.784  1.00 17.42 ? 117 THR A CA  1 
ATOM   598  C  C   . THR A 1 75 ? -0.640  -10.750 -4.944  1.00 18.48 ? 117 THR A C   1 
ATOM   599  O  O   . THR A 1 75 ? -1.204  -9.862  -5.583  1.00 18.33 ? 117 THR A O   1 
ATOM   600  C  CB  . THR A 1 75 ? 1.219   -11.108 -3.317  1.00 17.92 ? 117 THR A CB  1 
ATOM   601  O  OG1 . THR A 1 75 ? 0.510   -10.231 -2.433  1.00 17.38 ? 117 THR A OG1 1 
ATOM   602  C  CG2 . THR A 1 75 ? 2.727   -10.968 -3.067  1.00 17.77 ? 117 THR A CG2 1 
ATOM   603  N  N   . ALA A 1 76 ? -1.296  -11.746 -4.352  1.00 17.97 ? 118 ALA A N   1 
ATOM   604  C  CA  . ALA A 1 76 ? -2.752  -11.878 -4.424  1.00 17.58 ? 118 ALA A CA  1 
ATOM   605  C  C   . ALA A 1 76 ? -3.480  -10.724 -3.739  1.00 17.05 ? 118 ALA A C   1 
ATOM   606  O  O   . ALA A 1 76 ? -4.705  -10.644 -3.783  1.00 17.86 ? 118 ALA A O   1 
ATOM   607  C  CB  . ALA A 1 76 ? -3.187  -13.213 -3.813  1.00 19.23 ? 118 ALA A CB  1 
ATOM   608  N  N   . HIS A 1 77 ? -2.713  -9.847  -3.096  1.00 17.04 ? 119 HIS A N   1 
ATOM   609  C  CA  . HIS A 1 77 ? -3.234  -8.662  -2.415  1.00 17.06 ? 119 HIS A CA  1 
ATOM   610  C  C   . HIS A 1 77 ? -4.303  -8.014  -3.317  1.00 17.24 ? 119 HIS A C   1 
ATOM   611  O  O   . HIS A 1 77 ? -4.061  -7.800  -4.504  1.00 14.15 ? 119 HIS A O   1 
ATOM   612  C  CB  . HIS A 1 77 ? -2.070  -7.684  -2.192  1.00 16.09 ? 119 HIS A CB  1 
ATOM   613  C  CG  . HIS A 1 77 ? -2.354  -6.595  -1.206  1.00 14.62 ? 119 HIS A CG  1 
ATOM   614  N  ND1 . HIS A 1 77 ? -1.603  -5.441  -1.143  1.00 14.61 ? 119 HIS A ND1 1 
ATOM   615  C  CD2 . HIS A 1 77 ? -3.276  -6.494  -0.220  1.00 12.19 ? 119 HIS A CD2 1 
ATOM   616  C  CE1 . HIS A 1 77 ? -2.048  -4.676  -0.163  1.00 13.45 ? 119 HIS A CE1 1 
ATOM   617  N  NE2 . HIS A 1 77 ? -3.064  -5.294  0.415   1.00 12.90 ? 119 HIS A NE2 1 
ATOM   618  N  N   . SER A 1 78 ? -5.477  -7.701  -2.767  1.00 16.53 ? 120 SER A N   1 
ATOM   619  C  CA  . SER A 1 78 ? -6.549  -7.094  -3.566  1.00 15.70 ? 120 SER A CA  1 
ATOM   620  C  C   . SER A 1 78 ? -6.131  -5.766  -4.193  1.00 14.83 ? 120 SER A C   1 
ATOM   621  O  O   . SER A 1 78 ? -5.589  -4.890  -3.514  1.00 14.42 ? 120 SER A O   1 
ATOM   622  C  CB  . SER A 1 78 ? -7.801  -6.872  -2.714  1.00 17.43 ? 120 SER A CB  1 
ATOM   623  O  OG  . SER A 1 78 ? -8.795  -6.186  -3.463  1.00 18.40 ? 120 SER A OG  1 
ATOM   624  N  N   . SER A 1 79 ? -6.411  -5.599  -5.483  1.00 13.85 ? 121 SER A N   1 
ATOM   625  C  CA  . SER A 1 79 ? -6.025  -4.373  -6.167  1.00 13.43 ? 121 SER A CA  1 
ATOM   626  C  C   . SER A 1 79 ? -6.762  -3.150  -5.634  1.00 14.02 ? 121 SER A C   1 
ATOM   627  O  O   . SER A 1 79 ? -6.470  -2.021  -6.031  1.00 13.42 ? 121 SER A O   1 
ATOM   628  C  CB  . SER A 1 79 ? -6.217  -4.503  -7.688  1.00 14.55 ? 121 SER A CB  1 
ATOM   629  O  OG  . SER A 1 79 ? -7.582  -4.583  -8.054  1.00 15.99 ? 121 SER A OG  1 
ATOM   630  N  N   . VAL A 1 80 ? -7.708  -3.357  -4.724  1.00 15.61 ? 122 VAL A N   1 
ATOM   631  C  CA  . VAL A 1 80 ? -8.410  -2.216  -4.150  1.00 15.68 ? 122 VAL A CA  1 
ATOM   632  C  C   . VAL A 1 80 ? -7.381  -1.404  -3.351  1.00 14.21 ? 122 VAL A C   1 
ATOM   633  O  O   . VAL A 1 80 ? -7.554  -0.206  -3.127  1.00 14.64 ? 122 VAL A O   1 
ATOM   634  C  CB  . VAL A 1 80 ? -9.563  -2.654  -3.199  1.00 17.40 ? 122 VAL A CB  1 
ATOM   635  C  CG1 . VAL A 1 80 ? -10.627 -3.419  -3.973  1.00 16.73 ? 122 VAL A CG1 1 
ATOM   636  C  CG2 . VAL A 1 80 ? -9.018  -3.508  -2.076  1.00 19.81 ? 122 VAL A CG2 1 
ATOM   637  N  N   . TYR A 1 81 ? -6.299  -2.065  -2.949  1.00 12.54 ? 123 TYR A N   1 
ATOM   638  C  CA  . TYR A 1 81 ? -5.236  -1.430  -2.164  1.00 14.07 ? 123 TYR A CA  1 
ATOM   639  C  C   . TYR A 1 81 ? -3.959  -1.160  -2.968  1.00 13.77 ? 123 TYR A C   1 
ATOM   640  O  O   . TYR A 1 81 ? -2.973  -0.677  -2.413  1.00 14.23 ? 123 TYR A O   1 
ATOM   641  C  CB  . TYR A 1 81 ? -4.846  -2.323  -0.975  1.00 15.70 ? 123 TYR A CB  1 
ATOM   642  C  CG  . TYR A 1 81 ? -5.996  -2.754  -0.091  1.00 16.73 ? 123 TYR A CG  1 
ATOM   643  C  CD1 . TYR A 1 81 ? -6.423  -4.082  -0.068  1.00 16.26 ? 123 TYR A CD1 1 
ATOM   644  C  CD2 . TYR A 1 81 ? -6.664  -1.831  0.712   1.00 18.57 ? 123 TYR A CD2 1 
ATOM   645  C  CE1 . TYR A 1 81 ? -7.495  -4.481  0.737   1.00 18.66 ? 123 TYR A CE1 1 
ATOM   646  C  CE2 . TYR A 1 81 ? -7.735  -2.218  1.517   1.00 18.72 ? 123 TYR A CE2 1 
ATOM   647  C  CZ  . TYR A 1 81 ? -8.143  -3.540  1.525   1.00 18.43 ? 123 TYR A CZ  1 
ATOM   648  O  OH  . TYR A 1 81 ? -9.195  -3.917  2.334   1.00 23.90 ? 123 TYR A OH  1 
ATOM   649  N  N   . CYS A 1 82 ? -3.968  -1.453  -4.264  1.00 12.83 ? 124 CYS A N   1 
ATOM   650  C  CA  . CYS A 1 82 ? -2.757  -1.279  -5.065  1.00 13.66 ? 124 CYS A CA  1 
ATOM   651  C  C   . CYS A 1 82 ? -2.241  0.140   -5.241  1.00 13.11 ? 124 CYS A C   1 
ATOM   652  O  O   . CYS A 1 82 ? -2.963  1.035   -5.676  1.00 12.47 ? 124 CYS A O   1 
ATOM   653  C  CB  . CYS A 1 82 ? -2.928  -1.936  -6.439  1.00 13.46 ? 124 CYS A CB  1 
ATOM   654  S  SG  . CYS A 1 82 ? -1.373  -2.039  -7.344  1.00 14.94 ? 124 CYS A SG  1 
ATOM   655  N  N   . SER A 1 83 ? -0.967  0.323   -4.905  1.00 12.48 ? 125 SER A N   1 
ATOM   656  C  CA  . SER A 1 83 ? -0.293  1.610   -5.003  1.00 12.64 ? 125 SER A CA  1 
ATOM   657  C  C   . SER A 1 83 ? -0.074  2.050   -6.449  1.00 12.89 ? 125 SER A C   1 
ATOM   658  O  O   . SER A 1 83 ? 0.051   3.238   -6.728  1.00 12.81 ? 125 SER A O   1 
ATOM   659  C  CB  . SER A 1 83 ? 1.057   1.540   -4.280  1.00 13.60 ? 125 SER A CB  1 
ATOM   660  O  OG  . SER A 1 83 ? 1.811   0.426   -4.740  1.00 14.90 ? 125 SER A OG  1 
ATOM   661  N  N   . ILE A 1 84 ? -0.011  1.093   -7.367  1.00 12.15 ? 126 ILE A N   1 
ATOM   662  C  CA  . ILE A 1 84 ? 0.178   1.419   -8.781  1.00 13.29 ? 126 ILE A CA  1 
ATOM   663  C  C   . ILE A 1 84 ? -1.062  2.146   -9.308  1.00 14.10 ? 126 ILE A C   1 
ATOM   664  O  O   . ILE A 1 84 ? -0.957  3.157   -10.003 1.00 14.98 ? 126 ILE A O   1 
ATOM   665  C  CB  . ILE A 1 84 ? 0.413   0.139   -9.617  1.00 13.52 ? 126 ILE A CB  1 
ATOM   666  C  CG1 . ILE A 1 84 ? 1.728   -0.521  -9.185  1.00 14.10 ? 126 ILE A CG1 1 
ATOM   667  C  CG2 . ILE A 1 84 ? 0.424   0.475   -11.105 1.00 15.16 ? 126 ILE A CG2 1 
ATOM   668  C  CD1 . ILE A 1 84 ? 1.991   -1.867  -9.839  1.00 15.97 ? 126 ILE A CD1 1 
ATOM   669  N  N   . LEU A 1 85 ? -2.241  1.631   -8.977  1.00 13.66 ? 127 LEU A N   1 
ATOM   670  C  CA  . LEU A 1 85 ? -3.478  2.259   -9.426  1.00 14.50 ? 127 LEU A CA  1 
ATOM   671  C  C   . LEU A 1 85 ? -3.619  3.654   -8.834  1.00 16.22 ? 127 LEU A C   1 
ATOM   672  O  O   . LEU A 1 85 ? -4.057  4.583   -9.513  1.00 15.79 ? 127 LEU A O   1 
ATOM   673  C  CB  . LEU A 1 85 ? -4.686  1.406   -9.026  1.00 15.56 ? 127 LEU A CB  1 
ATOM   674  C  CG  . LEU A 1 85 ? -4.829  0.058   -9.735  1.00 16.38 ? 127 LEU A CG  1 
ATOM   675  C  CD1 . LEU A 1 85 ? -6.014  -0.713  -9.145  1.00 16.19 ? 127 LEU A CD1 1 
ATOM   676  C  CD2 . LEU A 1 85 ? -5.033  0.295   -11.228 1.00 18.16 ? 127 LEU A CD2 1 
ATOM   677  N  N   . GLU A 1 86 ? -3.246  3.802   -7.567  1.00 16.98 ? 128 GLU A N   1 
ATOM   678  C  CA  . GLU A 1 86 ? -3.352  5.099   -6.910  1.00 18.51 ? 128 GLU A CA  1 
ATOM   679  C  C   . GLU A 1 86 ? -2.409  6.120   -7.544  1.00 16.86 ? 128 GLU A C   1 
ATOM   680  O  O   . GLU A 1 86 ? -2.783  7.271   -7.759  1.00 18.71 ? 128 GLU A O   1 
ATOM   681  C  CB  . GLU A 1 86 ? -3.047  4.966   -5.414  1.00 22.71 ? 128 GLU A CB  1 
ATOM   682  C  CG  . GLU A 1 86 ? -3.208  6.273   -4.644  1.00 29.97 ? 128 GLU A CG  1 
ATOM   683  C  CD  . GLU A 1 86 ? -3.031  6.101   -3.146  1.00 35.23 ? 128 GLU A CD  1 
ATOM   684  O  OE1 . GLU A 1 86 ? -3.118  7.113   -2.418  1.00 39.37 ? 128 GLU A OE1 1 
ATOM   685  O  OE2 . GLU A 1 86 ? -2.807  4.957   -2.694  1.00 38.19 ? 128 GLU A OE2 1 
ATOM   686  N  N   . ALA A 1 87 ? -1.186  5.700   -7.838  1.00 16.57 ? 129 ALA A N   1 
ATOM   687  C  CA  . ALA A 1 87 ? -0.215  6.602   -8.453  1.00 16.19 ? 129 ALA A CA  1 
ATOM   688  C  C   . ALA A 1 87 ? -0.695  7.094   -9.816  1.00 14.99 ? 129 ALA A C   1 
ATOM   689  O  O   . ALA A 1 87 ? -0.553  8.275   -10.144 1.00 15.76 ? 129 ALA A O   1 
ATOM   690  C  CB  . ALA A 1 87 ? 1.132   5.904   -8.594  1.00 16.03 ? 129 ALA A CB  1 
ATOM   691  N  N   . LEU A 1 88 ? -1.261  6.195   -10.614 1.00 16.02 ? 130 LEU A N   1 
ATOM   692  C  CA  . LEU A 1 88 ? -1.744  6.576   -11.936 1.00 17.45 ? 130 LEU A CA  1 
ATOM   693  C  C   . LEU A 1 88 ? -2.974  7.474   -11.842 1.00 19.42 ? 130 LEU A C   1 
ATOM   694  O  O   . LEU A 1 88 ? -3.229  8.293   -12.722 1.00 16.94 ? 130 LEU A O   1 
ATOM   695  C  CB  . LEU A 1 88 ? -2.051  5.329   -12.773 1.00 16.96 ? 130 LEU A CB  1 
ATOM   696  C  CG  . LEU A 1 88 ? -0.816  4.517   -13.181 1.00 17.31 ? 130 LEU A CG  1 
ATOM   697  C  CD1 . LEU A 1 88 ? -1.225  3.205   -13.850 1.00 17.50 ? 130 LEU A CD1 1 
ATOM   698  C  CD2 . LEU A 1 88 ? 0.040   5.357   -14.123 1.00 18.27 ? 130 LEU A CD2 1 
ATOM   699  N  N   . GLU A 1 89 ? -3.732  7.322   -10.764 1.00 21.37 ? 131 GLU A N   1 
ATOM   700  C  CA  . GLU A 1 89 ? -4.925  8.133   -10.563 1.00 23.77 ? 131 GLU A CA  1 
ATOM   701  C  C   . GLU A 1 89 ? -4.528  9.565   -10.204 1.00 25.46 ? 131 GLU A C   1 
ATOM   702  O  O   . GLU A 1 89 ? -5.053  10.533  -10.761 1.00 24.56 ? 131 GLU A O   1 
ATOM   703  C  CB  . GLU A 1 89 ? -5.760  7.549   -9.425  1.00 27.10 ? 131 GLU A CB  1 
ATOM   704  C  CG  . GLU A 1 89 ? -7.252  7.780   -9.553  1.00 32.75 ? 131 GLU A CG  1 
ATOM   705  C  CD  . GLU A 1 89 ? -7.834  7.068   -10.752 1.00 32.45 ? 131 GLU A CD  1 
ATOM   706  O  OE1 . GLU A 1 89 ? -7.605  7.532   -11.885 1.00 39.25 ? 131 GLU A OE1 1 
ATOM   707  O  OE2 . GLU A 1 89 ? -8.505  6.034   -10.565 1.00 37.67 ? 131 GLU A OE2 1 
ATOM   708  N  N   . GLN A 1 90 ? -3.587  9.696   -9.277  1.00 24.88 ? 132 GLN A N   1 
ATOM   709  C  CA  . GLN A 1 90 ? -3.158  11.012  -8.824  1.00 28.78 ? 132 GLN A CA  1 
ATOM   710  C  C   . GLN A 1 90 ? -2.022  11.625  -9.625  1.00 28.88 ? 132 GLN A C   1 
ATOM   711  O  O   . GLN A 1 90 ? -1.905  12.846  -9.703  1.00 28.23 ? 132 GLN A O   1 
ATOM   712  C  CB  . GLN A 1 90 ? -2.759  10.947  -7.347  1.00 30.28 ? 132 GLN A CB  1 
ATOM   713  C  CG  . GLN A 1 90 ? -3.835  10.343  -6.454  1.00 34.69 ? 132 GLN A CG  1 
ATOM   714  C  CD  . GLN A 1 90 ? -5.149  11.109  -6.509  1.00 37.59 ? 132 GLN A CD  1 
ATOM   715  O  OE1 . GLN A 1 90 ? -6.212  10.558  -6.217  1.00 38.78 ? 132 GLN A OE1 1 
ATOM   716  N  NE2 . GLN A 1 90 ? -5.080  12.388  -6.872  1.00 38.35 ? 132 GLN A NE2 1 
ATOM   717  N  N   . GLY A 1 91 ? -1.194  10.785  -10.231 1.00 28.99 ? 133 GLY A N   1 
ATOM   718  C  CA  . GLY A 1 91 ? -0.069  11.303  -10.980 1.00 34.29 ? 133 GLY A CA  1 
ATOM   719  C  C   . GLY A 1 91 ? 0.981   11.739  -9.976  1.00 37.39 ? 133 GLY A C   1 
ATOM   720  O  O   . GLY A 1 91 ? 1.025   11.216  -8.863  1.00 36.77 ? 133 GLY A O   1 
ATOM   721  N  N   . ALA A 1 92 ? 1.819   12.701  -10.350 1.00 40.27 ? 134 ALA A N   1 
ATOM   722  C  CA  . ALA A 1 92 ? 2.864   13.186  -9.456  1.00 43.14 ? 134 ALA A CA  1 
ATOM   723  C  C   . ALA A 1 92 ? 2.478   14.524  -8.829  1.00 45.28 ? 134 ALA A C   1 
ATOM   724  O  O   . ALA A 1 92 ? 2.311   14.564  -7.591  1.00 47.39 ? 134 ALA A O   1 
ATOM   725  C  CB  . ALA A 1 92 ? 4.178   13.322  -10.218 1.00 42.30 ? 134 ALA A CB  1 
ATOM   726  N  N   . ASP B 1 2  ? -18.812 -22.164 53.829  1.00 49.40 ? 44  ASP B N   1 
ATOM   727  C  CA  . ASP B 1 2  ? -17.518 -22.724 53.339  1.00 48.48 ? 44  ASP B CA  1 
ATOM   728  C  C   . ASP B 1 2  ? -17.555 -23.030 51.847  1.00 47.58 ? 44  ASP B C   1 
ATOM   729  O  O   . ASP B 1 2  ? -17.415 -22.128 51.020  1.00 47.53 ? 44  ASP B O   1 
ATOM   730  C  CB  . ASP B 1 2  ? -17.163 -23.995 54.115  1.00 49.61 ? 44  ASP B CB  1 
ATOM   731  C  CG  . ASP B 1 2  ? -16.769 -23.711 55.552  1.00 51.87 ? 44  ASP B CG  1 
ATOM   732  O  OD1 . ASP B 1 2  ? -15.814 -22.932 55.763  1.00 53.20 ? 44  ASP B OD1 1 
ATOM   733  O  OD2 . ASP B 1 2  ? -17.411 -24.267 56.470  1.00 51.68 ? 44  ASP B OD2 1 
ATOM   734  N  N   . LEU B 1 3  ? -17.739 -24.301 51.502  1.00 46.62 ? 45  LEU B N   1 
ATOM   735  C  CA  . LEU B 1 3  ? -17.783 -24.706 50.102  1.00 45.93 ? 45  LEU B CA  1 
ATOM   736  C  C   . LEU B 1 3  ? -18.822 -23.914 49.320  1.00 45.19 ? 45  LEU B C   1 
ATOM   737  O  O   . LEU B 1 3  ? -18.531 -23.394 48.243  1.00 45.35 ? 45  LEU B O   1 
ATOM   738  C  CB  . LEU B 1 3  ? -18.075 -26.204 49.984  1.00 46.62 ? 45  LEU B CB  1 
ATOM   739  C  CG  . LEU B 1 3  ? -16.975 -27.149 50.478  1.00 47.30 ? 45  LEU B CG  1 
ATOM   740  C  CD1 . LEU B 1 3  ? -17.378 -28.588 50.202  1.00 48.20 ? 45  LEU B CD1 1 
ATOM   741  C  CD2 . LEU B 1 3  ? -15.665 -26.826 49.776  1.00 47.57 ? 45  LEU B CD2 1 
ATOM   742  N  N   . GLN B 1 4  ? -20.034 -23.822 49.859  1.00 44.33 ? 46  GLN B N   1 
ATOM   743  C  CA  . GLN B 1 4  ? -21.091 -23.075 49.189  1.00 43.78 ? 46  GLN B CA  1 
ATOM   744  C  C   . GLN B 1 4  ? -20.711 -21.611 49.038  1.00 41.79 ? 46  GLN B C   1 
ATOM   745  O  O   . GLN B 1 4  ? -21.044 -20.977 48.039  1.00 42.43 ? 46  GLN B O   1 
ATOM   746  C  CB  . GLN B 1 4  ? -22.407 -23.196 49.960  1.00 44.94 ? 46  GLN B CB  1 
ATOM   747  C  CG  . GLN B 1 4  ? -23.276 -24.351 49.494  1.00 48.11 ? 46  GLN B CG  1 
ATOM   748  C  CD  . GLN B 1 4  ? -23.760 -24.176 48.062  1.00 49.12 ? 46  GLN B CD  1 
ATOM   749  O  OE1 . GLN B 1 4  ? -24.351 -25.086 47.481  1.00 51.65 ? 46  GLN B OE1 1 
ATOM   750  N  NE2 . GLN B 1 4  ? -23.516 -23.002 47.490  1.00 50.45 ? 46  GLN B NE2 1 
ATOM   751  N  N   . ARG B 1 5  ? -20.006 -21.078 50.032  1.00 40.13 ? 47  ARG B N   1 
ATOM   752  C  CA  . ARG B 1 5  ? -19.575 -19.687 49.996  1.00 38.29 ? 47  ARG B CA  1 
ATOM   753  C  C   . ARG B 1 5  ? -18.559 -19.492 48.878  1.00 37.44 ? 47  ARG B C   1 
ATOM   754  O  O   . ARG B 1 5  ? -18.587 -18.484 48.169  1.00 36.25 ? 47  ARG B O   1 
ATOM   755  C  CB  . ARG B 1 5  ? -18.953 -19.284 51.337  1.00 37.81 ? 47  ARG B CB  1 
ATOM   756  C  CG  . ARG B 1 5  ? -18.358 -17.878 51.348  1.00 37.12 ? 47  ARG B CG  1 
ATOM   757  C  CD  . ARG B 1 5  ? -17.920 -17.466 52.749  1.00 36.63 ? 47  ARG B CD  1 
ATOM   758  N  NE  . ARG B 1 5  ? -17.302 -16.143 52.762  1.00 35.42 ? 47  ARG B NE  1 
ATOM   759  C  CZ  . ARG B 1 5  ? -16.105 -15.870 52.251  1.00 35.53 ? 47  ARG B CZ  1 
ATOM   760  N  NH1 . ARG B 1 5  ? -15.387 -16.833 51.689  1.00 36.56 ? 47  ARG B NH1 1 
ATOM   761  N  NH2 . ARG B 1 5  ? -15.629 -14.634 52.294  1.00 33.52 ? 47  ARG B NH2 1 
ATOM   762  N  N   . LEU B 1 6  ? -17.666 -20.464 48.724  1.00 36.55 ? 48  LEU B N   1 
ATOM   763  C  CA  . LEU B 1 6  ? -16.638 -20.402 47.690  1.00 36.70 ? 48  LEU B CA  1 
ATOM   764  C  C   . LEU B 1 6  ? -17.265 -20.515 46.309  1.00 36.55 ? 48  LEU B C   1 
ATOM   765  O  O   . LEU B 1 6  ? -16.813 -19.879 45.358  1.00 36.73 ? 48  LEU B O   1 
ATOM   766  C  CB  . LEU B 1 6  ? -15.618 -21.521 47.894  1.00 37.43 ? 48  LEU B CB  1 
ATOM   767  C  CG  . LEU B 1 6  ? -14.777 -21.419 49.168  1.00 38.59 ? 48  LEU B CG  1 
ATOM   768  C  CD1 . LEU B 1 6  ? -13.883 -22.640 49.290  1.00 39.17 ? 48  LEU B CD1 1 
ATOM   769  C  CD2 . LEU B 1 6  ? -13.945 -20.142 49.136  1.00 38.87 ? 48  LEU B CD2 1 
ATOM   770  N  N   . LYS B 1 7  ? -18.307 -21.332 46.210  1.00 36.67 ? 49  LYS B N   1 
ATOM   771  C  CA  . LYS B 1 7  ? -19.015 -21.525 44.951  1.00 37.33 ? 49  LYS B CA  1 
ATOM   772  C  C   . LYS B 1 7  ? -19.685 -20.205 44.573  1.00 36.68 ? 49  LYS B C   1 
ATOM   773  O  O   . LYS B 1 7  ? -19.666 -19.791 43.413  1.00 36.88 ? 49  LYS B O   1 
ATOM   774  C  CB  . LYS B 1 7  ? -20.063 -22.629 45.113  1.00 39.75 ? 49  LYS B CB  1 
ATOM   775  C  CG  . LYS B 1 7  ? -20.789 -23.013 43.835  1.00 42.45 ? 49  LYS B CG  1 
ATOM   776  C  CD  . LYS B 1 7  ? -21.785 -24.136 44.093  1.00 44.75 ? 49  LYS B CD  1 
ATOM   777  C  CE  . LYS B 1 7  ? -22.561 -24.494 42.834  1.00 46.25 ? 49  LYS B CE  1 
ATOM   778  N  NZ  . LYS B 1 7  ? -23.563 -25.568 43.082  1.00 47.79 ? 49  LYS B NZ  1 
ATOM   779  N  N   . PHE B 1 8  ? -20.271 -19.547 45.571  1.00 35.04 ? 50  PHE B N   1 
ATOM   780  C  CA  . PHE B 1 8  ? -20.939 -18.265 45.374  1.00 32.30 ? 50  PHE B CA  1 
ATOM   781  C  C   . PHE B 1 8  ? -19.938 -17.288 44.769  1.00 31.27 ? 50  PHE B C   1 
ATOM   782  O  O   . PHE B 1 8  ? -20.212 -16.633 43.760  1.00 30.11 ? 50  PHE B O   1 
ATOM   783  C  CB  . PHE B 1 8  ? -21.438 -17.728 46.722  1.00 31.70 ? 50  PHE B CB  1 
ATOM   784  C  CG  . PHE B 1 8  ? -22.162 -16.410 46.628  1.00 30.81 ? 50  PHE B CG  1 
ATOM   785  C  CD1 . PHE B 1 8  ? -23.513 -16.361 46.300  1.00 29.80 ? 50  PHE B CD1 1 
ATOM   786  C  CD2 . PHE B 1 8  ? -21.490 -15.215 46.871  1.00 30.76 ? 50  PHE B CD2 1 
ATOM   787  C  CE1 . PHE B 1 8  ? -24.186 -15.141 46.216  1.00 28.30 ? 50  PHE B CE1 1 
ATOM   788  C  CE2 . PHE B 1 8  ? -22.153 -13.990 46.788  1.00 30.26 ? 50  PHE B CE2 1 
ATOM   789  C  CZ  . PHE B 1 8  ? -23.505 -13.955 46.461  1.00 29.29 ? 50  PHE B CZ  1 
ATOM   790  N  N   . ILE B 1 9  ? -18.771 -17.202 45.398  1.00 30.35 ? 51  ILE B N   1 
ATOM   791  C  CA  . ILE B 1 9  ? -17.711 -16.312 44.944  1.00 29.74 ? 51  ILE B CA  1 
ATOM   792  C  C   . ILE B 1 9  ? -17.273 -16.672 43.528  1.00 29.90 ? 51  ILE B C   1 
ATOM   793  O  O   . ILE B 1 9  ? -17.108 -15.796 42.679  1.00 29.70 ? 51  ILE B O   1 
ATOM   794  C  CB  . ILE B 1 9  ? -16.490 -16.399 45.879  1.00 29.95 ? 51  ILE B CB  1 
ATOM   795  C  CG1 . ILE B 1 9  ? -16.893 -15.965 47.292  1.00 29.11 ? 51  ILE B CG1 1 
ATOM   796  C  CG2 . ILE B 1 9  ? -15.356 -15.534 45.338  1.00 28.15 ? 51  ILE B CG2 1 
ATOM   797  C  CD1 . ILE B 1 9  ? -15.819 -16.198 48.339  1.00 29.14 ? 51  ILE B CD1 1 
ATOM   798  N  N   . ARG B 1 10 ? -17.086 -17.965 43.284  1.00 31.09 ? 52  ARG B N   1 
ATOM   799  C  CA  . ARG B 1 10 ? -16.671 -18.448 41.971  1.00 33.33 ? 52  ARG B CA  1 
ATOM   800  C  C   . ARG B 1 10 ? -17.657 -17.962 40.913  1.00 32.84 ? 52  ARG B C   1 
ATOM   801  O  O   . ARG B 1 10 ? -17.262 -17.488 39.848  1.00 32.59 ? 52  ARG B O   1 
ATOM   802  C  CB  . ARG B 1 10 ? -16.618 -19.980 41.969  1.00 36.34 ? 52  ARG B CB  1 
ATOM   803  C  CG  . ARG B 1 10 ? -16.042 -20.595 40.697  1.00 41.09 ? 52  ARG B CG  1 
ATOM   804  C  CD  . ARG B 1 10 ? -17.039 -21.527 40.014  1.00 44.33 ? 52  ARG B CD  1 
ATOM   805  N  NE  . ARG B 1 10 ? -17.435 -22.652 40.861  1.00 47.94 ? 52  ARG B NE  1 
ATOM   806  C  CZ  . ARG B 1 10 ? -18.349 -23.559 40.525  1.00 48.41 ? 52  ARG B CZ  1 
ATOM   807  N  NH1 . ARG B 1 10 ? -18.970 -23.481 39.355  1.00 48.60 ? 52  ARG B NH1 1 
ATOM   808  N  NH2 . ARG B 1 10 ? -18.648 -24.544 41.362  1.00 49.73 ? 52  ARG B NH2 1 
ATOM   809  N  N   . HIS B 1 11 ? -18.944 -18.073 41.220  1.00 32.37 ? 53  HIS B N   1 
ATOM   810  C  CA  . HIS B 1 11 ? -19.990 -17.651 40.297  1.00 32.39 ? 53  HIS B CA  1 
ATOM   811  C  C   . HIS B 1 11 ? -19.955 -16.149 40.029  1.00 31.90 ? 53  HIS B C   1 
ATOM   812  O  O   . HIS B 1 11 ? -20.163 -15.709 38.896  1.00 30.89 ? 53  HIS B O   1 
ATOM   813  C  CB  . HIS B 1 11 ? -21.359 -18.058 40.847  1.00 34.27 ? 53  HIS B CB  1 
ATOM   814  C  CG  . HIS B 1 11 ? -21.566 -19.539 40.903  1.00 34.96 ? 53  HIS B CG  1 
ATOM   815  N  ND1 . HIS B 1 11 ? -22.637 -20.119 41.549  1.00 35.64 ? 53  HIS B ND1 1 
ATOM   816  C  CD2 . HIS B 1 11 ? -20.841 -20.561 40.387  1.00 36.53 ? 53  HIS B CD2 1 
ATOM   817  C  CE1 . HIS B 1 11 ? -22.562 -21.433 41.430  1.00 36.87 ? 53  HIS B CE1 1 
ATOM   818  N  NE2 . HIS B 1 11 ? -21.481 -21.727 40.730  1.00 36.65 ? 53  HIS B NE2 1 
ATOM   819  N  N   . ALA B 1 12 ? -19.685 -15.363 41.067  1.00 30.43 ? 54  ALA B N   1 
ATOM   820  C  CA  . ALA B 1 12 ? -19.622 -13.912 40.917  1.00 29.91 ? 54  ALA B CA  1 
ATOM   821  C  C   . ALA B 1 12 ? -18.439 -13.518 40.035  1.00 31.32 ? 54  ALA B C   1 
ATOM   822  O  O   . ALA B 1 12 ? -18.565 -12.662 39.157  1.00 31.32 ? 54  ALA B O   1 
ATOM   823  C  CB  . ALA B 1 12 ? -19.502 -13.248 42.286  1.00 29.22 ? 54  ALA B CB  1 
ATOM   824  N  N   . ARG B 1 13 ? -17.289 -14.144 40.270  1.00 33.07 ? 55  ARG B N   1 
ATOM   825  C  CA  . ARG B 1 13 ? -16.094 -13.857 39.484  1.00 34.67 ? 55  ARG B CA  1 
ATOM   826  C  C   . ARG B 1 13 ? -16.320 -14.185 38.014  1.00 34.52 ? 55  ARG B C   1 
ATOM   827  O  O   . ARG B 1 13 ? -15.748 -13.547 37.131  1.00 34.32 ? 55  ARG B O   1 
ATOM   828  C  CB  . ARG B 1 13 ? -14.906 -14.655 40.020  1.00 36.37 ? 55  ARG B CB  1 
ATOM   829  C  CG  . ARG B 1 13 ? -14.418 -14.180 41.373  1.00 38.93 ? 55  ARG B CG  1 
ATOM   830  C  CD  . ARG B 1 13 ? -13.299 -15.055 41.902  1.00 42.26 ? 55  ARG B CD  1 
ATOM   831  N  NE  . ARG B 1 13 ? -12.760 -14.532 43.155  1.00 44.72 ? 55  ARG B NE  1 
ATOM   832  C  CZ  . ARG B 1 13 ? -11.916 -15.191 43.943  1.00 45.77 ? 55  ARG B CZ  1 
ATOM   833  N  NH1 . ARG B 1 13 ? -11.509 -16.411 43.611  1.00 46.21 ? 55  ARG B NH1 1 
ATOM   834  N  NH2 . ARG B 1 13 ? -11.478 -14.629 45.062  1.00 46.23 ? 55  ARG B NH2 1 
ATOM   835  N  N   . GLN B 1 14 ? -17.160 -15.180 37.756  1.00 35.75 ? 56  GLN B N   1 
ATOM   836  C  CA  . GLN B 1 14 ? -17.469 -15.576 36.388  1.00 35.58 ? 56  GLN B CA  1 
ATOM   837  C  C   . GLN B 1 14 ? -18.202 -14.462 35.654  1.00 35.04 ? 56  GLN B C   1 
ATOM   838  O  O   . GLN B 1 14 ? -18.185 -14.409 34.424  1.00 34.51 ? 56  GLN B O   1 
ATOM   839  C  CB  . GLN B 1 14 ? -18.321 -16.846 36.377  1.00 37.35 ? 56  GLN B CB  1 
ATOM   840  C  CG  . GLN B 1 14 ? -17.540 -18.119 36.650  1.00 41.13 ? 56  GLN B CG  1 
ATOM   841  C  CD  . GLN B 1 14 ? -18.425 -19.352 36.659  1.00 43.59 ? 56  GLN B CD  1 
ATOM   842  O  OE1 . GLN B 1 14 ? -19.234 -19.555 35.755  1.00 46.70 ? 56  GLN B OE1 1 
ATOM   843  N  NE2 . GLN B 1 14 ? -18.268 -20.186 37.680  1.00 45.25 ? 56  GLN B NE2 1 
ATOM   844  N  N   . LEU B 1 15 ? -18.845 -13.574 36.409  1.00 33.77 ? 57  LEU B N   1 
ATOM   845  C  CA  . LEU B 1 15 ? -19.575 -12.460 35.812  1.00 32.99 ? 57  LEU B CA  1 
ATOM   846  C  C   . LEU B 1 15 ? -18.766 -11.168 35.800  1.00 31.23 ? 57  LEU B C   1 
ATOM   847  O  O   . LEU B 1 15 ? -19.265 -10.118 35.396  1.00 31.20 ? 57  LEU B O   1 
ATOM   848  C  CB  . LEU B 1 15 ? -20.905 -12.238 36.539  1.00 33.95 ? 57  LEU B CB  1 
ATOM   849  C  CG  . LEU B 1 15 ? -22.047 -13.167 36.116  1.00 35.77 ? 57  LEU B CG  1 
ATOM   850  C  CD1 . LEU B 1 15 ? -21.657 -14.611 36.359  1.00 37.88 ? 57  LEU B CD1 1 
ATOM   851  C  CD2 . LEU B 1 15 ? -23.305 -12.820 36.892  1.00 37.64 ? 57  LEU B CD2 1 
ATOM   852  N  N   . GLY B 1 16 ? -17.519 -11.250 36.252  1.00 30.92 ? 58  GLY B N   1 
ATOM   853  C  CA  . GLY B 1 16 ? -16.649 -10.087 36.255  1.00 28.73 ? 58  GLY B CA  1 
ATOM   854  C  C   . GLY B 1 16 ? -16.860 -9.057  37.348  1.00 28.86 ? 58  GLY B C   1 
ATOM   855  O  O   . GLY B 1 16 ? -16.397 -7.923  37.225  1.00 27.22 ? 58  GLY B O   1 
ATOM   856  N  N   . PHE B 1 17 ? -17.559 -9.431  38.415  1.00 28.49 ? 59  PHE B N   1 
ATOM   857  C  CA  . PHE B 1 17 ? -17.787 -8.500  39.513  1.00 29.43 ? 59  PHE B CA  1 
ATOM   858  C  C   . PHE B 1 17 ? -16.467 -8.135  40.183  1.00 30.31 ? 59  PHE B C   1 
ATOM   859  O  O   . PHE B 1 17 ? -15.630 -9.003  40.435  1.00 30.88 ? 59  PHE B O   1 
ATOM   860  C  CB  . PHE B 1 17 ? -18.727 -9.108  40.562  1.00 26.85 ? 59  PHE B CB  1 
ATOM   861  C  CG  . PHE B 1 17 ? -20.178 -9.085  40.168  1.00 25.42 ? 59  PHE B CG  1 
ATOM   862  C  CD1 . PHE B 1 17 ? -20.839 -10.258 39.818  1.00 25.91 ? 59  PHE B CD1 1 
ATOM   863  C  CD2 . PHE B 1 17 ? -20.886 -7.886  40.152  1.00 24.19 ? 59  PHE B CD2 1 
ATOM   864  C  CE1 . PHE B 1 17 ? -22.188 -10.239 39.457  1.00 23.31 ? 59  PHE B CE1 1 
ATOM   865  C  CE2 . PHE B 1 17 ? -22.232 -7.854  39.795  1.00 23.55 ? 59  PHE B CE2 1 
ATOM   866  C  CZ  . PHE B 1 17 ? -22.886 -9.033  39.446  1.00 23.79 ? 59  PHE B CZ  1 
ATOM   867  N  N   . SER B 1 18 ? -16.285 -6.850  40.468  1.00 31.74 ? 60  SER B N   1 
ATOM   868  C  CA  . SER B 1 18 ? -15.071 -6.382  41.127  1.00 33.46 ? 60  SER B CA  1 
ATOM   869  C  C   . SER B 1 18 ? -15.027 -6.971  42.533  1.00 34.51 ? 60  SER B C   1 
ATOM   870  O  O   . SER B 1 18 ? -16.049 -7.423  43.052  1.00 33.01 ? 60  SER B O   1 
ATOM   871  C  CB  . SER B 1 18 ? -15.072 -4.854  41.208  1.00 33.49 ? 60  SER B CB  1 
ATOM   872  O  OG  . SER B 1 18 ? -16.191 -4.390  41.944  1.00 35.78 ? 60  SER B OG  1 
ATOM   873  N  N   . LEU B 1 19 ? -13.848 -6.973  43.147  1.00 35.08 ? 61  LEU B N   1 
ATOM   874  C  CA  . LEU B 1 19 ? -13.706 -7.517  44.494  1.00 35.56 ? 61  LEU B CA  1 
ATOM   875  C  C   . LEU B 1 19 ? -14.592 -6.733  45.453  1.00 35.09 ? 61  LEU B C   1 
ATOM   876  O  O   . LEU B 1 19 ? -15.156 -7.289  46.393  1.00 34.19 ? 61  LEU B O   1 
ATOM   877  C  CB  . LEU B 1 19 ? -12.248 -7.439  44.955  1.00 38.34 ? 61  LEU B CB  1 
ATOM   878  C  CG  . LEU B 1 19 ? -11.949 -7.967  46.364  1.00 39.72 ? 61  LEU B CG  1 
ATOM   879  C  CD1 . LEU B 1 19 ? -12.329 -9.440  46.462  1.00 41.01 ? 61  LEU B CD1 1 
ATOM   880  C  CD2 . LEU B 1 19 ? -10.471 -7.776  46.678  1.00 41.94 ? 61  LEU B CD2 1 
ATOM   881  N  N   . GLU B 1 20 ? -14.710 -5.435  45.203  1.00 34.27 ? 62  GLU B N   1 
ATOM   882  C  CA  . GLU B 1 20 ? -15.528 -4.567  46.034  1.00 35.51 ? 62  GLU B CA  1 
ATOM   883  C  C   . GLU B 1 20 ? -16.989 -5.002  45.989  1.00 34.55 ? 62  GLU B C   1 
ATOM   884  O  O   . GLU B 1 20 ? -17.617 -5.197  47.028  1.00 33.77 ? 62  GLU B O   1 
ATOM   885  C  CB  . GLU B 1 20 ? -15.396 -3.120  45.559  1.00 37.75 ? 62  GLU B CB  1 
ATOM   886  C  CG  . GLU B 1 20 ? -16.309 -2.139  46.269  1.00 42.69 ? 62  GLU B CG  1 
ATOM   887  C  CD  . GLU B 1 20 ? -16.048 -0.705  45.850  1.00 45.42 ? 62  GLU B CD  1 
ATOM   888  O  OE1 . GLU B 1 20 ? -14.976 -0.170  46.206  1.00 46.93 ? 62  GLU B OE1 1 
ATOM   889  O  OE2 . GLU B 1 20 ? -16.907 -0.117  45.158  1.00 47.47 ? 62  GLU B OE2 1 
ATOM   890  N  N   . SER B 1 21 ? -17.525 -5.162  44.782  1.00 33.31 ? 63  SER B N   1 
ATOM   891  C  CA  . SER B 1 21 ? -18.913 -5.575  44.625  1.00 31.94 ? 63  SER B CA  1 
ATOM   892  C  C   . SER B 1 21 ? -19.114 -6.984  45.175  1.00 30.29 ? 63  SER B C   1 
ATOM   893  O  O   . SER B 1 21 ? -20.169 -7.296  45.727  1.00 28.72 ? 63  SER B O   1 
ATOM   894  C  CB  . SER B 1 21 ? -19.327 -5.514  43.151  1.00 32.19 ? 63  SER B CB  1 
ATOM   895  O  OG  . SER B 1 21 ? -18.600 -6.449  42.375  1.00 38.21 ? 63  SER B OG  1 
ATOM   896  N  N   . ILE B 1 22 ? -18.100 -7.832  45.035  1.00 28.59 ? 64  ILE B N   1 
ATOM   897  C  CA  . ILE B 1 22 ? -18.196 -9.195  45.545  1.00 29.05 ? 64  ILE B CA  1 
ATOM   898  C  C   . ILE B 1 22 ? -18.308 -9.154  47.067  1.00 29.29 ? 64  ILE B C   1 
ATOM   899  O  O   . ILE B 1 22 ? -19.103 -9.884  47.662  1.00 28.12 ? 64  ILE B O   1 
ATOM   900  C  CB  . ILE B 1 22 ? -16.968 -10.046 45.139  1.00 29.10 ? 64  ILE B CB  1 
ATOM   901  C  CG1 . ILE B 1 22 ? -16.979 -10.285 43.625  1.00 29.53 ? 64  ILE B CG1 1 
ATOM   902  C  CG2 . ILE B 1 22 ? -16.992 -11.384 45.873  1.00 29.54 ? 64  ILE B CG2 1 
ATOM   903  C  CD1 . ILE B 1 22 ? -15.820 -11.132 43.122  1.00 28.12 ? 64  ILE B CD1 1 
ATOM   904  N  N   . ARG B 1 23 ? -17.509 -8.298  47.698  1.00 29.24 ? 65  ARG B N   1 
ATOM   905  C  CA  . ARG B 1 23 ? -17.552 -8.166  49.150  1.00 29.73 ? 65  ARG B CA  1 
ATOM   906  C  C   . ARG B 1 23 ? -18.939 -7.704  49.583  1.00 27.76 ? 65  ARG B C   1 
ATOM   907  O  O   . ARG B 1 23 ? -19.474 -8.180  50.584  1.00 27.13 ? 65  ARG B O   1 
ATOM   908  C  CB  . ARG B 1 23 ? -16.497 -7.165  49.632  1.00 31.89 ? 65  ARG B CB  1 
ATOM   909  C  CG  . ARG B 1 23 ? -15.119 -7.772  49.891  1.00 36.44 ? 65  ARG B CG  1 
ATOM   910  C  CD  . ARG B 1 23 ? -14.049 -6.687  49.998  1.00 39.18 ? 65  ARG B CD  1 
ATOM   911  N  NE  . ARG B 1 23 ? -14.433 -5.595  50.894  1.00 42.73 ? 65  ARG B NE  1 
ATOM   912  C  CZ  . ARG B 1 23 ? -14.407 -5.657  52.223  1.00 44.49 ? 65  ARG B CZ  1 
ATOM   913  N  NH1 . ARG B 1 23 ? -14.010 -6.763  52.839  1.00 46.68 ? 65  ARG B NH1 1 
ATOM   914  N  NH2 . ARG B 1 23 ? -14.776 -4.603  52.940  1.00 45.69 ? 65  ARG B NH2 1 
ATOM   915  N  N   . GLU B 1 24 ? -19.526 -6.774  48.836  1.00 27.00 ? 66  GLU B N   1 
ATOM   916  C  CA  . GLU B 1 24 ? -20.853 -6.286  49.187  1.00 27.20 ? 66  GLU B CA  1 
ATOM   917  C  C   . GLU B 1 24 ? -21.896 -7.388  49.005  1.00 26.47 ? 66  GLU B C   1 
ATOM   918  O  O   . GLU B 1 24 ? -22.795 -7.534  49.831  1.00 24.64 ? 66  GLU B O   1 
ATOM   919  C  CB  . GLU B 1 24 ? -21.228 -5.063  48.346  1.00 30.14 ? 66  GLU B CB  1 
ATOM   920  C  CG  . GLU B 1 24 ? -22.548 -4.426  48.772  1.00 35.00 ? 66  GLU B CG  1 
ATOM   921  C  CD  . GLU B 1 24 ? -22.882 -3.160  47.994  1.00 38.96 ? 66  GLU B CD  1 
ATOM   922  O  OE1 . GLU B 1 24 ? -23.996 -2.620  48.187  1.00 40.24 ? 66  GLU B OE1 1 
ATOM   923  O  OE2 . GLU B 1 24 ? -22.034 -2.702  47.196  1.00 39.57 ? 66  GLU B OE2 1 
ATOM   924  N  N   . LEU B 1 25 ? -21.772 -8.164  47.931  1.00 24.02 ? 67  LEU B N   1 
ATOM   925  C  CA  . LEU B 1 25 ? -22.710 -9.255  47.677  1.00 23.92 ? 67  LEU B CA  1 
ATOM   926  C  C   . LEU B 1 25 ? -22.613 -10.299 48.788  1.00 23.93 ? 67  LEU B C   1 
ATOM   927  O  O   . LEU B 1 25 ? -23.613 -10.901 49.181  1.00 23.00 ? 67  LEU B O   1 
ATOM   928  C  CB  . LEU B 1 25 ? -22.422 -9.910  46.319  1.00 23.00 ? 67  LEU B CB  1 
ATOM   929  C  CG  . LEU B 1 25 ? -22.866 -9.141  45.070  1.00 22.29 ? 67  LEU B CG  1 
ATOM   930  C  CD1 . LEU B 1 25 ? -22.285 -9.801  43.827  1.00 20.56 ? 67  LEU B CD1 1 
ATOM   931  C  CD2 . LEU B 1 25 ? -24.394 -9.109  44.999  1.00 20.05 ? 67  LEU B CD2 1 
ATOM   932  N  N   . LEU B 1 26 ? -21.403 -10.512 49.295  1.00 23.49 ? 68  LEU B N   1 
ATOM   933  C  CA  . LEU B 1 26 ? -21.199 -11.477 50.368  1.00 23.40 ? 68  LEU B CA  1 
ATOM   934  C  C   . LEU B 1 26 ? -21.858 -11.012 51.666  1.00 22.74 ? 68  LEU B C   1 
ATOM   935  O  O   . LEU B 1 26 ? -22.368 -11.828 52.434  1.00 23.37 ? 68  LEU B O   1 
ATOM   936  C  CB  . LEU B 1 26 ? -19.702 -11.706 50.599  1.00 24.83 ? 68  LEU B CB  1 
ATOM   937  C  CG  . LEU B 1 26 ? -18.961 -12.532 49.546  1.00 26.29 ? 68  LEU B CG  1 
ATOM   938  C  CD1 . LEU B 1 26 ? -17.455 -12.432 49.773  1.00 26.15 ? 68  LEU B CD1 1 
ATOM   939  C  CD2 . LEU B 1 26 ? -19.424 -13.979 49.620  1.00 23.68 ? 68  LEU B CD2 1 
ATOM   940  N  N   . SER B 1 27 ? -21.846 -9.702  51.904  1.00 22.03 ? 69  SER B N   1 
ATOM   941  C  CA  . SER B 1 27 ? -22.450 -9.130  53.108  1.00 23.60 ? 69  SER B CA  1 
ATOM   942  C  C   . SER B 1 27 ? -23.966 -9.256  53.065  1.00 23.18 ? 69  SER B C   1 
ATOM   943  O  O   . SER B 1 27 ? -24.612 -9.504  54.082  1.00 23.15 ? 69  SER B O   1 
ATOM   944  C  CB  . SER B 1 27 ? -22.069 -7.658  53.245  1.00 23.08 ? 69  SER B CB  1 
ATOM   945  O  OG  . SER B 1 27 ? -20.670 -7.522  53.422  1.00 29.84 ? 69  SER B OG  1 
ATOM   946  N  N   . ILE B 1 28 ? -24.530 -9.063  51.879  1.00 23.07 ? 70  ILE B N   1 
ATOM   947  C  CA  . ILE B 1 28 ? -25.971 -9.177  51.689  1.00 22.46 ? 70  ILE B CA  1 
ATOM   948  C  C   . ILE B 1 28 ? -26.338 -10.645 51.872  1.00 22.12 ? 70  ILE B C   1 
ATOM   949  O  O   . ILE B 1 28 ? -27.314 -10.984 52.545  1.00 23.13 ? 70  ILE B O   1 
ATOM   950  C  CB  . ILE B 1 28 ? -26.371 -8.724  50.264  1.00 22.51 ? 70  ILE B CB  1 
ATOM   951  C  CG1 . ILE B 1 28 ? -26.086 -7.229  50.097  1.00 22.86 ? 70  ILE B CG1 1 
ATOM   952  C  CG2 . ILE B 1 28 ? -27.838 -9.030  50.007  1.00 22.46 ? 70  ILE B CG2 1 
ATOM   953  C  CD1 . ILE B 1 28 ? -26.327 -6.706  48.689  1.00 22.44 ? 70  ILE B CD1 1 
ATOM   954  N  N   . ARG B 1 29 ? -25.525 -11.510 51.280  1.00 23.60 ? 71  ARG B N   1 
ATOM   955  C  CA  . ARG B 1 29 ? -25.727 -12.952 51.341  1.00 23.35 ? 71  ARG B CA  1 
ATOM   956  C  C   . ARG B 1 29 ? -25.807 -13.519 52.754  1.00 23.76 ? 71  ARG B C   1 
ATOM   957  O  O   . ARG B 1 29 ? -26.684 -14.330 53.056  1.00 22.82 ? 71  ARG B O   1 
ATOM   958  C  CB  . ARG B 1 29 ? -24.596 -13.657 50.586  1.00 24.52 ? 71  ARG B CB  1 
ATOM   959  C  CG  . ARG B 1 29 ? -24.605 -15.175 50.700  1.00 26.19 ? 71  ARG B CG  1 
ATOM   960  C  CD  . ARG B 1 29 ? -23.497 -15.787 49.847  1.00 27.81 ? 71  ARG B CD  1 
ATOM   961  N  NE  . ARG B 1 29 ? -23.484 -17.247 49.917  1.00 29.05 ? 71  ARG B NE  1 
ATOM   962  C  CZ  . ARG B 1 29 ? -22.996 -17.948 50.935  1.00 30.53 ? 71  ARG B CZ  1 
ATOM   963  N  NH1 . ARG B 1 29 ? -22.469 -17.327 51.982  1.00 30.73 ? 71  ARG B NH1 1 
ATOM   964  N  NH2 . ARG B 1 29 ? -23.043 -19.272 50.907  1.00 30.48 ? 71  ARG B NH2 1 
ATOM   965  N  N   . ILE B 1 30 ? -24.894 -13.091 53.618  1.00 23.46 ? 72  ILE B N   1 
ATOM   966  C  CA  . ILE B 1 30 ? -24.847 -13.597 54.984  1.00 24.09 ? 72  ILE B CA  1 
ATOM   967  C  C   . ILE B 1 30 ? -25.834 -12.941 55.959  1.00 24.10 ? 72  ILE B C   1 
ATOM   968  O  O   . ILE B 1 30 ? -26.098 -13.479 57.033  1.00 27.08 ? 72  ILE B O   1 
ATOM   969  C  CB  . ILE B 1 30 ? -23.402 -13.475 55.546  1.00 23.70 ? 72  ILE B CB  1 
ATOM   970  C  CG1 . ILE B 1 30 ? -23.259 -14.295 56.829  1.00 25.47 ? 72  ILE B CG1 1 
ATOM   971  C  CG2 . ILE B 1 30 ? -23.056 -12.011 55.790  1.00 23.57 ? 72  ILE B CG2 1 
ATOM   972  C  CD1 . ILE B 1 30 ? -23.286 -15.796 56.606  1.00 28.83 ? 72  ILE B CD1 1 
ATOM   973  N  N   . ASP B 1 31 ? -26.393 -11.795 55.590  1.00 24.30 ? 73  ASP B N   1 
ATOM   974  C  CA  . ASP B 1 31 ? -27.337 -11.106 56.472  1.00 23.98 ? 73  ASP B CA  1 
ATOM   975  C  C   . ASP B 1 31 ? -28.528 -10.590 55.659  1.00 24.26 ? 73  ASP B C   1 
ATOM   976  O  O   . ASP B 1 31 ? -28.877 -9.410  55.715  1.00 24.91 ? 73  ASP B O   1 
ATOM   977  C  CB  . ASP B 1 31 ? -26.612 -9.956  57.180  1.00 23.81 ? 73  ASP B CB  1 
ATOM   978  C  CG  . ASP B 1 31 ? -27.436 -9.326  58.287  1.00 26.82 ? 73  ASP B CG  1 
ATOM   979  O  OD1 . ASP B 1 31 ? -28.330 -10.004 58.835  1.00 27.51 ? 73  ASP B OD1 1 
ATOM   980  O  OD2 . ASP B 1 31 ? -27.172 -8.151  58.622  1.00 28.81 ? 73  ASP B OD2 1 
ATOM   981  N  N   . PRO B 1 32 ? -29.187 -11.492 54.912  1.00 23.73 ? 74  PRO B N   1 
ATOM   982  C  CA  . PRO B 1 32 ? -30.340 -11.194 54.057  1.00 23.52 ? 74  PRO B CA  1 
ATOM   983  C  C   . PRO B 1 32 ? -31.520 -10.478 54.704  1.00 24.84 ? 74  PRO B C   1 
ATOM   984  O  O   . PRO B 1 32 ? -32.200 -9.690  54.047  1.00 22.20 ? 74  PRO B O   1 
ATOM   985  C  CB  . PRO B 1 32 ? -30.726 -12.570 53.515  1.00 23.61 ? 74  PRO B CB  1 
ATOM   986  C  CG  . PRO B 1 32 ? -30.372 -13.475 54.639  1.00 24.97 ? 74  PRO B CG  1 
ATOM   987  C  CD  . PRO B 1 32 ? -29.009 -12.950 55.041  1.00 22.60 ? 74  PRO B CD  1 
ATOM   988  N  N   . GLU B 1 33 ? -31.765 -10.751 55.984  1.00 24.69 ? 75  GLU B N   1 
ATOM   989  C  CA  . GLU B 1 33 ? -32.884 -10.128 56.682  1.00 26.22 ? 75  GLU B CA  1 
ATOM   990  C  C   . GLU B 1 33 ? -32.719 -8.622  56.820  1.00 25.54 ? 75  GLU B C   1 
ATOM   991  O  O   . GLU B 1 33 ? -33.687 -7.915  57.087  1.00 25.42 ? 75  GLU B O   1 
ATOM   992  C  CB  . GLU B 1 33 ? -33.059 -10.725 58.080  1.00 29.81 ? 75  GLU B CB  1 
ATOM   993  C  CG  . GLU B 1 33 ? -33.096 -12.239 58.142  1.00 35.37 ? 75  GLU B CG  1 
ATOM   994  C  CD  . GLU B 1 33 ? -31.735 -12.863 57.902  1.00 39.48 ? 75  GLU B CD  1 
ATOM   995  O  OE1 . GLU B 1 33 ? -30.733 -12.338 58.435  1.00 41.53 ? 75  GLU B OE1 1 
ATOM   996  O  OE2 . GLU B 1 33 ? -31.669 -13.887 57.191  1.00 43.62 ? 75  GLU B OE2 1 
ATOM   997  N  N   . HIS B 1 34 ? -31.499 -8.124  56.639  1.00 25.20 ? 76  HIS B N   1 
ATOM   998  C  CA  . HIS B 1 34 ? -31.270 -6.690  56.775  1.00 24.45 ? 76  HIS B CA  1 
ATOM   999  C  C   . HIS B 1 34 ? -30.804 -6.008  55.495  1.00 24.12 ? 76  HIS B C   1 
ATOM   1000 O  O   . HIS B 1 34 ? -30.199 -4.934  55.530  1.00 22.70 ? 76  HIS B O   1 
ATOM   1001 C  CB  . HIS B 1 34 ? -30.285 -6.435  57.917  1.00 25.28 ? 76  HIS B CB  1 
ATOM   1002 C  CG  . HIS B 1 34 ? -30.741 -7.003  59.224  1.00 25.96 ? 76  HIS B CG  1 
ATOM   1003 N  ND1 . HIS B 1 34 ? -30.278 -8.204  59.716  1.00 25.23 ? 76  HIS B ND1 1 
ATOM   1004 C  CD2 . HIS B 1 34 ? -31.693 -6.583  60.093  1.00 26.13 ? 76  HIS B CD2 1 
ATOM   1005 C  CE1 . HIS B 1 34 ? -30.926 -8.502  60.828  1.00 26.17 ? 76  HIS B CE1 1 
ATOM   1006 N  NE2 . HIS B 1 34 ? -31.791 -7.536  61.078  1.00 27.20 ? 76  HIS B NE2 1 
ATOM   1007 N  N   . HIS B 1 35 ? -31.106 -6.633  54.362  1.00 22.23 ? 77  HIS B N   1 
ATOM   1008 C  CA  . HIS B 1 35 ? -30.743 -6.081  53.068  1.00 21.26 ? 77  HIS B CA  1 
ATOM   1009 C  C   . HIS B 1 35 ? -31.914 -6.261  52.110  1.00 21.44 ? 77  HIS B C   1 
ATOM   1010 O  O   . HIS B 1 35 ? -32.832 -7.035  52.386  1.00 21.73 ? 77  HIS B O   1 
ATOM   1011 C  CB  . HIS B 1 35 ? -29.473 -6.752  52.558  1.00 20.49 ? 77  HIS B CB  1 
ATOM   1012 C  CG  . HIS B 1 35 ? -28.253 -6.376  53.343  1.00 20.76 ? 77  HIS B CG  1 
ATOM   1013 N  ND1 . HIS B 1 35 ? -27.628 -5.155  53.205  1.00 22.43 ? 77  HIS B ND1 1 
ATOM   1014 C  CD2 . HIS B 1 35 ? -27.581 -7.034  54.316  1.00 21.38 ? 77  HIS B CD2 1 
ATOM   1015 C  CE1 . HIS B 1 35 ? -26.623 -5.077  54.060  1.00 21.76 ? 77  HIS B CE1 1 
ATOM   1016 N  NE2 . HIS B 1 35 ? -26.574 -6.205  54.747  1.00 21.65 ? 77  HIS B NE2 1 
ATOM   1017 N  N   . THR B 1 36 ? -31.883 -5.550  50.988  1.00 20.26 ? 78  THR B N   1 
ATOM   1018 C  CA  . THR B 1 36 ? -32.991 -5.597  50.041  1.00 19.66 ? 78  THR B CA  1 
ATOM   1019 C  C   . THR B 1 36 ? -32.613 -5.878  48.596  1.00 19.63 ? 78  THR B C   1 
ATOM   1020 O  O   . THR B 1 36 ? -31.442 -5.800  48.213  1.00 19.03 ? 78  THR B O   1 
ATOM   1021 C  CB  . THR B 1 36 ? -33.738 -4.264  50.039  1.00 19.72 ? 78  THR B CB  1 
ATOM   1022 O  OG1 . THR B 1 36 ? -32.897 -3.271  49.437  1.00 21.08 ? 78  THR B OG1 1 
ATOM   1023 C  CG2 . THR B 1 36 ? -34.081 -3.828  51.470  1.00 20.32 ? 78  THR B CG2 1 
ATOM   1024 N  N   . CYS B 1 37 ? -33.629 -6.181  47.791  1.00 18.63 ? 79  CYS B N   1 
ATOM   1025 C  CA  . CYS B 1 37 ? -33.428 -6.440  46.374  1.00 18.99 ? 79  CYS B CA  1 
ATOM   1026 C  C   . CYS B 1 37 ? -32.852 -5.191  45.715  1.00 18.73 ? 79  CYS B C   1 
ATOM   1027 O  O   . CYS B 1 37 ? -32.077 -5.286  44.767  1.00 19.17 ? 79  CYS B O   1 
ATOM   1028 C  CB  . CYS B 1 37 ? -34.754 -6.815  45.698  1.00 17.83 ? 79  CYS B CB  1 
ATOM   1029 S  SG  . CYS B 1 37 ? -35.304 -8.508  46.033  1.00 16.35 ? 79  CYS B SG  1 
ATOM   1030 N  N   . GLN B 1 38 ? -33.228 -4.022  46.222  1.00 18.64 ? 80  GLN B N   1 
ATOM   1031 C  CA  . GLN B 1 38 ? -32.734 -2.769  45.666  1.00 21.47 ? 80  GLN B CA  1 
ATOM   1032 C  C   . GLN B 1 38 ? -31.206 -2.714  45.726  1.00 21.19 ? 80  GLN B C   1 
ATOM   1033 O  O   . GLN B 1 38 ? -30.555 -2.232  44.799  1.00 20.49 ? 80  GLN B O   1 
ATOM   1034 C  CB  . GLN B 1 38 ? -33.323 -1.577  46.424  1.00 23.59 ? 80  GLN B CB  1 
ATOM   1035 C  CG  . GLN B 1 38 ? -33.068 -0.241  45.744  1.00 29.53 ? 80  GLN B CG  1 
ATOM   1036 C  CD  . GLN B 1 38 ? -33.769 0.913   46.437  1.00 35.00 ? 80  GLN B CD  1 
ATOM   1037 O  OE1 . GLN B 1 38 ? -34.961 0.838   46.748  1.00 37.56 ? 80  GLN B OE1 1 
ATOM   1038 N  NE2 . GLN B 1 38 ? -33.034 1.993   46.675  1.00 37.60 ? 80  GLN B NE2 1 
ATOM   1039 N  N   . GLU B 1 39 ? -30.640 -3.213  46.821  1.00 21.20 ? 81  GLU B N   1 
ATOM   1040 C  CA  . GLU B 1 39 ? -29.192 -3.223  47.002  1.00 22.39 ? 81  GLU B CA  1 
ATOM   1041 C  C   . GLU B 1 39 ? -28.513 -4.200  46.046  1.00 22.56 ? 81  GLU B C   1 
ATOM   1042 O  O   . GLU B 1 39 ? -27.557 -3.844  45.356  1.00 21.74 ? 81  GLU B O   1 
ATOM   1043 C  CB  . GLU B 1 39 ? -28.838 -3.601  48.443  1.00 23.00 ? 81  GLU B CB  1 
ATOM   1044 C  CG  . GLU B 1 39 ? -29.354 -2.632  49.488  1.00 23.62 ? 81  GLU B CG  1 
ATOM   1045 C  CD  . GLU B 1 39 ? -29.062 -3.104  50.898  1.00 26.04 ? 81  GLU B CD  1 
ATOM   1046 O  OE1 . GLU B 1 39 ? -27.885 -3.054  51.315  1.00 28.15 ? 81  GLU B OE1 1 
ATOM   1047 O  OE2 . GLU B 1 39 ? -30.008 -3.538  51.585  1.00 24.54 ? 81  GLU B OE2 1 
ATOM   1048 N  N   . SER B 1 40 ? -29.004 -5.435  46.013  1.00 21.67 ? 82  SER B N   1 
ATOM   1049 C  CA  . SER B 1 40 ? -28.427 -6.448  45.138  1.00 22.39 ? 82  SER B CA  1 
ATOM   1050 C  C   . SER B 1 40 ? -28.549 -6.052  43.664  1.00 22.49 ? 82  SER B C   1 
ATOM   1051 O  O   . SER B 1 40 ? -27.590 -6.182  42.897  1.00 21.40 ? 82  SER B O   1 
ATOM   1052 C  CB  . SER B 1 40 ? -29.098 -7.807  45.386  1.00 23.92 ? 82  SER B CB  1 
ATOM   1053 O  OG  . SER B 1 40 ? -30.501 -7.742  45.184  1.00 27.91 ? 82  SER B OG  1 
ATOM   1054 N  N   . LYS B 1 41 ? -29.715 -5.549  43.271  1.00 21.24 ? 83  LYS B N   1 
ATOM   1055 C  CA  . LYS B 1 41 ? -29.928 -5.147  41.886  1.00 22.66 ? 83  LYS B CA  1 
ATOM   1056 C  C   . LYS B 1 41 ? -29.029 -3.970  41.494  1.00 23.39 ? 83  LYS B C   1 
ATOM   1057 O  O   . LYS B 1 41 ? -28.569 -3.884  40.353  1.00 22.04 ? 83  LYS B O   1 
ATOM   1058 C  CB  . LYS B 1 41 ? -31.395 -4.778  41.649  1.00 23.37 ? 83  LYS B CB  1 
ATOM   1059 C  CG  . LYS B 1 41 ? -31.714 -4.540  40.180  1.00 25.98 ? 83  LYS B CG  1 
ATOM   1060 C  CD  . LYS B 1 41 ? -33.200 -4.327  39.937  1.00 26.67 ? 83  LYS B CD  1 
ATOM   1061 C  CE  . LYS B 1 41 ? -33.479 -4.156  38.446  1.00 27.46 ? 83  LYS B CE  1 
ATOM   1062 N  NZ  . LYS B 1 41 ? -34.924 -3.946  38.166  1.00 30.34 ? 83  LYS B NZ  1 
ATOM   1063 N  N   . GLY B 1 42 ? -28.785 -3.065  42.438  1.00 22.19 ? 84  GLY B N   1 
ATOM   1064 C  CA  . GLY B 1 42 ? -27.923 -1.933  42.153  1.00 23.43 ? 84  GLY B CA  1 
ATOM   1065 C  C   . GLY B 1 42 ? -26.530 -2.422  41.803  1.00 22.71 ? 84  GLY B C   1 
ATOM   1066 O  O   . GLY B 1 42 ? -25.857 -1.863  40.934  1.00 24.29 ? 84  GLY B O   1 
ATOM   1067 N  N   . ILE B 1 43 ? -26.095 -3.474  42.486  1.00 22.58 ? 85  ILE B N   1 
ATOM   1068 C  CA  . ILE B 1 43 ? -24.784 -4.059  42.247  1.00 22.03 ? 85  ILE B CA  1 
ATOM   1069 C  C   . ILE B 1 43 ? -24.732 -4.694  40.857  1.00 23.86 ? 85  ILE B C   1 
ATOM   1070 O  O   . ILE B 1 43 ? -23.764 -4.514  40.111  1.00 22.16 ? 85  ILE B O   1 
ATOM   1071 C  CB  . ILE B 1 43 ? -24.458 -5.125  43.311  1.00 22.21 ? 85  ILE B CB  1 
ATOM   1072 C  CG1 . ILE B 1 43 ? -24.393 -4.465  44.695  1.00 22.77 ? 85  ILE B CG1 1 
ATOM   1073 C  CG2 . ILE B 1 43 ? -23.138 -5.810  42.982  1.00 20.94 ? 85  ILE B CG2 1 
ATOM   1074 C  CD1 . ILE B 1 43 ? -24.190 -5.439  45.843  1.00 19.05 ? 85  ILE B CD1 1 
ATOM   1075 N  N   . VAL B 1 44 ? -25.778 -5.435  40.508  1.00 23.44 ? 86  VAL B N   1 
ATOM   1076 C  CA  . VAL B 1 44 ? -25.847 -6.082  39.203  1.00 23.59 ? 86  VAL B CA  1 
ATOM   1077 C  C   . VAL B 1 44 ? -25.899 -5.037  38.098  1.00 25.06 ? 86  VAL B C   1 
ATOM   1078 O  O   . VAL B 1 44 ? -25.192 -5.139  37.096  1.00 27.46 ? 86  VAL B O   1 
ATOM   1079 C  CB  . VAL B 1 44 ? -27.101 -6.980  39.083  1.00 22.70 ? 86  VAL B CB  1 
ATOM   1080 C  CG1 . VAL B 1 44 ? -27.257 -7.476  37.653  1.00 19.74 ? 86  VAL B CG1 1 
ATOM   1081 C  CG2 . VAL B 1 44 ? -26.986 -8.155  40.037  1.00 21.66 ? 86  VAL B CG2 1 
ATOM   1082 N  N   . GLN B 1 45 ? -26.742 -4.031  38.290  1.00 26.94 ? 87  GLN B N   1 
ATOM   1083 C  CA  . GLN B 1 45 ? -26.910 -2.969  37.310  1.00 29.44 ? 87  GLN B CA  1 
ATOM   1084 C  C   . GLN B 1 45 ? -25.612 -2.214  37.026  1.00 30.56 ? 87  GLN B C   1 
ATOM   1085 O  O   . GLN B 1 45 ? -25.299 -1.918  35.870  1.00 29.61 ? 87  GLN B O   1 
ATOM   1086 C  CB  . GLN B 1 45 ? -27.991 -2.001  37.788  1.00 32.38 ? 87  GLN B CB  1 
ATOM   1087 C  CG  . GLN B 1 45 ? -28.395 -0.966  36.760  1.00 39.04 ? 87  GLN B CG  1 
ATOM   1088 C  CD  . GLN B 1 45 ? -29.783 -0.412  37.015  1.00 43.60 ? 87  GLN B CD  1 
ATOM   1089 O  OE1 . GLN B 1 45 ? -30.252 0.472   36.296  1.00 46.59 ? 87  GLN B OE1 1 
ATOM   1090 N  NE2 . GLN B 1 45 ? -30.455 -0.937  38.040  1.00 46.06 ? 87  GLN B NE2 1 
ATOM   1091 N  N   . GLU B 1 46 ? -24.857 -1.906  38.074  1.00 29.35 ? 88  GLU B N   1 
ATOM   1092 C  CA  . GLU B 1 46 ? -23.604 -1.187  37.902  1.00 31.93 ? 88  GLU B CA  1 
ATOM   1093 C  C   . GLU B 1 46 ? -22.644 -2.004  37.044  1.00 30.52 ? 88  GLU B C   1 
ATOM   1094 O  O   . GLU B 1 46 ? -22.044 -1.488  36.100  1.00 30.49 ? 88  GLU B O   1 
ATOM   1095 C  CB  . GLU B 1 46 ? -22.965 -0.895  39.259  1.00 33.68 ? 88  GLU B CB  1 
ATOM   1096 C  CG  . GLU B 1 46 ? -21.738 -0.010  39.172  1.00 37.44 ? 88  GLU B CG  1 
ATOM   1097 C  CD  . GLU B 1 46 ? -21.118 0.257   40.527  1.00 40.24 ? 88  GLU B CD  1 
ATOM   1098 O  OE1 . GLU B 1 46 ? -20.597 -0.698  41.143  1.00 40.96 ? 88  GLU B OE1 1 
ATOM   1099 O  OE2 . GLU B 1 46 ? -21.158 1.421   40.976  1.00 41.93 ? 88  GLU B OE2 1 
ATOM   1100 N  N   . ARG B 1 47 ? -22.509 -3.284  37.375  1.00 29.96 ? 89  ARG B N   1 
ATOM   1101 C  CA  . ARG B 1 47 ? -21.628 -4.175  36.631  1.00 29.63 ? 89  ARG B CA  1 
ATOM   1102 C  C   . ARG B 1 47 ? -22.114 -4.337  35.195  1.00 31.07 ? 89  ARG B C   1 
ATOM   1103 O  O   . ARG B 1 47 ? -21.311 -4.447  34.262  1.00 27.14 ? 89  ARG B O   1 
ATOM   1104 C  CB  . ARG B 1 47 ? -21.557 -5.537  37.327  1.00 29.10 ? 89  ARG B CB  1 
ATOM   1105 C  CG  . ARG B 1 47 ? -20.885 -6.636  36.517  1.00 30.06 ? 89  ARG B CG  1 
ATOM   1106 C  CD  . ARG B 1 47 ? -19.501 -6.226  36.027  1.00 31.30 ? 89  ARG B CD  1 
ATOM   1107 N  NE  . ARG B 1 47 ? -18.865 -7.285  35.247  1.00 31.36 ? 89  ARG B NE  1 
ATOM   1108 C  CZ  . ARG B 1 47 ? -17.795 -7.105  34.476  1.00 32.81 ? 89  ARG B CZ  1 
ATOM   1109 N  NH1 . ARG B 1 47 ? -17.241 -5.905  34.379  1.00 29.81 ? 89  ARG B NH1 1 
ATOM   1110 N  NH2 . ARG B 1 47 ? -17.284 -8.123  33.798  1.00 32.29 ? 89  ARG B NH2 1 
ATOM   1111 N  N   . LEU B 1 48 ? -23.432 -4.344  35.019  1.00 31.03 ? 90  LEU B N   1 
ATOM   1112 C  CA  . LEU B 1 48 ? -24.023 -4.492  33.694  1.00 32.33 ? 90  LEU B CA  1 
ATOM   1113 C  C   . LEU B 1 48 ? -23.640 -3.307  32.816  1.00 32.82 ? 90  LEU B C   1 
ATOM   1114 O  O   . LEU B 1 48 ? -23.298 -3.474  31.645  1.00 33.02 ? 90  LEU B O   1 
ATOM   1115 C  CB  . LEU B 1 48 ? -25.548 -4.590  33.803  1.00 31.24 ? 90  LEU B CB  1 
ATOM   1116 C  CG  . LEU B 1 48 ? -26.340 -4.844  32.517  1.00 32.15 ? 90  LEU B CG  1 
ATOM   1117 C  CD1 . LEU B 1 48 ? -25.910 -6.160  31.890  1.00 30.14 ? 90  LEU B CD1 1 
ATOM   1118 C  CD2 . LEU B 1 48 ? -27.834 -4.870  32.837  1.00 31.93 ? 90  LEU B CD2 1 
ATOM   1119 N  N   . GLN B 1 49 ? -23.696 -2.111  33.389  1.00 34.45 ? 91  GLN B N   1 
ATOM   1120 C  CA  . GLN B 1 49 ? -23.352 -0.899  32.660  1.00 36.25 ? 91  GLN B CA  1 
ATOM   1121 C  C   . GLN B 1 49 ? -21.872 -0.918  32.289  1.00 36.72 ? 91  GLN B C   1 
ATOM   1122 O  O   . GLN B 1 49 ? -21.484 -0.480  31.204  1.00 36.17 ? 91  GLN B O   1 
ATOM   1123 C  CB  . GLN B 1 49 ? -23.655 0.331   33.518  1.00 37.94 ? 91  GLN B CB  1 
ATOM   1124 C  CG  . GLN B 1 49 ? -25.110 0.442   33.958  1.00 42.26 ? 91  GLN B CG  1 
ATOM   1125 C  CD  . GLN B 1 49 ? -25.350 1.600   34.914  1.00 44.93 ? 91  GLN B CD  1 
ATOM   1126 O  OE1 . GLN B 1 49 ? -26.469 1.811   35.388  1.00 47.57 ? 91  GLN B OE1 1 
ATOM   1127 N  NE2 . GLN B 1 49 ? -24.296 2.358   35.202  1.00 46.46 ? 91  GLN B NE2 1 
ATOM   1128 N  N   . GLU B 1 50 ? -21.048 -1.430  33.197  1.00 35.83 ? 92  GLU B N   1 
ATOM   1129 C  CA  . GLU B 1 50 ? -19.613 -1.513  32.966  1.00 36.98 ? 92  GLU B CA  1 
ATOM   1130 C  C   . GLU B 1 50 ? -19.290 -2.447  31.802  1.00 36.76 ? 92  GLU B C   1 
ATOM   1131 O  O   . GLU B 1 50 ? -18.491 -2.112  30.925  1.00 34.85 ? 92  GLU B O   1 
ATOM   1132 C  CB  . GLU B 1 50 ? -18.908 -1.998  34.233  1.00 38.18 ? 92  GLU B CB  1 
ATOM   1133 C  CG  . GLU B 1 50 ? -17.429 -2.291  34.051  1.00 41.72 ? 92  GLU B CG  1 
ATOM   1134 C  CD  . GLU B 1 50 ? -16.756 -2.710  35.346  1.00 43.94 ? 92  GLU B CD  1 
ATOM   1135 O  OE1 . GLU B 1 50 ? -17.263 -3.642  36.011  1.00 42.85 ? 92  GLU B OE1 1 
ATOM   1136 O  OE2 . GLU B 1 50 ? -15.715 -2.110  35.693  1.00 45.32 ? 92  GLU B OE2 1 
ATOM   1137 N  N   . VAL B 1 51 ? -19.916 -3.620  31.794  1.00 35.86 ? 93  VAL B N   1 
ATOM   1138 C  CA  . VAL B 1 51 ? -19.681 -4.595  30.735  1.00 36.20 ? 93  VAL B CA  1 
ATOM   1139 C  C   . VAL B 1 51 ? -20.118 -4.068  29.375  1.00 36.70 ? 93  VAL B C   1 
ATOM   1140 O  O   . VAL B 1 51 ? -19.373 -4.151  28.397  1.00 36.83 ? 93  VAL B O   1 
ATOM   1141 C  CB  . VAL B 1 51 ? -20.432 -5.915  31.002  1.00 36.00 ? 93  VAL B CB  1 
ATOM   1142 C  CG1 . VAL B 1 51 ? -20.094 -6.935  29.920  1.00 37.61 ? 93  VAL B CG1 1 
ATOM   1143 C  CG2 . VAL B 1 51 ? -20.061 -6.455  32.369  1.00 37.49 ? 93  VAL B CG2 1 
ATOM   1144 N  N   . GLU B 1 52 ? -21.329 -3.526  29.307  1.00 36.32 ? 94  GLU B N   1 
ATOM   1145 C  CA  . GLU B 1 52 ? -21.840 -3.006  28.048  1.00 37.52 ? 94  GLU B CA  1 
ATOM   1146 C  C   . GLU B 1 52 ? -20.939 -1.897  27.508  1.00 37.72 ? 94  GLU B C   1 
ATOM   1147 O  O   . GLU B 1 52 ? -20.754 -1.775  26.299  1.00 39.15 ? 94  GLU B O   1 
ATOM   1148 C  CB  . GLU B 1 52 ? -23.277 -2.498  28.227  1.00 37.33 ? 94  GLU B CB  1 
ATOM   1149 C  CG  . GLU B 1 52 ? -24.219 -3.551  28.809  1.00 35.83 ? 94  GLU B CG  1 
ATOM   1150 C  CD  . GLU B 1 52 ? -25.678 -3.134  28.786  1.00 35.96 ? 94  GLU B CD  1 
ATOM   1151 O  OE1 . GLU B 1 52 ? -25.983 -1.994  29.195  1.00 35.48 ? 94  GLU B OE1 1 
ATOM   1152 O  OE2 . GLU B 1 52 ? -26.523 -3.956  28.370  1.00 35.63 ? 94  GLU B OE2 1 
ATOM   1153 N  N   . ALA B 1 53 ? -20.367 -1.102  28.408  1.00 37.52 ? 95  ALA B N   1 
ATOM   1154 C  CA  . ALA B 1 53 ? -19.481 -0.013  28.008  1.00 37.95 ? 95  ALA B CA  1 
ATOM   1155 C  C   . ALA B 1 53 ? -18.174 -0.561  27.439  1.00 37.83 ? 95  ALA B C   1 
ATOM   1156 O  O   . ALA B 1 53 ? -17.691 -0.095  26.408  1.00 38.40 ? 95  ALA B O   1 
ATOM   1157 C  CB  . ALA B 1 53 ? -19.194 0.894   29.198  1.00 37.49 ? 95  ALA B CB  1 
ATOM   1158 N  N   . ARG B 1 54 ? -17.597 -1.546  28.118  1.00 37.98 ? 96  ARG B N   1 
ATOM   1159 C  CA  . ARG B 1 54 ? -16.357 -2.150  27.652  1.00 38.42 ? 96  ARG B CA  1 
ATOM   1160 C  C   . ARG B 1 54 ? -16.572 -2.845  26.317  1.00 37.84 ? 96  ARG B C   1 
ATOM   1161 O  O   . ARG B 1 54 ? -15.707 -2.804  25.439  1.00 36.96 ? 96  ARG B O   1 
ATOM   1162 C  CB  . ARG B 1 54 ? -15.830 -3.153  28.676  1.00 39.48 ? 96  ARG B CB  1 
ATOM   1163 C  CG  . ARG B 1 54 ? -14.836 -2.553  29.652  1.00 43.24 ? 96  ARG B CG  1 
ATOM   1164 C  CD  . ARG B 1 54 ? -13.566 -2.109  28.932  1.00 45.21 ? 96  ARG B CD  1 
ATOM   1165 N  NE  . ARG B 1 54 ? -12.831 -3.237  28.365  1.00 47.51 ? 96  ARG B NE  1 
ATOM   1166 C  CZ  . ARG B 1 54 ? -11.707 -3.124  27.662  1.00 48.75 ? 96  ARG B CZ  1 
ATOM   1167 N  NH1 . ARG B 1 54 ? -11.180 -1.928  27.428  1.00 49.27 ? 96  ARG B NH1 1 
ATOM   1168 N  NH2 . ARG B 1 54 ? -11.107 -4.210  27.197  1.00 51.03 ? 96  ARG B NH2 1 
ATOM   1169 N  N   . ILE B 1 55 ? -17.727 -3.485  26.168  1.00 36.35 ? 97  ILE B N   1 
ATOM   1170 C  CA  . ILE B 1 55 ? -18.056 -4.175  24.928  1.00 36.93 ? 97  ILE B CA  1 
ATOM   1171 C  C   . ILE B 1 55 ? -18.035 -3.176  23.773  1.00 37.71 ? 97  ILE B C   1 
ATOM   1172 O  O   . ILE B 1 55 ? -17.513 -3.469  22.695  1.00 38.27 ? 97  ILE B O   1 
ATOM   1173 C  CB  . ILE B 1 55 ? -19.454 -4.839  25.005  1.00 35.94 ? 97  ILE B CB  1 
ATOM   1174 C  CG1 . ILE B 1 55 ? -19.426 -5.996  26.008  1.00 36.08 ? 97  ILE B CG1 1 
ATOM   1175 C  CG2 . ILE B 1 55 ? -19.872 -5.346  23.630  1.00 36.93 ? 97  ILE B CG2 1 
ATOM   1176 C  CD1 . ILE B 1 55 ? -20.750 -6.727  26.153  1.00 34.69 ? 97  ILE B CD1 1 
ATOM   1177 N  N   . ALA B 1 56 ? -18.597 -1.994  24.005  1.00 37.56 ? 98  ALA B N   1 
ATOM   1178 C  CA  . ALA B 1 56 ? -18.638 -0.958  22.980  1.00 38.07 ? 98  ALA B CA  1 
ATOM   1179 C  C   . ALA B 1 56 ? -17.230 -0.538  22.577  1.00 38.03 ? 98  ALA B C   1 
ATOM   1180 O  O   . ALA B 1 56 ? -16.946 -0.347  21.393  1.00 37.41 ? 98  ALA B O   1 
ATOM   1181 C  CB  . ALA B 1 56 ? -19.415 0.249   23.485  1.00 38.13 ? 98  ALA B CB  1 
ATOM   1182 N  N   . GLU B 1 57 ? -16.351 -0.392  23.565  1.00 37.86 ? 99  GLU B N   1 
ATOM   1183 C  CA  . GLU B 1 57 ? -14.975 0.012   23.305  1.00 37.27 ? 99  GLU B CA  1 
ATOM   1184 C  C   . GLU B 1 57 ? -14.242 -1.042  22.489  1.00 36.44 ? 99  GLU B C   1 
ATOM   1185 O  O   . GLU B 1 57 ? -13.578 -0.728  21.505  1.00 37.47 ? 99  GLU B O   1 
ATOM   1186 C  CB  . GLU B 1 57 ? -14.220 0.227   24.614  1.00 38.91 ? 99  GLU B CB  1 
ATOM   1187 C  CG  . GLU B 1 57 ? -14.882 1.172   25.587  1.00 42.01 ? 99  GLU B CG  1 
ATOM   1188 C  CD  . GLU B 1 57 ? -14.012 1.434   26.803  1.00 44.55 ? 99  GLU B CD  1 
ATOM   1189 O  OE1 . GLU B 1 57 ? -13.450 0.463   27.354  1.00 44.62 ? 99  GLU B OE1 1 
ATOM   1190 O  OE2 . GLU B 1 57 ? -13.896 2.608   27.211  1.00 46.64 ? 99  GLU B OE2 1 
ATOM   1191 N  N   . LEU B 1 58 ? -14.361 -2.295  22.912  1.00 34.83 ? 100 LEU B N   1 
ATOM   1192 C  CA  . LEU B 1 58 ? -13.699 -3.394  22.227  1.00 34.53 ? 100 LEU B CA  1 
ATOM   1193 C  C   . LEU B 1 58 ? -14.165 -3.587  20.786  1.00 34.72 ? 100 LEU B C   1 
ATOM   1194 O  O   . LEU B 1 58 ? -13.360 -3.902  19.911  1.00 33.03 ? 100 LEU B O   1 
ATOM   1195 C  CB  . LEU B 1 58 ? -13.894 -4.690  23.011  1.00 32.51 ? 100 LEU B CB  1 
ATOM   1196 C  CG  . LEU B 1 58 ? -13.248 -4.696  24.400  1.00 32.03 ? 100 LEU B CG  1 
ATOM   1197 C  CD1 . LEU B 1 58 ? -13.512 -6.027  25.087  1.00 31.51 ? 100 LEU B CD1 1 
ATOM   1198 C  CD2 . LEU B 1 58 ? -11.755 -4.446  24.271  1.00 31.44 ? 100 LEU B CD2 1 
ATOM   1199 N  N   . GLN B 1 59 ? -15.458 -3.401  20.538  1.00 33.96 ? 101 GLN B N   1 
ATOM   1200 C  CA  . GLN B 1 59 ? -15.989 -3.562  19.190  1.00 34.41 ? 101 GLN B CA  1 
ATOM   1201 C  C   . GLN B 1 59 ? -15.452 -2.452  18.298  1.00 34.53 ? 101 GLN B C   1 
ATOM   1202 O  O   . GLN B 1 59 ? -15.261 -2.644  17.096  1.00 34.48 ? 101 GLN B O   1 
ATOM   1203 C  CB  . GLN B 1 59 ? -17.520 -3.522  19.205  1.00 34.74 ? 101 GLN B CB  1 
ATOM   1204 C  CG  . GLN B 1 59 ? -18.163 -4.600  20.059  1.00 33.59 ? 101 GLN B CG  1 
ATOM   1205 C  CD  . GLN B 1 59 ? -19.674 -4.470  20.103  1.00 33.67 ? 101 GLN B CD  1 
ATOM   1206 O  OE1 . GLN B 1 59 ? -20.206 -3.380  20.322  1.00 30.90 ? 101 GLN B OE1 1 
ATOM   1207 N  NE2 . GLN B 1 59 ? -20.373 -5.581  19.900  1.00 32.14 ? 101 GLN B NE2 1 
ATOM   1208 N  N   . SER B 1 60 ? -15.212 -1.288  18.892  1.00 33.81 ? 102 SER B N   1 
ATOM   1209 C  CA  . SER B 1 60 ? -14.679 -0.156  18.154  1.00 34.21 ? 102 SER B CA  1 
ATOM   1210 C  C   . SER B 1 60 ? -13.247 -0.473  17.730  1.00 34.62 ? 102 SER B C   1 
ATOM   1211 O  O   . SER B 1 60 ? -12.871 -0.264  16.576  1.00 35.17 ? 102 SER B O   1 
ATOM   1212 C  CB  . SER B 1 60 ? -14.697 1.102   19.021  1.00 34.04 ? 102 SER B CB  1 
ATOM   1213 O  OG  . SER B 1 60 ? -14.126 2.196   18.327  1.00 34.67 ? 102 SER B OG  1 
ATOM   1214 N  N   . MET B 1 61 ? -12.451 -0.975  18.669  1.00 32.76 ? 103 MET B N   1 
ATOM   1215 C  CA  . MET B 1 61 ? -11.068 -1.336  18.384  1.00 31.78 ? 103 MET B CA  1 
ATOM   1216 C  C   . MET B 1 61 ? -11.090 -2.439  17.330  1.00 31.07 ? 103 MET B C   1 
ATOM   1217 O  O   . MET B 1 61 ? -10.284 -2.448  16.398  1.00 29.10 ? 103 MET B O   1 
ATOM   1218 C  CB  . MET B 1 61 ? -10.378 -1.864  19.647  1.00 32.21 ? 103 MET B CB  1 
ATOM   1219 C  CG  . MET B 1 61 ? -10.338 -0.893  20.819  1.00 33.32 ? 103 MET B CG  1 
ATOM   1220 S  SD  . MET B 1 61 ? -9.657  -1.681  22.300  1.00 36.45 ? 103 MET B SD  1 
ATOM   1221 C  CE  . MET B 1 61 ? -8.491  -0.464  22.846  1.00 38.51 ? 103 MET B CE  1 
ATOM   1222 N  N   . GLN B 1 62 ? -12.027 -3.367  17.498  1.00 29.11 ? 104 GLN B N   1 
ATOM   1223 C  CA  . GLN B 1 62 ? -12.193 -4.498  16.593  1.00 30.70 ? 104 GLN B CA  1 
ATOM   1224 C  C   . GLN B 1 62 ? -12.408 -4.022  15.155  1.00 30.49 ? 104 GLN B C   1 
ATOM   1225 O  O   . GLN B 1 62 ? -11.825 -4.567  14.220  1.00 29.00 ? 104 GLN B O   1 
ATOM   1226 C  CB  . GLN B 1 62 ? -13.378 -5.358  17.060  1.00 31.03 ? 104 GLN B CB  1 
ATOM   1227 C  CG  . GLN B 1 62 ? -13.614 -6.649  16.281  1.00 32.47 ? 104 GLN B CG  1 
ATOM   1228 C  CD  . GLN B 1 62 ? -14.092 -6.404  14.865  1.00 34.39 ? 104 GLN B CD  1 
ATOM   1229 O  OE1 . GLN B 1 62 ? -14.877 -5.488  14.613  1.00 35.99 ? 104 GLN B OE1 1 
ATOM   1230 N  NE2 . GLN B 1 62 ? -13.636 -7.232  13.933  1.00 34.44 ? 104 GLN B NE2 1 
ATOM   1231 N  N   . ARG B 1 63 ? -13.241 -3.002  14.980  1.00 30.91 ? 105 ARG B N   1 
ATOM   1232 C  CA  . ARG B 1 63 ? -13.510 -2.477  13.647  1.00 31.68 ? 105 ARG B CA  1 
ATOM   1233 C  C   . ARG B 1 63 ? -12.256 -1.872  13.014  1.00 30.83 ? 105 ARG B C   1 
ATOM   1234 O  O   . ARG B 1 63 ? -11.999 -2.065  11.827  1.00 29.40 ? 105 ARG B O   1 
ATOM   1235 C  CB  . ARG B 1 63 ? -14.639 -1.440  13.700  1.00 32.67 ? 105 ARG B CB  1 
ATOM   1236 C  CG  . ARG B 1 63 ? -16.008 -2.040  14.039  1.00 33.97 ? 105 ARG B CG  1 
ATOM   1237 C  CD  . ARG B 1 63 ? -17.143 -1.057  13.762  1.00 34.39 ? 105 ARG B CD  1 
ATOM   1238 N  NE  . ARG B 1 63 ? -17.183 0.046   14.719  1.00 35.72 ? 105 ARG B NE  1 
ATOM   1239 C  CZ  . ARG B 1 63 ? -17.696 -0.048  15.944  1.00 34.52 ? 105 ARG B CZ  1 
ATOM   1240 N  NH1 . ARG B 1 63 ? -18.213 -1.194  16.359  1.00 34.43 ? 105 ARG B NH1 1 
ATOM   1241 N  NH2 . ARG B 1 63 ? -17.693 1.004   16.749  1.00 33.63 ? 105 ARG B NH2 1 
ATOM   1242 N  N   . SER B 1 64 ? -11.475 -1.147  13.810  1.00 29.77 ? 106 SER B N   1 
ATOM   1243 C  CA  . SER B 1 64 ? -10.248 -0.535  13.311  1.00 30.67 ? 106 SER B CA  1 
ATOM   1244 C  C   . SER B 1 64 ? -9.219  -1.612  12.979  1.00 29.80 ? 106 SER B C   1 
ATOM   1245 O  O   . SER B 1 64 ? -8.604  -1.594  11.913  1.00 26.91 ? 106 SER B O   1 
ATOM   1246 C  CB  . SER B 1 64 ? -9.668  0.420   14.352  1.00 31.35 ? 106 SER B CB  1 
ATOM   1247 O  OG  . SER B 1 64 ? -10.590 1.449   14.660  1.00 33.80 ? 106 SER B OG  1 
ATOM   1248 N  N   . LEU B 1 65 ? -9.040  -2.549  13.904  1.00 28.60 ? 107 LEU B N   1 
ATOM   1249 C  CA  . LEU B 1 65 ? -8.091  -3.636  13.713  1.00 28.12 ? 107 LEU B CA  1 
ATOM   1250 C  C   . LEU B 1 65 ? -8.427  -4.445  12.468  1.00 29.02 ? 107 LEU B C   1 
ATOM   1251 O  O   . LEU B 1 65 ? -7.532  -4.860  11.730  1.00 27.96 ? 107 LEU B O   1 
ATOM   1252 C  CB  . LEU B 1 65 ? -8.080  -4.545  14.946  1.00 28.12 ? 107 LEU B CB  1 
ATOM   1253 C  CG  . LEU B 1 65 ? -7.525  -3.895  16.218  1.00 27.49 ? 107 LEU B CG  1 
ATOM   1254 C  CD1 . LEU B 1 65 ? -7.801  -4.783  17.429  1.00 27.00 ? 107 LEU B CD1 1 
ATOM   1255 C  CD2 . LEU B 1 65 ? -6.033  -3.654  16.048  1.00 25.74 ? 107 LEU B CD2 1 
ATOM   1256 N  N   . GLN B 1 66 ? -9.716  -4.667  12.229  1.00 27.93 ? 108 GLN B N   1 
ATOM   1257 C  CA  . GLN B 1 66 ? -10.133 -5.433  11.063  1.00 28.20 ? 108 GLN B CA  1 
ATOM   1258 C  C   . GLN B 1 66 ? -9.727  -4.711  9.777   1.00 27.36 ? 108 GLN B C   1 
ATOM   1259 O  O   . GLN B 1 66 ? -9.279  -5.342  8.820   1.00 26.69 ? 108 GLN B O   1 
ATOM   1260 C  CB  . GLN B 1 66 ? -11.648 -5.657  11.074  1.00 29.51 ? 108 GLN B CB  1 
ATOM   1261 C  CG  . GLN B 1 66 ? -12.130 -6.622  9.995   1.00 31.57 ? 108 GLN B CG  1 
ATOM   1262 C  CD  . GLN B 1 66 ? -11.603 -8.036  10.191  1.00 34.56 ? 108 GLN B CD  1 
ATOM   1263 O  OE1 . GLN B 1 66 ? -11.968 -8.720  11.150  1.00 36.36 ? 108 GLN B OE1 1 
ATOM   1264 N  NE2 . GLN B 1 66 ? -10.736 -8.480  9.285   1.00 33.72 ? 108 GLN B NE2 1 
ATOM   1265 N  N   . ARG B 1 67 ? -9.886  -3.392  9.756   1.00 27.41 ? 109 ARG B N   1 
ATOM   1266 C  CA  . ARG B 1 67 ? -9.513  -2.613  8.580   1.00 29.81 ? 109 ARG B CA  1 
ATOM   1267 C  C   . ARG B 1 67 ? -8.003  -2.654  8.371   1.00 28.23 ? 109 ARG B C   1 
ATOM   1268 O  O   . ARG B 1 67 ? -7.531  -2.848  7.249   1.00 27.76 ? 109 ARG B O   1 
ATOM   1269 C  CB  . ARG B 1 67 ? -9.982  -1.163  8.719   1.00 31.83 ? 109 ARG B CB  1 
ATOM   1270 C  CG  . ARG B 1 67 ? -11.472 -0.983  8.472   1.00 37.87 ? 109 ARG B CG  1 
ATOM   1271 C  CD  . ARG B 1 67 ? -11.888 0.484   8.446   1.00 41.13 ? 109 ARG B CD  1 
ATOM   1272 N  NE  . ARG B 1 67 ? -12.021 1.068   9.779   1.00 45.24 ? 109 ARG B NE  1 
ATOM   1273 C  CZ  . ARG B 1 67 ? -11.005 1.408   10.566  1.00 47.09 ? 109 ARG B CZ  1 
ATOM   1274 N  NH1 . ARG B 1 67 ? -9.752  1.228   10.166  1.00 47.64 ? 109 ARG B NH1 1 
ATOM   1275 N  NH2 . ARG B 1 67 ? -11.243 1.932   11.762  1.00 48.15 ? 109 ARG B NH2 1 
ATOM   1276 N  N   . LEU B 1 68 ? -7.248  -2.471  9.451   1.00 26.69 ? 110 LEU B N   1 
ATOM   1277 C  CA  . LEU B 1 68 ? -5.792  -2.512  9.370   1.00 25.50 ? 110 LEU B CA  1 
ATOM   1278 C  C   . LEU B 1 68 ? -5.382  -3.863  8.811   1.00 24.02 ? 110 LEU B C   1 
ATOM   1279 O  O   . LEU B 1 68 ? -4.574  -3.951  7.889   1.00 23.46 ? 110 LEU B O   1 
ATOM   1280 C  CB  . LEU B 1 68 ? -5.163  -2.342  10.755  1.00 27.19 ? 110 LEU B CB  1 
ATOM   1281 C  CG  . LEU B 1 68 ? -5.199  -0.981  11.444  1.00 28.99 ? 110 LEU B CG  1 
ATOM   1282 C  CD1 . LEU B 1 68 ? -4.555  -1.106  12.814  1.00 31.04 ? 110 LEU B CD1 1 
ATOM   1283 C  CD2 . LEU B 1 68 ? -4.458  0.045   10.608  1.00 29.44 ? 110 LEU B CD2 1 
ATOM   1284 N  N   . ASN B 1 69 ? -5.956  -4.914  9.384   1.00 23.11 ? 111 ASN B N   1 
ATOM   1285 C  CA  . ASN B 1 69 ? -5.667  -6.283  8.983   1.00 24.27 ? 111 ASN B CA  1 
ATOM   1286 C  C   . ASN B 1 69 ? -5.978  -6.561  7.515   1.00 23.90 ? 111 ASN B C   1 
ATOM   1287 O  O   . ASN B 1 69 ? -5.143  -7.098  6.787   1.00 24.23 ? 111 ASN B O   1 
ATOM   1288 C  CB  . ASN B 1 69 ? -6.461  -7.259  9.854   1.00 25.89 ? 111 ASN B CB  1 
ATOM   1289 C  CG  . ASN B 1 69 ? -6.185  -8.707  9.508   1.00 28.53 ? 111 ASN B CG  1 
ATOM   1290 O  OD1 . ASN B 1 69 ? -5.105  -9.229  9.783   1.00 30.29 ? 111 ASN B OD1 1 
ATOM   1291 N  ND2 . ASN B 1 69 ? -7.161  -9.366  8.892   1.00 32.80 ? 111 ASN B ND2 1 
ATOM   1292 N  N   . ASP B 1 70 ? -7.180  -6.198  7.087   1.00 22.74 ? 112 ASP B N   1 
ATOM   1293 C  CA  . ASP B 1 70 ? -7.606  -6.450  5.714   1.00 23.04 ? 112 ASP B CA  1 
ATOM   1294 C  C   . ASP B 1 70 ? -6.836  -5.689  4.640   1.00 19.20 ? 112 ASP B C   1 
ATOM   1295 O  O   . ASP B 1 70 ? -6.763  -6.142  3.499   1.00 20.57 ? 112 ASP B O   1 
ATOM   1296 C  CB  . ASP B 1 70 ? -9.103  -6.149  5.553   1.00 24.29 ? 112 ASP B CB  1 
ATOM   1297 C  CG  . ASP B 1 70 ? -9.979  -7.044  6.413   1.00 27.67 ? 112 ASP B CG  1 
ATOM   1298 O  OD1 . ASP B 1 70 ? -9.522  -8.138  6.805   1.00 29.13 ? 112 ASP B OD1 1 
ATOM   1299 O  OD2 . ASP B 1 70 ? -11.134 -6.655  6.684   1.00 29.49 ? 112 ASP B OD2 1 
ATOM   1300 N  N   . ALA B 1 71 ? -6.267  -4.543  5.000   1.00 19.22 ? 113 ALA B N   1 
ATOM   1301 C  CA  . ALA B 1 71 ? -5.536  -3.715  4.037   1.00 18.59 ? 113 ALA B CA  1 
ATOM   1302 C  C   . ALA B 1 71 ? -4.097  -4.143  3.768   1.00 18.34 ? 113 ALA B C   1 
ATOM   1303 O  O   . ALA B 1 71 ? -3.554  -3.860  2.699   1.00 18.22 ? 113 ALA B O   1 
ATOM   1304 C  CB  . ALA B 1 71 ? -5.555  -2.259  4.495   1.00 18.90 ? 113 ALA B CB  1 
ATOM   1305 N  N   . CYS B 1 72 ? -3.480  -4.817  4.732   1.00 17.35 ? 114 CYS B N   1 
ATOM   1306 C  CA  . CYS B 1 72 ? -2.094  -5.259  4.595   1.00 17.92 ? 114 CYS B CA  1 
ATOM   1307 C  C   . CYS B 1 72 ? -1.955  -6.587  3.850   1.00 17.78 ? 114 CYS B C   1 
ATOM   1308 O  O   . CYS B 1 72 ? -2.670  -7.544  4.136   1.00 16.37 ? 114 CYS B O   1 
ATOM   1309 C  CB  . CYS B 1 72 ? -1.459  -5.366  5.983   1.00 19.20 ? 114 CYS B CB  1 
ATOM   1310 S  SG  . CYS B 1 72 ? 0.217   -6.016  5.991   1.00 18.68 ? 114 CYS B SG  1 
ATOM   1311 N  N   . CYS B 1 73 ? -1.024  -6.651  2.899   1.00 17.78 ? 115 CYS B N   1 
ATOM   1312 C  CA  . CYS B 1 73 ? -0.831  -7.872  2.120   1.00 16.08 ? 115 CYS B CA  1 
ATOM   1313 C  C   . CYS B 1 73 ? -0.335  -9.034  2.974   1.00 17.28 ? 115 CYS B C   1 
ATOM   1314 O  O   . CYS B 1 73 ? -0.568  -10.199 2.644   1.00 15.38 ? 115 CYS B O   1 
ATOM   1315 C  CB  . CYS B 1 73 ? 0.155   -7.632  0.972   1.00 16.20 ? 115 CYS B CB  1 
ATOM   1316 S  SG  . CYS B 1 73 ? 1.893   -7.483  1.479   1.00 15.15 ? 115 CYS B SG  1 
ATOM   1317 N  N   . GLY B 1 74 ? 0.357   -8.712  4.062   1.00 17.47 ? 116 GLY B N   1 
ATOM   1318 C  CA  . GLY B 1 74 ? 0.877   -9.742  4.948   1.00 18.27 ? 116 GLY B CA  1 
ATOM   1319 C  C   . GLY B 1 74 ? 1.923   -10.651 4.331   1.00 18.26 ? 116 GLY B C   1 
ATOM   1320 O  O   . GLY B 1 74 ? 2.066   -11.802 4.745   1.00 19.26 ? 116 GLY B O   1 
ATOM   1321 N  N   . THR B 1 75 ? 2.665   -10.152 3.345   1.00 18.07 ? 117 THR B N   1 
ATOM   1322 C  CA  . THR B 1 75 ? 3.691   -10.970 2.703   1.00 18.66 ? 117 THR B CA  1 
ATOM   1323 C  C   . THR B 1 75 ? 5.095   -10.425 2.971   1.00 18.78 ? 117 THR B C   1 
ATOM   1324 O  O   . THR B 1 75 ? 5.288   -9.599  3.864   1.00 19.90 ? 117 THR B O   1 
ATOM   1325 C  CB  . THR B 1 75 ? 3.482   -11.035 1.183   1.00 19.03 ? 117 THR B CB  1 
ATOM   1326 O  OG1 . THR B 1 75 ? 3.784   -9.759  0.606   1.00 16.52 ? 117 THR B OG1 1 
ATOM   1327 C  CG2 . THR B 1 75 ? 2.031   -11.413 0.859   1.00 19.15 ? 117 THR B CG2 1 
ATOM   1328 N  N   . ALA B 1 76 ? 6.065   -10.890 2.188   1.00 19.15 ? 118 ALA B N   1 
ATOM   1329 C  CA  . ALA B 1 76 ? 7.458   -10.462 2.325   1.00 19.62 ? 118 ALA B CA  1 
ATOM   1330 C  C   . ALA B 1 76 ? 7.641   -9.000  1.925   1.00 20.71 ? 118 ALA B C   1 
ATOM   1331 O  O   . ALA B 1 76 ? 8.745   -8.457  2.009   1.00 20.43 ? 118 ALA B O   1 
ATOM   1332 C  CB  . ALA B 1 76 ? 8.366   -11.361 1.477   1.00 21.60 ? 118 ALA B CB  1 
ATOM   1333 N  N   . HIS B 1 77 ? 6.550   -8.378  1.483   1.00 18.80 ? 119 HIS B N   1 
ATOM   1334 C  CA  . HIS B 1 77 ? 6.531   -6.972  1.080   1.00 18.56 ? 119 HIS B CA  1 
ATOM   1335 C  C   . HIS B 1 77 ? 7.261   -6.141  2.148   1.00 19.15 ? 119 HIS B C   1 
ATOM   1336 O  O   . HIS B 1 77 ? 6.931   -6.223  3.332   1.00 17.81 ? 119 HIS B O   1 
ATOM   1337 C  CB  . HIS B 1 77 ? 5.071   -6.508  0.975   1.00 17.71 ? 119 HIS B CB  1 
ATOM   1338 C  CG  . HIS B 1 77 ? 4.888   -5.217  0.239   1.00 16.29 ? 119 HIS B CG  1 
ATOM   1339 N  ND1 . HIS B 1 77 ? 3.781   -4.414  0.415   1.00 15.96 ? 119 HIS B ND1 1 
ATOM   1340 C  CD2 . HIS B 1 77 ? 5.639   -4.618  -0.713  1.00 12.89 ? 119 HIS B CD2 1 
ATOM   1341 C  CE1 . HIS B 1 77 ? 3.858   -3.377  -0.397  1.00 16.61 ? 119 HIS B CE1 1 
ATOM   1342 N  NE2 . HIS B 1 77 ? 4.977   -3.477  -1.095  1.00 15.95 ? 119 HIS B NE2 1 
ATOM   1343 N  N   . SER B 1 78 ? 8.245   -5.344  1.738   1.00 17.55 ? 120 SER B N   1 
ATOM   1344 C  CA  . SER B 1 78 ? 8.999   -4.522  2.689   1.00 19.40 ? 120 SER B CA  1 
ATOM   1345 C  C   . SER B 1 78 ? 8.101   -3.629  3.542   1.00 18.87 ? 120 SER B C   1 
ATOM   1346 O  O   . SER B 1 78 ? 7.236   -2.921  3.018   1.00 17.59 ? 120 SER B O   1 
ATOM   1347 C  CB  . SER B 1 78 ? 10.015  -3.645  1.954   1.00 19.64 ? 120 SER B CB  1 
ATOM   1348 O  OG  . SER B 1 78 ? 10.566  -2.689  2.840   1.00 20.81 ? 120 SER B OG  1 
ATOM   1349 N  N   . SER B 1 79 ? 8.319   -3.640  4.856   1.00 19.13 ? 121 SER B N   1 
ATOM   1350 C  CA  . SER B 1 79 ? 7.495   -2.830  5.746   1.00 18.35 ? 121 SER B CA  1 
ATOM   1351 C  C   . SER B 1 79 ? 7.655   -1.340  5.471   1.00 17.15 ? 121 SER B C   1 
ATOM   1352 O  O   . SER B 1 79 ? 6.960   -0.516  6.059   1.00 16.78 ? 121 SER B O   1 
ATOM   1353 C  CB  . SER B 1 79 ? 7.798   -3.145  7.220   1.00 18.71 ? 121 SER B CB  1 
ATOM   1354 O  OG  . SER B 1 79 ? 9.065   -2.665  7.625   1.00 17.82 ? 121 SER B OG  1 
ATOM   1355 N  N   . VAL B 1 80 ? 8.562   -0.987  4.568   1.00 19.26 ? 122 VAL B N   1 
ATOM   1356 C  CA  . VAL B 1 80 ? 8.747   0.416   4.214   1.00 20.14 ? 122 VAL B CA  1 
ATOM   1357 C  C   . VAL B 1 80 ? 7.447   0.893   3.566   1.00 19.56 ? 122 VAL B C   1 
ATOM   1358 O  O   . VAL B 1 80 ? 7.141   2.083   3.558   1.00 21.30 ? 122 VAL B O   1 
ATOM   1359 C  CB  . VAL B 1 80 ? 9.903   0.602   3.196   1.00 21.82 ? 122 VAL B CB  1 
ATOM   1360 C  CG1 . VAL B 1 80 ? 9.886   2.011   2.641   1.00 25.38 ? 122 VAL B CG1 1 
ATOM   1361 C  CG2 . VAL B 1 80 ? 11.246  0.342   3.873   1.00 22.09 ? 122 VAL B CG2 1 
ATOM   1362 N  N   . TYR B 1 81 ? 6.679   -0.052  3.036   1.00 18.38 ? 123 TYR B N   1 
ATOM   1363 C  CA  . TYR B 1 81 ? 5.422   0.274   2.368   1.00 18.85 ? 123 TYR B CA  1 
ATOM   1364 C  C   . TYR B 1 81 ? 4.179   -0.153  3.142   1.00 19.19 ? 123 TYR B C   1 
ATOM   1365 O  O   . TYR B 1 81 ? 3.067   -0.021  2.635   1.00 18.40 ? 123 TYR B O   1 
ATOM   1366 C  CB  . TYR B 1 81 ? 5.373   -0.401  0.996   1.00 17.44 ? 123 TYR B CB  1 
ATOM   1367 C  CG  . TYR B 1 81 ? 6.574   -0.126  0.118   1.00 19.67 ? 123 TYR B CG  1 
ATOM   1368 C  CD1 . TYR B 1 81 ? 7.513   -1.122  -0.138  1.00 20.01 ? 123 TYR B CD1 1 
ATOM   1369 C  CD2 . TYR B 1 81 ? 6.769   1.130   -0.453  1.00 21.32 ? 123 TYR B CD2 1 
ATOM   1370 C  CE1 . TYR B 1 81 ? 8.619   -0.877  -0.942  1.00 23.30 ? 123 TYR B CE1 1 
ATOM   1371 C  CE2 . TYR B 1 81 ? 7.875   1.389   -1.260  1.00 22.19 ? 123 TYR B CE2 1 
ATOM   1372 C  CZ  . TYR B 1 81 ? 8.795   0.382   -1.500  1.00 22.92 ? 123 TYR B CZ  1 
ATOM   1373 O  OH  . TYR B 1 81 ? 9.888   0.628   -2.305  1.00 26.82 ? 123 TYR B OH  1 
ATOM   1374 N  N   . CYS B 1 82 ? 4.352   -0.650  4.364   1.00 19.07 ? 124 CYS B N   1 
ATOM   1375 C  CA  . CYS B 1 82 ? 3.204   -1.132  5.127   1.00 16.93 ? 124 CYS B CA  1 
ATOM   1376 C  C   . CYS B 1 82 ? 2.153   -0.098  5.522   1.00 16.04 ? 124 CYS B C   1 
ATOM   1377 O  O   . CYS B 1 82 ? 2.455   0.933   6.133   1.00 17.81 ? 124 CYS B O   1 
ATOM   1378 C  CB  . CYS B 1 82 ? 3.674   -1.884  6.373   1.00 16.72 ? 124 CYS B CB  1 
ATOM   1379 S  SG  . CYS B 1 82 ? 2.340   -2.831  7.142   1.00 18.91 ? 124 CYS B SG  1 
ATOM   1380 N  N   . SER B 1 83 ? 0.905   -0.400  5.173   1.00 16.63 ? 125 SER B N   1 
ATOM   1381 C  CA  . SER B 1 83 ? -0.224  0.471   5.469   1.00 18.39 ? 125 SER B CA  1 
ATOM   1382 C  C   . SER B 1 83 ? -0.531  0.512   6.966   1.00 18.93 ? 125 SER B C   1 
ATOM   1383 O  O   . SER B 1 83 ? -1.027  1.513   7.476   1.00 19.13 ? 125 SER B O   1 
ATOM   1384 C  CB  . SER B 1 83 ? -1.463  -0.004  4.704   1.00 18.37 ? 125 SER B CB  1 
ATOM   1385 O  OG  . SER B 1 83 ? -1.713  -1.381  4.955   1.00 16.76 ? 125 SER B OG  1 
ATOM   1386 N  N   . ILE B 1 84 ? -0.241  -0.579  7.667   1.00 19.42 ? 126 ILE B N   1 
ATOM   1387 C  CA  . ILE B 1 84 ? -0.492  -0.634  9.104   1.00 19.28 ? 126 ILE B CA  1 
ATOM   1388 C  C   . ILE B 1 84 ? 0.366   0.412   9.814   1.00 20.94 ? 126 ILE B C   1 
ATOM   1389 O  O   . ILE B 1 84 ? -0.133  1.175   10.641  1.00 20.80 ? 126 ILE B O   1 
ATOM   1390 C  CB  . ILE B 1 84 ? -0.184  -2.043  9.668   1.00 20.15 ? 126 ILE B CB  1 
ATOM   1391 C  CG1 . ILE B 1 84 ? -1.095  -3.065  8.979   1.00 18.25 ? 126 ILE B CG1 1 
ATOM   1392 C  CG2 . ILE B 1 84 ? -0.383  -2.061  11.193  1.00 19.45 ? 126 ILE B CG2 1 
ATOM   1393 C  CD1 . ILE B 1 84 ? -0.811  -4.506  9.331   1.00 15.74 ? 126 ILE B CD1 1 
ATOM   1394 N  N   . LEU B 1 85 ? 1.654   0.456   9.483   1.00 21.46 ? 127 LEU B N   1 
ATOM   1395 C  CA  . LEU B 1 85 ? 2.556   1.429   10.090  1.00 22.56 ? 127 LEU B CA  1 
ATOM   1396 C  C   . LEU B 1 85 ? 2.087   2.843   9.772   1.00 24.61 ? 127 LEU B C   1 
ATOM   1397 O  O   . LEU B 1 85 ? 2.074   3.719   10.642  1.00 21.53 ? 127 LEU B O   1 
ATOM   1398 C  CB  . LEU B 1 85 ? 3.979   1.235   9.564   1.00 22.58 ? 127 LEU B CB  1 
ATOM   1399 C  CG  . LEU B 1 85 ? 4.657   -0.090  9.928   1.00 23.41 ? 127 LEU B CG  1 
ATOM   1400 C  CD1 . LEU B 1 85 ? 6.030   -0.172  9.258   1.00 22.60 ? 127 LEU B CD1 1 
ATOM   1401 C  CD2 . LEU B 1 85 ? 4.786   -0.193  11.437  1.00 22.06 ? 127 LEU B CD2 1 
ATOM   1402 N  N   . GLU B 1 86 ? 1.704   3.059   8.516   1.00 25.37 ? 128 GLU B N   1 
ATOM   1403 C  CA  . GLU B 1 86 ? 1.238   4.366   8.075   1.00 28.20 ? 128 GLU B CA  1 
ATOM   1404 C  C   . GLU B 1 86 ? -0.013  4.784   8.839   1.00 27.51 ? 128 GLU B C   1 
ATOM   1405 O  O   . GLU B 1 86 ? -0.142  5.934   9.255   1.00 28.54 ? 128 GLU B O   1 
ATOM   1406 C  CB  . GLU B 1 86 ? 0.953   4.335   6.573   1.00 31.50 ? 128 GLU B CB  1 
ATOM   1407 C  CG  . GLU B 1 86 ? 0.531   5.670   5.981   1.00 38.81 ? 128 GLU B CG  1 
ATOM   1408 C  CD  . GLU B 1 86 ? 0.401   5.613   4.468   1.00 43.05 ? 128 GLU B CD  1 
ATOM   1409 O  OE1 . GLU B 1 86 ? 1.397   5.258   3.801   1.00 45.51 ? 128 GLU B OE1 1 
ATOM   1410 O  OE2 . GLU B 1 86 ? -0.692  5.921   3.944   1.00 45.39 ? 128 GLU B OE2 1 
ATOM   1411 N  N   . ALA B 1 87 ? -0.938  3.848   9.022   1.00 27.10 ? 129 ALA B N   1 
ATOM   1412 C  CA  . ALA B 1 87 ? -2.172  4.139   9.740   1.00 27.67 ? 129 ALA B CA  1 
ATOM   1413 C  C   . ALA B 1 87 ? -1.893  4.490   11.201  1.00 28.27 ? 129 ALA B C   1 
ATOM   1414 O  O   . ALA B 1 87 ? -2.422  5.473   11.723  1.00 28.69 ? 129 ALA B O   1 
ATOM   1415 C  CB  . ALA B 1 87 ? -3.118  2.947   9.659   1.00 28.09 ? 129 ALA B CB  1 
ATOM   1416 N  N   . LEU B 1 88 ? -1.069  3.683   11.864  1.00 27.05 ? 130 LEU B N   1 
ATOM   1417 C  CA  . LEU B 1 88 ? -0.742  3.936   13.261  1.00 28.49 ? 130 LEU B CA  1 
ATOM   1418 C  C   . LEU B 1 88 ? -0.008  5.261   13.413  1.00 30.04 ? 130 LEU B C   1 
ATOM   1419 O  O   . LEU B 1 88 ? -0.058  5.893   14.466  1.00 30.10 ? 130 LEU B O   1 
ATOM   1420 C  CB  . LEU B 1 88 ? 0.106   2.795   13.828  1.00 25.90 ? 130 LEU B CB  1 
ATOM   1421 C  CG  . LEU B 1 88 ? -0.635  1.468   14.021  1.00 25.29 ? 130 LEU B CG  1 
ATOM   1422 C  CD1 . LEU B 1 88 ? 0.324   0.385   14.494  1.00 22.94 ? 130 LEU B CD1 1 
ATOM   1423 C  CD2 . LEU B 1 88 ? -1.759  1.671   15.032  1.00 24.34 ? 130 LEU B CD2 1 
ATOM   1424 N  N   . GLU B 1 89 ? 0.672   5.684   12.354  1.00 32.65 ? 131 GLU B N   1 
ATOM   1425 C  CA  . GLU B 1 89 ? 1.398   6.945   12.387  1.00 35.52 ? 131 GLU B CA  1 
ATOM   1426 C  C   . GLU B 1 89 ? 0.376   8.078   12.317  1.00 37.72 ? 131 GLU B C   1 
ATOM   1427 O  O   . GLU B 1 89 ? 0.491   9.078   13.025  1.00 37.35 ? 131 GLU B O   1 
ATOM   1428 C  CB  . GLU B 1 89 ? 2.359   7.029   11.201  1.00 36.75 ? 131 GLU B CB  1 
ATOM   1429 C  CG  . GLU B 1 89 ? 3.457   8.065   11.367  1.00 40.31 ? 131 GLU B CG  1 
ATOM   1430 C  CD  . GLU B 1 89 ? 4.451   7.693   12.455  1.00 41.54 ? 131 GLU B CD  1 
ATOM   1431 O  OE1 . GLU B 1 89 ? 5.349   8.509   12.745  1.00 43.05 ? 131 GLU B OE1 1 
ATOM   1432 O  OE2 . GLU B 1 89 ? 4.340   6.585   13.018  1.00 42.70 ? 131 GLU B OE2 1 
ATOM   1433 N  N   . GLN B 1 90 ? -0.630  7.903   11.463  1.00 39.26 ? 132 GLN B N   1 
ATOM   1434 C  CA  . GLN B 1 90 ? -1.684  8.898   11.289  1.00 41.20 ? 132 GLN B CA  1 
ATOM   1435 C  C   . GLN B 1 90 ? -2.678  8.876   12.445  1.00 41.64 ? 132 GLN B C   1 
ATOM   1436 O  O   . GLN B 1 90 ? -2.962  9.958   12.995  1.00 41.73 ? 132 GLN B O   1 
ATOM   1437 C  CB  . GLN B 1 90 ? -2.431  8.659   9.975   1.00 43.02 ? 132 GLN B CB  1 
ATOM   1438 C  CG  . GLN B 1 90 ? -1.615  8.948   8.726   1.00 45.52 ? 132 GLN B CG  1 
ATOM   1439 C  CD  . GLN B 1 90 ? -2.417  8.744   7.450   1.00 48.69 ? 132 GLN B CD  1 
ATOM   1440 O  OE1 . GLN B 1 90 ? -3.514  9.285   7.301   1.00 50.47 ? 132 GLN B OE1 1 
ATOM   1441 N  NE2 . GLN B 1 90 ? -1.868  7.967   6.521   1.00 48.77 ? 132 GLN B NE2 1 
HETATM 1442 S  S   . SO4 C 2 .  ? 0.510   -2.305  -2.796  1.00 19.81 ? 301 SO4 A S   1 
HETATM 1443 O  O1  . SO4 C 2 .  ? 1.228   -1.253  -2.057  1.00 18.01 ? 301 SO4 A O1  1 
HETATM 1444 O  O2  . SO4 C 2 .  ? 0.455   -1.934  -4.217  1.00 16.92 ? 301 SO4 A O2  1 
HETATM 1445 O  O3  . SO4 C 2 .  ? 1.226   -3.574  -2.629  1.00 16.02 ? 301 SO4 A O3  1 
HETATM 1446 O  O4  . SO4 C 2 .  ? -0.872  -2.453  -2.281  1.00 20.59 ? 301 SO4 A O4  1 
HETATM 1447 ZN ZN  . ZN  D 3 .  ? -0.001  -3.241  -5.818  1.00 15.47 ? 401 ZN  A ZN  1 
HETATM 1448 ZN ZN  . ZN  E 3 .  ? -0.100  -5.263  -2.787  1.00 16.86 ? 402 ZN  A ZN  1 
HETATM 1449 ZN ZN  . ZN  F 3 .  ? 27.071  -4.679  -42.201 1.00 20.56 ? 405 ZN  A ZN  1 
HETATM 1450 S  S   . SO4 G 2 .  ? 0.524   -2.897  2.530   1.00 20.33 ? 302 SO4 B S   1 
HETATM 1451 O  O1  . SO4 G 2 .  ? 0.421   -2.812  3.999   1.00 19.85 ? 302 SO4 B O1  1 
HETATM 1452 O  O2  . SO4 G 2 .  ? 1.824   -2.342  2.091   1.00 21.68 ? 302 SO4 B O2  1 
HETATM 1453 O  O3  . SO4 G 2 .  ? 0.427   -4.288  2.078   1.00 16.40 ? 302 SO4 B O3  1 
HETATM 1454 O  O4  . SO4 G 2 .  ? -0.591  -2.128  1.950   1.00 19.27 ? 302 SO4 B O4  1 
HETATM 1455 ZN ZN  . ZN  H 3 .  ? 1.497   -4.156  5.281   1.00 19.05 ? 403 ZN  B ZN  1 
HETATM 1456 ZN ZN  . ZN  I 3 .  ? 2.329   -5.343  1.917   1.00 18.08 ? 404 ZN  B ZN  1 
HETATM 1457 O  O   . HOH J 4 .  ? 22.416  13.134  -55.429 1.00 16.00 ? 406 HOH A O   1 
HETATM 1458 O  O   . HOH J 4 .  ? 23.232  6.305   -53.158 1.00 16.42 ? 407 HOH A O   1 
HETATM 1459 O  O   . HOH J 4 .  ? 3.343   1.389   -6.944  1.00 12.22 ? 408 HOH A O   1 
HETATM 1460 O  O   . HOH J 4 .  ? 17.160  10.727  -38.642 1.00 22.13 ? 409 HOH A O   1 
HETATM 1461 O  O   . HOH J 4 .  ? 17.781  9.801   -52.391 1.00 16.71 ? 410 HOH A O   1 
HETATM 1462 O  O   . HOH J 4 .  ? -6.233  -8.509  -0.173  1.00 21.18 ? 411 HOH A O   1 
HETATM 1463 O  O   . HOH J 4 .  ? -0.003  -0.173  0.062   1.00 20.26 ? 412 HOH A O   1 
HETATM 1464 O  O   . HOH J 4 .  ? 23.154  15.754  -56.039 1.00 20.82 ? 413 HOH A O   1 
HETATM 1465 O  O   . HOH J 4 .  ? -7.781  0.297   -6.438  1.00 20.81 ? 414 HOH A O   1 
HETATM 1466 O  O   . HOH J 4 .  ? -5.703  1.772   -5.439  1.00 16.55 ? 415 HOH A O   1 
HETATM 1467 O  O   . HOH J 4 .  ? 30.091  8.270   -51.857 1.00 15.83 ? 416 HOH A O   1 
HETATM 1468 O  O   . HOH J 4 .  ? 3.403   0.455   -1.626  1.00 18.85 ? 417 HOH A O   1 
HETATM 1469 O  O   . HOH J 4 .  ? 18.662  6.012   -53.875 1.00 19.83 ? 418 HOH A O   1 
HETATM 1470 O  O   . HOH J 4 .  ? 19.017  13.120  -39.518 1.00 22.02 ? 419 HOH A O   1 
HETATM 1471 O  O   . HOH J 4 .  ? -2.405  1.049   -0.529  1.00 22.65 ? 420 HOH A O   1 
HETATM 1472 O  O   . HOH J 4 .  ? 26.937  -1.863  -39.080 1.00 21.71 ? 421 HOH A O   1 
HETATM 1473 O  O   . HOH J 4 .  ? 30.263  13.010  -57.632 1.00 30.83 ? 422 HOH A O   1 
HETATM 1474 O  O   . HOH J 4 .  ? 24.738  3.082   -55.992 1.00 25.42 ? 423 HOH A O   1 
HETATM 1475 O  O   . HOH J 4 .  ? 20.319  11.615  -23.254 1.00 26.15 ? 424 HOH A O   1 
HETATM 1476 O  O   . HOH J 4 .  ? 15.227  13.367  -47.799 1.00 25.93 ? 425 HOH A O   1 
HETATM 1477 O  O   . HOH J 4 .  ? 21.213  -5.324  -37.379 1.00 23.47 ? 426 HOH A O   1 
HETATM 1478 O  O   . HOH J 4 .  ? 4.417   -10.461 -8.849  1.00 25.83 ? 427 HOH A O   1 
HETATM 1479 O  O   . HOH J 4 .  ? 25.421  15.669  -60.528 1.00 24.13 ? 428 HOH A O   1 
HETATM 1480 O  O   . HOH J 4 .  ? 1.235   4.990   -4.984  1.00 25.56 ? 429 HOH A O   1 
HETATM 1481 O  O   . HOH J 4 .  ? -7.772  3.511   -9.117  1.00 27.06 ? 430 HOH A O   1 
HETATM 1482 O  O   . HOH J 4 .  ? 31.895  19.140  -52.921 1.00 28.90 ? 431 HOH A O   1 
HETATM 1483 O  O   . HOH J 4 .  ? 26.825  20.277  -40.176 1.00 24.82 ? 432 HOH A O   1 
HETATM 1484 O  O   . HOH J 4 .  ? 9.093   2.573   -4.752  1.00 30.23 ? 433 HOH A O   1 
HETATM 1485 O  O   . HOH J 4 .  ? 22.153  17.208  -48.978 1.00 32.25 ? 434 HOH A O   1 
HETATM 1486 O  O   . HOH J 4 .  ? 19.244  -2.472  -40.662 1.00 19.58 ? 435 HOH A O   1 
HETATM 1487 O  O   . HOH J 4 .  ? 5.784   -8.899  -1.967  1.00 26.35 ? 436 HOH A O   1 
HETATM 1488 O  O   . HOH J 4 .  ? 11.277  7.330   -41.072 1.00 34.21 ? 437 HOH A O   1 
HETATM 1489 O  O   . HOH J 4 .  ? 18.161  -4.787  -47.607 1.00 36.92 ? 438 HOH A O   1 
HETATM 1490 O  O   . HOH J 4 .  ? -10.734 5.239   -9.159  1.00 33.13 ? 439 HOH A O   1 
HETATM 1491 O  O   . HOH J 4 .  ? 22.577  18.263  -43.845 1.00 25.15 ? 440 HOH A O   1 
HETATM 1492 O  O   . HOH J 4 .  ? 14.236  14.490  -23.673 1.00 30.15 ? 441 HOH A O   1 
HETATM 1493 O  O   . HOH J 4 .  ? 18.578  -2.228  -47.493 1.00 35.72 ? 442 HOH A O   1 
HETATM 1494 O  O   . HOH J 4 .  ? -11.057 -6.715  -2.148  1.00 35.38 ? 443 HOH A O   1 
HETATM 1495 O  O   . HOH J 4 .  ? 21.889  19.316  -37.932 1.00 32.14 ? 444 HOH A O   1 
HETATM 1496 O  O   . HOH J 4 .  ? 14.261  13.416  -40.383 1.00 50.99 ? 445 HOH A O   1 
HETATM 1497 O  O   . HOH J 4 .  ? 29.835  23.304  -46.842 1.00 35.21 ? 446 HOH A O   1 
HETATM 1498 O  O   . HOH J 4 .  ? 19.135  18.120  -44.172 1.00 41.27 ? 447 HOH A O   1 
HETATM 1499 O  O   . HOH J 4 .  ? 2.247   9.429   -7.288  1.00 36.80 ? 448 HOH A O   1 
HETATM 1500 O  O   . HOH J 4 .  ? 9.367   11.232  -20.165 1.00 31.48 ? 449 HOH A O   1 
HETATM 1501 O  O   . HOH J 4 .  ? 15.344  3.746   -39.723 1.00 37.74 ? 450 HOH A O   1 
HETATM 1502 O  O   . HOH J 4 .  ? 27.519  22.498  -47.334 1.00 31.08 ? 451 HOH A O   1 
HETATM 1503 O  O   . HOH J 4 .  ? 7.829   -4.521  -3.165  1.00 34.34 ? 452 HOH A O   1 
HETATM 1504 O  O   . HOH J 4 .  ? -9.562  1.342   -4.100  1.00 34.90 ? 453 HOH A O   1 
HETATM 1505 O  O   . HOH J 4 .  ? 27.166  3.428   -56.647 1.00 36.14 ? 454 HOH A O   1 
HETATM 1506 O  O   . HOH J 4 .  ? 17.201  16.521  -33.783 1.00 33.75 ? 455 HOH A O   1 
HETATM 1507 O  O   . HOH J 4 .  ? -6.933  -12.177 -4.232  1.00 30.36 ? 456 HOH A O   1 
HETATM 1508 O  O   . HOH J 4 .  ? 13.156  5.088   -9.666  1.00 33.08 ? 457 HOH A O   1 
HETATM 1509 O  O   . HOH J 4 .  ? 14.394  8.778   -36.983 1.00 34.02 ? 458 HOH A O   1 
HETATM 1510 O  O   . HOH J 4 .  ? 19.025  -4.817  -58.586 1.00 41.33 ? 459 HOH A O   1 
HETATM 1511 O  O   . HOH J 4 .  ? 24.960  20.504  -54.488 1.00 40.75 ? 460 HOH A O   1 
HETATM 1512 O  O   . HOH J 4 .  ? 13.811  12.527  -29.802 1.00 30.00 ? 461 HOH A O   1 
HETATM 1513 O  O   . HOH J 4 .  ? 10.591  10.151  -13.412 1.00 33.83 ? 462 HOH A O   1 
HETATM 1514 O  O   . HOH J 4 .  ? 14.427  6.555   -32.537 1.00 36.85 ? 463 HOH A O   1 
HETATM 1515 O  O   . HOH J 4 .  ? 19.906  -0.906  -54.367 1.00 43.37 ? 464 HOH A O   1 
HETATM 1516 O  O   . HOH J 4 .  ? 25.462  1.167   -38.667 1.00 32.52 ? 465 HOH A O   1 
HETATM 1517 O  O   . HOH J 4 .  ? 19.130  16.247  -27.558 1.00 34.20 ? 466 HOH A O   1 
HETATM 1518 O  O   . HOH J 4 .  ? 29.313  7.504   -55.414 1.00 36.44 ? 467 HOH A O   1 
HETATM 1519 O  O   . HOH J 4 .  ? 21.135  16.023  -51.146 1.00 45.91 ? 468 HOH A O   1 
HETATM 1520 O  O   . HOH J 4 .  ? 23.206  -5.884  -49.633 1.00 40.25 ? 469 HOH A O   1 
HETATM 1521 O  O   . HOH J 4 .  ? 15.247  -1.169  -7.625  1.00 45.58 ? 470 HOH A O   1 
HETATM 1522 O  O   . HOH J 4 .  ? 7.823   10.200  -16.633 1.00 46.44 ? 471 HOH A O   1 
HETATM 1523 O  O   . HOH J 4 .  ? 20.245  10.916  -20.751 1.00 33.79 ? 472 HOH A O   1 
HETATM 1524 O  O   . HOH J 4 .  ? 6.596   6.800   -9.820  1.00 34.02 ? 473 HOH A O   1 
HETATM 1525 O  O   . HOH J 4 .  ? 15.358  3.684   -11.733 1.00 49.25 ? 474 HOH A O   1 
HETATM 1526 O  O   . HOH J 4 .  ? 0.037   -14.596 -4.037  1.00 39.94 ? 475 HOH A O   1 
HETATM 1527 O  O   . HOH J 4 .  ? 18.758  10.958  -16.710 1.00 48.35 ? 476 HOH A O   1 
HETATM 1528 O  O   . HOH J 4 .  ? 15.859  11.925  -17.862 1.00 29.65 ? 477 HOH A O   1 
HETATM 1529 O  O   . HOH J 4 .  ? 16.006  -0.848  -49.170 1.00 40.59 ? 478 HOH A O   1 
HETATM 1530 O  O   . HOH J 4 .  ? 16.821  5.637   -15.922 1.00 38.80 ? 479 HOH A O   1 
HETATM 1531 O  O   . HOH J 4 .  ? 26.250  20.943  -51.625 1.00 33.94 ? 480 HOH A O   1 
HETATM 1532 O  O   . HOH J 4 .  ? 9.919   4.568   -27.638 1.00 38.22 ? 481 HOH A O   1 
HETATM 1533 O  O   . HOH J 4 .  ? -10.465 -6.066  2.023   1.00 43.24 ? 482 HOH A O   1 
HETATM 1534 O  O   . HOH J 4 .  ? 17.643  14.642  -43.513 1.00 42.59 ? 483 HOH A O   1 
HETATM 1535 O  O   . HOH K 4 .  ? -23.505 -8.575  56.341  1.00 23.71 ? 405 HOH B O   1 
HETATM 1536 O  O   . HOH K 4 .  ? -3.395  -1.469  7.186   1.00 18.26 ? 406 HOH B O   1 
HETATM 1537 O  O   . HOH K 4 .  ? -21.592 -14.528 52.678  1.00 24.68 ? 407 HOH B O   1 
HETATM 1538 O  O   . HOH K 4 .  ? 4.630   2.661   6.093   1.00 20.09 ? 408 HOH B O   1 
HETATM 1539 O  O   . HOH K 4 .  ? 7.146   1.911   7.037   1.00 29.19 ? 409 HOH B O   1 
HETATM 1540 O  O   . HOH K 4 .  ? -18.304 -5.320  39.655  1.00 33.90 ? 410 HOH B O   1 
HETATM 1541 O  O   . HOH K 4 .  ? 9.103   -5.141  -1.117  1.00 25.93 ? 411 HOH B O   1 
HETATM 1542 O  O   . HOH K 4 .  ? -28.684 -15.234 51.350  1.00 22.29 ? 412 HOH B O   1 
HETATM 1543 O  O   . HOH K 4 .  ? -25.220 -6.610  57.309  1.00 26.14 ? 413 HOH B O   1 
HETATM 1544 O  O   . HOH K 4 .  ? -17.971 -9.040  52.769  1.00 25.54 ? 414 HOH B O   1 
HETATM 1545 O  O   . HOH K 4 .  ? -21.688 -18.772 54.650  1.00 34.68 ? 415 HOH B O   1 
HETATM 1546 O  O   . HOH K 4 .  ? 1.911   1.726   0.970   1.00 22.07 ? 416 HOH B O   1 
HETATM 1547 O  O   . HOH K 4 .  ? -17.102 -12.696 53.305  1.00 36.22 ? 417 HOH B O   1 
HETATM 1548 O  O   . HOH K 4 .  ? -26.937 -8.654  61.487  1.00 32.38 ? 418 HOH B O   1 
HETATM 1549 O  O   . HOH K 4 .  ? 4.004   3.756   3.615   1.00 36.10 ? 419 HOH B O   1 
HETATM 1550 O  O   . HOH K 4 .  ? -25.481 -3.139  50.504  1.00 33.92 ? 420 HOH B O   1 
HETATM 1551 O  O   . HOH K 4 .  ? -1.451  -10.583 -0.044  1.00 25.23 ? 421 HOH B O   1 
HETATM 1552 O  O   . HOH K 4 .  ? 11.311  -9.205  2.154   1.00 37.33 ? 422 HOH B O   1 
HETATM 1553 O  O   . HOH K 4 .  ? -9.230  -2.614  4.992   1.00 27.56 ? 423 HOH B O   1 
HETATM 1554 O  O   . HOH K 4 .  ? 5.998   -13.886 1.029   1.00 36.17 ? 424 HOH B O   1 
HETATM 1555 O  O   . HOH K 4 .  ? -14.043 -2.933  10.230  1.00 34.83 ? 425 HOH B O   1 
HETATM 1556 O  O   . HOH K 4 .  ? -11.589 -6.136  41.315  1.00 44.28 ? 426 HOH B O   1 
HETATM 1557 O  O   . HOH K 4 .  ? 0.438   -12.931 6.654   1.00 34.70 ? 427 HOH B O   1 
HETATM 1558 O  O   . HOH K 4 .  ? -34.586 -0.609  49.512  1.00 39.87 ? 428 HOH B O   1 
HETATM 1559 O  O   . HOH K 4 .  ? -3.077  2.994   6.008   1.00 32.69 ? 429 HOH B O   1 
HETATM 1560 O  O   . HOH K 4 .  ? -21.181 -3.987  40.524  1.00 25.12 ? 430 HOH B O   1 
HETATM 1561 O  O   . HOH K 4 .  ? -26.335 -1.557  45.734  1.00 33.23 ? 431 HOH B O   1 
HETATM 1562 O  O   . HOH K 4 .  ? -12.925 -3.328  43.934  1.00 33.91 ? 432 HOH B O   1 
HETATM 1563 O  O   . HOH K 4 .  ? -14.642 -7.030  32.881  1.00 38.46 ? 433 HOH B O   1 
HETATM 1564 O  O   . HOH K 4 .  ? -3.116  -1.410  1.716   1.00 20.11 ? 434 HOH B O   1 
HETATM 1565 O  O   . HOH K 4 .  ? -34.970 -6.546  54.526  1.00 39.96 ? 435 HOH B O   1 
HETATM 1566 O  O   . HOH K 4 .  ? -22.352 -2.855  24.510  1.00 43.84 ? 436 HOH B O   1 
HETATM 1567 O  O   . HOH K 4 .  ? -33.681 -7.338  62.855  1.00 44.35 ? 437 HOH B O   1 
HETATM 1568 O  O   . HOH K 4 .  ? 8.138   4.477   5.002   1.00 39.97 ? 438 HOH B O   1 
HETATM 1569 O  O   . HOH K 4 .  ? -17.329 -3.631  49.214  1.00 40.78 ? 439 HOH B O   1 
HETATM 1570 O  O   . HOH K 4 .  ? -21.436 -24.249 39.090  1.00 46.73 ? 440 HOH B O   1 
HETATM 1571 O  O   . HOH K 4 .  ? -22.070 -2.320  21.822  1.00 41.29 ? 441 HOH B O   1 
HETATM 1572 O  O   . HOH K 4 .  ? -28.615 -2.523  29.850  1.00 36.98 ? 442 HOH B O   1 
HETATM 1573 O  O   . HOH K 4 .  ? -6.881  1.456   8.744   1.00 38.31 ? 443 HOH B O   1 
HETATM 1574 O  O   . HOH K 4 .  ? -31.269 -0.760  42.398  1.00 32.56 ? 444 HOH B O   1 
HETATM 1575 O  O   . HOH K 4 .  ? -18.862 0.344   19.424  1.00 40.66 ? 445 HOH B O   1 
HETATM 1576 O  O   . HOH K 4 .  ? -5.018  -7.981  2.534   1.00 40.84 ? 446 HOH B O   1 
HETATM 1577 O  O   . HOH K 4 .  ? -28.805 -2.653  56.678  1.00 41.63 ? 447 HOH B O   1 
HETATM 1578 O  O   . HOH K 4 .  ? 12.847  -2.059  1.765   1.00 34.38 ? 448 HOH B O   1 
HETATM 1579 O  O   . HOH K 4 .  ? -13.180 -4.063  48.798  1.00 45.77 ? 449 HOH B O   1 
HETATM 1580 O  O   . HOH K 4 .  ? -36.182 -8.905  58.567  1.00 47.66 ? 450 HOH B O   1 
HETATM 1581 O  O   . HOH K 4 .  ? -28.464 -10.537 62.170  1.00 39.28 ? 451 HOH B O   1 
HETATM 1582 O  O   . HOH K 4 .  ? -22.115 -17.396 37.316  1.00 50.16 ? 452 HOH B O   1 
HETATM 1583 O  O   . HOH K 4 .  ? -27.289 -16.492 54.644  1.00 40.38 ? 453 HOH B O   1 
HETATM 1584 O  O   . HOH K 4 .  ? -18.839 -3.608  15.116  1.00 46.82 ? 454 HOH B O   1 
HETATM 1585 O  O   . HOH K 4 .  ? 0.791   5.615   1.265   1.00 44.09 ? 455 HOH B O   1 
HETATM 1586 O  O   . HOH K 4 .  ? 0.583   2.753   2.908   1.00 43.82 ? 456 HOH B O   1 
# 
